data_5VVB
#
_entry.id   5VVB
#
_cell.length_a   59.310
_cell.length_b   153.050
_cell.length_c   108.681
_cell.angle_alpha   90.00
_cell.angle_beta   90.75
_cell.angle_gamma   90.00
#
_symmetry.space_group_name_H-M   'P 1 21 1'
#
loop_
_entity.id
_entity.type
_entity.pdbx_description
1 polymer 'Nitric oxide synthase, endothelial'
2 non-polymer 'PROTOPORPHYRIN IX CONTAINING FE'
3 non-polymer 5,6,7,8-TETRAHYDROBIOPTERIN
4 non-polymer 4-(2-{[(2-aminoquinolin-7-yl)methyl]amino}ethyl)-2-methylbenzonitrile
5 non-polymer 2-[BIS-(2-HYDROXY-ETHYL)-AMINO]-2-HYDROXYMETHYL-PROPANE-1,3-DIOL
6 non-polymer 'ZINC ION'
7 non-polymer GLYCEROL
8 non-polymer 'GADOLINIUM ATOM'
9 non-polymer 'CHLORIDE ION'
10 water water
#
_entity_poly.entity_id   1
_entity_poly.type   'polypeptide(L)'
_entity_poly.pdbx_seq_one_letter_code
;APASLLPPAPEHSPPSSPLTQPPEGPKFPRVKNWEVGSITYDTLSAQAQQDGPCTPRRCLGSLVFPRKLQGRPSPGPPAP
EQLLSQARDFINQYYSSIKRSGSQAHEQRLQEVEAEVAATGTYQLRESELVFGAKQAWRNAPRCVGRIQWGKLQVFDARD
CRSAQEMFTYICNHIKYATNRGNLRSAITVFPQRCPGRGDFRIWNSQLVRYAGYRQQDGSVRGDPANVEITELCIQHGWT
PGNGRFDVLPLLLQAPDEPPELFLLPPELVLEVPLEHPTLEWFAALGLRWYALPAVSNMLLEIGGLEFPAAPFSGWYMST
EIGTRNLCDPHRYNILEDVAVCMDLDTRTTSSLWKDKAAVEINVAVLHSYQLAKVTIVDHHAATASFMKHLENEQKARGG
CPADWAWIVPPISGSLTPVFHQEMVNYFLSPAFRYQPDPW
;
_entity_poly.pdbx_strand_id   A,B,C,D
#
loop_
_chem_comp.id
_chem_comp.type
_chem_comp.name
_chem_comp.formula
9P7 non-polymer 4-(2-{[(2-aminoquinolin-7-yl)methyl]amino}ethyl)-2-methylbenzonitrile 'C20 H20 N4'
BTB non-polymer 2-[BIS-(2-HYDROXY-ETHYL)-AMINO]-2-HYDROXYMETHYL-PROPANE-1,3-DIOL 'C8 H19 N O5'
CL non-polymer 'CHLORIDE ION' 'Cl -1'
GD non-polymer 'GADOLINIUM ATOM' Gd
GOL non-polymer GLYCEROL 'C3 H8 O3'
H4B non-polymer 5,6,7,8-TETRAHYDROBIOPTERIN 'C9 H15 N5 O3'
HEM non-polymer 'PROTOPORPHYRIN IX CONTAINING FE' 'C34 H32 Fe N4 O4'
ZN non-polymer 'ZINC ION' 'Zn 2'
#
# COMPACT_ATOMS: atom_id res chain seq x y z
N PHE A 28 14.11 -18.49 49.67
CA PHE A 28 12.69 -18.26 49.38
C PHE A 28 12.45 -16.85 48.90
N PRO A 29 12.29 -16.67 47.58
CA PRO A 29 12.14 -15.34 46.97
C PRO A 29 10.99 -14.54 47.57
N ARG A 30 11.25 -13.27 47.85
CA ARG A 30 10.26 -12.30 48.33
C ARG A 30 9.58 -11.63 47.14
N VAL A 31 8.25 -11.74 47.07
CA VAL A 31 7.46 -11.34 45.90
C VAL A 31 6.49 -10.20 46.26
N LYS A 32 6.59 -9.09 45.55
CA LYS A 32 5.78 -7.92 45.91
C LYS A 32 4.77 -7.57 44.83
N ASN A 33 3.59 -7.14 45.26
CA ASN A 33 2.65 -6.44 44.37
C ASN A 33 2.79 -4.95 44.57
N TRP A 34 3.12 -4.23 43.51
CA TRP A 34 3.48 -2.82 43.62
C TRP A 34 2.29 -1.89 43.55
N GLU A 35 1.14 -2.41 43.15
CA GLU A 35 -0.10 -1.64 43.18
C GLU A 35 -0.64 -1.58 44.60
N VAL A 36 -0.50 -2.69 45.30
CA VAL A 36 -1.10 -2.88 46.60
C VAL A 36 -0.07 -2.76 47.72
N GLY A 37 1.18 -3.12 47.42
CA GLY A 37 2.25 -3.12 48.39
C GLY A 37 2.36 -4.44 49.14
N SER A 38 1.46 -5.36 48.85
CA SER A 38 1.44 -6.66 49.55
C SER A 38 2.65 -7.53 49.24
N ILE A 39 2.98 -8.42 50.18
CA ILE A 39 4.17 -9.27 50.07
C ILE A 39 3.89 -10.75 50.32
N THR A 40 4.31 -11.63 49.41
CA THR A 40 4.31 -13.07 49.69
C THR A 40 5.72 -13.68 49.51
N TYR A 41 5.90 -14.93 49.89
CA TYR A 41 7.15 -15.64 49.66
C TYR A 41 6.89 -16.95 48.92
N ASP A 42 7.60 -17.16 47.81
CA ASP A 42 7.46 -18.40 47.07
C ASP A 42 8.34 -19.46 47.72
N THR A 43 7.70 -20.44 48.35
CA THR A 43 8.41 -21.56 48.95
C THR A 43 8.36 -22.72 47.99
N LEU A 44 7.38 -22.70 47.09
CA LEU A 44 7.21 -23.75 46.09
C LEU A 44 8.41 -23.87 45.14
N SER A 45 8.99 -22.74 44.75
CA SER A 45 10.08 -22.76 43.78
C SER A 45 11.27 -23.59 44.28
N ALA A 46 11.34 -23.80 45.59
CA ALA A 46 12.40 -24.64 46.16
C ALA A 46 12.31 -26.05 45.61
N GLN A 47 11.11 -26.44 45.19
CA GLN A 47 10.85 -27.79 44.70
C GLN A 47 10.92 -27.89 43.18
N ALA A 48 11.51 -26.90 42.53
CA ALA A 48 11.57 -26.86 41.07
C ALA A 48 12.29 -28.08 40.50
N GLN A 49 11.59 -28.80 39.63
CA GLN A 49 12.07 -30.06 39.07
C GLN A 49 13.36 -29.91 38.26
N GLN A 50 13.30 -29.23 37.12
CA GLN A 50 14.43 -29.16 36.22
C GLN A 50 15.04 -27.75 36.25
N ASP A 51 16.02 -27.51 35.39
CA ASP A 51 16.66 -26.20 35.37
C ASP A 51 16.30 -25.36 34.14
N GLY A 52 15.83 -24.14 34.38
CA GLY A 52 15.62 -23.16 33.32
C GLY A 52 16.93 -22.53 32.87
N PRO A 53 16.84 -21.62 31.90
CA PRO A 53 17.98 -21.13 31.13
C PRO A 53 18.79 -20.01 31.79
N CYS A 54 18.35 -19.55 32.95
CA CYS A 54 18.98 -18.40 33.60
C CYS A 54 20.14 -18.79 34.51
N THR A 55 21.06 -17.86 34.69
CA THR A 55 22.16 -18.02 35.64
C THR A 55 22.36 -16.67 36.33
N PRO A 56 23.15 -16.62 37.43
CA PRO A 56 23.31 -15.32 38.09
C PRO A 56 24.00 -14.29 37.19
N ARG A 57 24.74 -14.77 36.19
CA ARG A 57 25.46 -13.90 35.28
C ARG A 57 24.51 -13.23 34.28
N ARG A 58 23.44 -13.94 33.89
CA ARG A 58 22.54 -13.46 32.81
C ARG A 58 21.13 -14.05 32.92
N CYS A 59 20.12 -13.21 32.75
CA CYS A 59 18.74 -13.67 32.72
C CYS A 59 18.26 -13.90 31.28
N LEU A 60 17.75 -15.12 31.04
CA LEU A 60 17.28 -15.54 29.72
C LEU A 60 15.80 -15.85 29.74
N GLY A 61 15.07 -15.17 30.61
CA GLY A 61 13.64 -15.40 30.76
C GLY A 61 12.77 -14.94 29.60
N SER A 62 13.32 -14.10 28.72
CA SER A 62 12.55 -13.65 27.55
C SER A 62 12.61 -14.63 26.35
N LEU A 63 13.41 -15.69 26.45
CA LEU A 63 13.53 -16.63 25.34
C LEU A 63 12.26 -17.49 25.26
N VAL A 64 11.80 -17.71 24.03
CA VAL A 64 10.63 -18.56 23.78
C VAL A 64 10.90 -20.01 24.16
N PHE A 65 12.02 -20.54 23.65
CA PHE A 65 12.52 -21.86 24.03
C PHE A 65 13.66 -21.79 25.07
N PRO A 66 13.40 -22.26 26.30
CA PRO A 66 14.52 -22.54 27.21
C PRO A 66 15.31 -23.79 26.82
N ALA A 79 16.89 -44.80 31.20
CA ALA A 79 17.36 -45.52 32.37
C ALA A 79 16.23 -45.73 33.37
N PRO A 80 16.17 -46.94 33.96
CA PRO A 80 15.14 -47.27 34.96
C PRO A 80 15.28 -46.40 36.20
N GLU A 81 16.51 -46.16 36.64
CA GLU A 81 16.76 -45.36 37.83
C GLU A 81 16.26 -43.93 37.67
N GLN A 82 16.48 -43.35 36.49
CA GLN A 82 15.96 -42.01 36.26
C GLN A 82 14.44 -42.04 36.18
N LEU A 83 13.92 -43.02 35.46
CA LEU A 83 12.47 -43.20 35.37
C LEU A 83 11.86 -43.48 36.74
N LEU A 84 12.48 -44.38 37.50
CA LEU A 84 11.97 -44.75 38.83
C LEU A 84 11.83 -43.52 39.70
N SER A 85 12.88 -42.70 39.71
CA SER A 85 12.97 -41.57 40.62
C SER A 85 11.83 -40.60 40.37
N GLN A 86 11.60 -40.33 39.08
CA GLN A 86 10.49 -39.47 38.65
C GLN A 86 9.15 -40.12 38.97
N ALA A 87 9.13 -41.45 38.94
CA ALA A 87 7.87 -42.15 39.15
C ALA A 87 7.49 -42.09 40.62
N ARG A 88 8.47 -42.30 41.51
CA ARG A 88 8.26 -42.16 42.95
C ARG A 88 7.63 -40.83 43.29
N ASP A 89 8.31 -39.79 42.81
CA ASP A 89 7.96 -38.41 43.11
C ASP A 89 6.52 -38.11 42.71
N PHE A 90 6.11 -38.59 41.55
CA PHE A 90 4.72 -38.38 41.12
C PHE A 90 3.74 -39.09 42.02
N ILE A 91 4.02 -40.36 42.32
CA ILE A 91 3.10 -41.18 43.11
C ILE A 91 2.92 -40.59 44.50
N ASN A 92 4.03 -40.12 45.07
CA ASN A 92 4.01 -39.49 46.38
C ASN A 92 3.20 -38.21 46.33
N GLN A 93 3.41 -37.45 45.26
CA GLN A 93 2.66 -36.26 44.98
C GLN A 93 1.17 -36.55 45.01
N TYR A 94 0.77 -37.52 44.18
CA TYR A 94 -0.62 -37.92 44.06
C TYR A 94 -1.25 -38.30 45.40
N TYR A 95 -0.55 -39.07 46.22
CA TYR A 95 -1.20 -39.53 47.45
C TYR A 95 -1.30 -38.41 48.48
N SER A 96 -0.36 -37.48 48.48
CA SER A 96 -0.45 -36.33 49.36
CA SER A 96 -0.46 -36.32 49.38
C SER A 96 -1.62 -35.44 48.96
N SER A 97 -1.95 -35.44 47.67
CA SER A 97 -3.03 -34.62 47.15
C SER A 97 -4.40 -35.21 47.50
N ILE A 98 -4.42 -36.47 47.90
CA ILE A 98 -5.67 -37.11 48.28
C ILE A 98 -5.67 -37.49 49.76
N LYS A 99 -4.75 -36.87 50.51
CA LYS A 99 -4.68 -37.05 51.95
C LYS A 99 -4.54 -38.53 52.33
N ARG A 100 -3.58 -39.20 51.70
CA ARG A 100 -3.30 -40.60 51.96
C ARG A 100 -1.81 -40.88 51.91
N SER A 101 -1.02 -39.95 52.43
CA SER A 101 0.43 -40.12 52.46
C SER A 101 0.80 -40.78 53.78
N GLY A 102 1.54 -41.88 53.71
CA GLY A 102 1.83 -42.67 54.90
C GLY A 102 0.81 -43.78 55.03
N SER A 103 -0.21 -43.73 54.17
CA SER A 103 -1.17 -44.81 54.04
C SER A 103 -0.48 -45.99 53.37
N GLN A 104 -1.20 -47.09 53.16
CA GLN A 104 -0.55 -48.25 52.59
C GLN A 104 -1.21 -48.67 51.28
N ALA A 105 -2.22 -47.92 50.85
CA ALA A 105 -2.59 -47.90 49.44
C ALA A 105 -1.45 -47.21 48.71
N HIS A 106 -0.87 -46.22 49.38
CA HIS A 106 0.34 -45.54 48.93
C HIS A 106 1.45 -46.55 48.63
N GLU A 107 1.86 -47.25 49.68
CA GLU A 107 3.00 -48.15 49.61
C GLU A 107 2.70 -49.35 48.71
N GLN A 108 1.44 -49.74 48.62
CA GLN A 108 1.03 -50.76 47.67
C GLN A 108 1.31 -50.30 46.24
N ARG A 109 0.86 -49.09 45.92
CA ARG A 109 1.07 -48.51 44.60
C ARG A 109 2.56 -48.33 44.30
N LEU A 110 3.28 -47.77 45.27
CA LEU A 110 4.72 -47.60 45.18
C LEU A 110 5.43 -48.85 44.66
N GLN A 111 5.28 -49.97 45.37
CA GLN A 111 6.04 -51.16 45.03
C GLN A 111 5.47 -51.79 43.75
N GLU A 112 4.19 -51.59 43.50
CA GLU A 112 3.56 -52.02 42.26
C GLU A 112 4.27 -51.43 41.02
N VAL A 113 4.52 -50.13 41.03
CA VAL A 113 5.23 -49.49 39.92
C VAL A 113 6.68 -49.99 39.82
N GLU A 114 7.33 -50.16 40.97
CA GLU A 114 8.70 -50.64 41.01
C GLU A 114 8.77 -52.00 40.31
N ALA A 115 7.78 -52.86 40.57
CA ALA A 115 7.74 -54.16 39.93
C ALA A 115 7.47 -54.05 38.43
N GLU A 116 6.60 -53.13 38.05
CA GLU A 116 6.21 -53.04 36.64
C GLU A 116 7.35 -52.55 35.76
N VAL A 117 8.05 -51.50 36.18
CA VAL A 117 9.19 -51.04 35.40
C VAL A 117 10.30 -52.08 35.41
N ALA A 118 10.50 -52.72 36.56
CA ALA A 118 11.51 -53.78 36.70
C ALA A 118 11.29 -54.89 35.68
N ALA A 119 10.04 -55.04 35.26
CA ALA A 119 9.65 -56.13 34.38
C ALA A 119 9.38 -55.68 32.93
N THR A 120 9.15 -54.39 32.70
CA THR A 120 8.82 -53.95 31.35
C THR A 120 9.62 -52.76 30.80
N GLY A 121 10.32 -52.04 31.67
CA GLY A 121 11.10 -50.89 31.25
C GLY A 121 10.30 -49.60 31.23
N THR A 122 9.01 -49.71 31.53
CA THR A 122 8.10 -48.57 31.61
C THR A 122 7.03 -48.92 32.64
N TYR A 123 5.93 -48.18 32.68
CA TYR A 123 4.82 -48.56 33.55
C TYR A 123 3.55 -47.82 33.16
N GLN A 124 2.41 -48.39 33.53
CA GLN A 124 1.12 -47.80 33.22
C GLN A 124 0.57 -46.97 34.38
N LEU A 125 0.02 -45.80 34.04
CA LEU A 125 -0.68 -44.98 35.02
C LEU A 125 -2.11 -45.48 35.23
N ARG A 126 -2.55 -45.51 36.48
CA ARG A 126 -3.96 -45.66 36.80
C ARG A 126 -4.68 -44.47 36.18
N GLU A 127 -5.94 -44.65 35.82
CA GLU A 127 -6.66 -43.60 35.11
C GLU A 127 -6.82 -42.40 36.01
N SER A 128 -6.98 -42.65 37.30
CA SER A 128 -7.06 -41.55 38.26
C SER A 128 -5.76 -40.75 38.28
N GLU A 129 -4.62 -41.45 38.16
CA GLU A 129 -3.30 -40.81 38.14
C GLU A 129 -3.09 -40.03 36.84
N LEU A 130 -3.71 -40.49 35.76
CA LEU A 130 -3.64 -39.79 34.48
C LEU A 130 -4.45 -38.49 34.48
N VAL A 131 -5.62 -38.54 35.08
CA VAL A 131 -6.42 -37.34 35.26
C VAL A 131 -5.65 -36.33 36.11
N PHE A 132 -5.19 -36.79 37.28
CA PHE A 132 -4.46 -35.92 38.21
C PHE A 132 -3.22 -35.27 37.57
N GLY A 133 -2.48 -36.07 36.81
CA GLY A 133 -1.26 -35.63 36.16
C GLY A 133 -1.55 -34.61 35.09
N ALA A 134 -2.66 -34.82 34.38
CA ALA A 134 -3.09 -33.89 33.34
C ALA A 134 -3.47 -32.55 33.94
N LYS A 135 -4.13 -32.55 35.09
CA LYS A 135 -4.50 -31.30 35.75
C LYS A 135 -3.29 -30.57 36.38
N GLN A 136 -2.37 -31.33 36.97
CA GLN A 136 -1.21 -30.69 37.58
C GLN A 136 -0.36 -30.01 36.52
N ALA A 137 -0.26 -30.64 35.37
CA ALA A 137 0.62 -30.16 34.31
C ALA A 137 0.13 -28.83 33.76
N TRP A 138 -1.19 -28.69 33.64
CA TRP A 138 -1.84 -27.41 33.30
C TRP A 138 -1.56 -26.41 34.42
N ARG A 139 -1.96 -26.80 35.63
CA ARG A 139 -1.73 -26.02 36.85
C ARG A 139 -0.29 -25.52 36.98
N ASN A 140 0.66 -26.27 36.44
CA ASN A 140 2.07 -25.90 36.57
C ASN A 140 2.65 -25.09 35.43
N ALA A 141 1.87 -24.89 34.37
CA ALA A 141 2.36 -24.21 33.18
C ALA A 141 2.51 -22.73 33.47
N PRO A 142 3.78 -22.25 33.56
CA PRO A 142 4.01 -20.86 33.95
C PRO A 142 3.38 -19.83 33.01
N ARG A 143 3.30 -20.15 31.72
CA ARG A 143 2.83 -19.15 30.77
C ARG A 143 1.31 -19.13 30.59
N CYS A 144 0.58 -19.97 31.31
CA CYS A 144 -0.88 -19.96 31.17
C CYS A 144 -1.62 -19.05 32.16
N VAL A 145 -2.33 -18.06 31.60
CA VAL A 145 -3.12 -17.11 32.37
C VAL A 145 -4.50 -17.67 32.72
N GLY A 146 -4.90 -18.75 32.04
CA GLY A 146 -6.24 -19.29 32.23
C GLY A 146 -6.33 -20.29 33.36
N ARG A 147 -5.34 -20.32 34.24
CA ARG A 147 -5.19 -21.43 35.18
C ARG A 147 -6.14 -21.45 36.39
N ILE A 148 -6.94 -20.41 36.57
CA ILE A 148 -8.02 -20.45 37.55
C ILE A 148 -8.92 -21.70 37.31
N GLN A 149 -8.93 -22.19 36.07
CA GLN A 149 -9.81 -23.30 35.65
C GLN A 149 -9.19 -24.70 35.77
N TRP A 150 -8.02 -24.79 36.40
CA TRP A 150 -7.20 -25.98 36.24
C TRP A 150 -7.82 -27.24 36.83
N GLY A 151 -8.71 -27.08 37.80
CA GLY A 151 -9.34 -28.23 38.44
C GLY A 151 -10.53 -28.76 37.67
N LYS A 152 -10.94 -28.01 36.66
CA LYS A 152 -12.08 -28.36 35.84
C LYS A 152 -11.62 -28.65 34.41
N LEU A 153 -11.22 -29.89 34.18
CA LEU A 153 -10.71 -30.35 32.89
C LEU A 153 -11.28 -31.72 32.58
N GLN A 154 -11.72 -31.94 31.34
CA GLN A 154 -12.22 -33.25 30.94
C GLN A 154 -11.12 -34.04 30.29
N VAL A 155 -10.87 -35.24 30.81
CA VAL A 155 -9.77 -36.06 30.30
C VAL A 155 -10.28 -37.27 29.55
N PHE A 156 -9.86 -37.39 28.30
CA PHE A 156 -10.24 -38.51 27.46
C PHE A 156 -9.07 -39.46 27.33
N ASP A 157 -9.24 -40.69 27.81
CA ASP A 157 -8.16 -41.67 27.80
C ASP A 157 -8.12 -42.42 26.47
N ALA A 158 -7.10 -42.12 25.65
CA ALA A 158 -6.96 -42.77 24.36
C ALA A 158 -5.72 -43.62 24.31
N ARG A 159 -5.23 -44.05 25.47
CA ARG A 159 -4.03 -44.88 25.56
C ARG A 159 -4.20 -46.26 24.91
N ASP A 160 -5.44 -46.64 24.64
CA ASP A 160 -5.71 -47.92 24.01
C ASP A 160 -5.69 -47.78 22.51
N CYS A 161 -5.36 -46.59 22.02
CA CYS A 161 -5.35 -46.29 20.59
C CYS A 161 -4.30 -47.11 19.88
N ARG A 162 -4.60 -47.50 18.64
CA ARG A 162 -3.71 -48.41 17.92
C ARG A 162 -3.44 -47.97 16.48
N SER A 163 -4.31 -47.12 15.95
CA SER A 163 -4.21 -46.73 14.55
C SER A 163 -4.39 -45.24 14.32
N ALA A 164 -4.01 -44.78 13.13
CA ALA A 164 -4.22 -43.38 12.75
C ALA A 164 -5.71 -43.07 12.63
N GLN A 165 -6.49 -44.05 12.16
CA GLN A 165 -7.92 -43.86 12.03
C GLN A 165 -8.57 -43.71 13.40
N GLU A 166 -8.17 -44.56 14.35
CA GLU A 166 -8.63 -44.43 15.74
C GLU A 166 -8.29 -43.05 16.30
N MET A 167 -7.05 -42.63 16.08
CA MET A 167 -6.58 -41.32 16.51
C MET A 167 -7.54 -40.25 16.00
N PHE A 168 -7.81 -40.28 14.70
CA PHE A 168 -8.74 -39.33 14.09
C PHE A 168 -10.11 -39.29 14.76
N THR A 169 -10.65 -40.47 15.07
CA THR A 169 -11.96 -40.56 15.71
C THR A 169 -11.94 -40.03 17.14
N TYR A 170 -10.89 -40.34 17.87
CA TYR A 170 -10.70 -39.72 19.18
C TYR A 170 -10.67 -38.20 19.09
N ILE A 171 -9.97 -37.69 18.07
CA ILE A 171 -9.85 -36.24 17.90
C ILE A 171 -11.20 -35.62 17.55
N CYS A 172 -11.98 -36.30 16.73
CA CYS A 172 -13.28 -35.77 16.36
C CYS A 172 -14.22 -35.71 17.57
N ASN A 173 -14.19 -36.74 18.40
CA ASN A 173 -14.97 -36.71 19.64
C ASN A 173 -14.53 -35.56 20.54
N HIS A 174 -13.22 -35.39 20.68
CA HIS A 174 -12.67 -34.30 21.46
C HIS A 174 -13.20 -32.95 20.97
N ILE A 175 -12.95 -32.65 19.71
CA ILE A 175 -13.41 -31.40 19.14
C ILE A 175 -14.91 -31.19 19.40
N LYS A 176 -15.69 -32.26 19.22
CA LYS A 176 -17.13 -32.18 19.43
C LYS A 176 -17.50 -31.91 20.89
N TYR A 177 -16.88 -32.65 21.81
CA TYR A 177 -17.14 -32.42 23.22
C TYR A 177 -16.76 -30.99 23.64
N ALA A 178 -15.53 -30.60 23.33
CA ALA A 178 -15.00 -29.32 23.82
C ALA A 178 -15.75 -28.13 23.26
N THR A 179 -16.09 -28.19 21.97
CA THR A 179 -16.84 -27.10 21.35
C THR A 179 -18.19 -26.94 22.04
N ASN A 180 -18.98 -28.02 22.07
CA ASN A 180 -20.22 -28.03 22.81
C ASN A 180 -21.15 -26.88 22.35
N ARG A 181 -21.27 -26.75 21.03
CA ARG A 181 -22.11 -25.73 20.39
C ARG A 181 -21.80 -24.28 20.81
N GLY A 182 -20.58 -24.00 21.22
CA GLY A 182 -20.18 -22.64 21.56
C GLY A 182 -20.01 -22.39 23.04
N ASN A 183 -20.50 -23.33 23.85
CA ASN A 183 -20.32 -23.28 25.28
C ASN A 183 -19.08 -24.08 25.67
N LEU A 184 -17.92 -23.50 25.43
CA LEU A 184 -16.68 -24.28 25.38
C LEU A 184 -16.32 -24.90 26.72
N ARG A 185 -15.75 -26.10 26.65
CA ARG A 185 -15.38 -26.90 27.82
C ARG A 185 -13.92 -27.35 27.68
N SER A 186 -13.13 -27.22 28.75
CA SER A 186 -11.74 -27.61 28.66
C SER A 186 -11.61 -29.15 28.62
N ALA A 187 -10.78 -29.65 27.70
CA ALA A 187 -10.63 -31.08 27.51
C ALA A 187 -9.20 -31.47 27.12
N ILE A 188 -8.78 -32.69 27.47
CA ILE A 188 -7.54 -33.21 26.90
C ILE A 188 -7.73 -34.68 26.53
N THR A 189 -7.14 -35.07 25.40
CA THR A 189 -7.15 -36.47 24.95
C THR A 189 -5.75 -37.03 24.97
N VAL A 190 -5.54 -38.11 25.70
CA VAL A 190 -4.19 -38.66 25.87
C VAL A 190 -3.95 -39.96 25.10
N PHE A 191 -3.13 -39.89 24.05
CA PHE A 191 -2.79 -41.07 23.26
C PHE A 191 -1.67 -41.86 23.94
N PRO A 192 -1.35 -43.07 23.42
CA PRO A 192 -0.34 -43.91 24.09
C PRO A 192 1.04 -43.26 24.29
N GLN A 193 1.63 -43.55 25.44
CA GLN A 193 2.93 -43.01 25.80
C GLN A 193 4.04 -43.55 24.91
N ARG A 194 5.06 -42.73 24.71
CA ARG A 194 6.28 -43.18 24.07
C ARG A 194 6.83 -44.37 24.85
N CYS A 195 7.33 -45.37 24.11
CA CYS A 195 8.00 -46.51 24.74
C CYS A 195 9.16 -46.96 23.85
N PRO A 196 10.17 -47.61 24.46
CA PRO A 196 11.35 -48.04 23.70
C PRO A 196 11.01 -48.96 22.53
N GLY A 197 11.79 -48.87 21.45
CA GLY A 197 11.63 -49.75 20.31
C GLY A 197 10.30 -49.60 19.61
N ARG A 198 9.67 -48.44 19.75
CA ARG A 198 8.41 -48.14 19.08
C ARG A 198 8.30 -46.64 18.78
N GLY A 199 7.85 -46.31 17.57
CA GLY A 199 7.64 -44.92 17.20
C GLY A 199 6.55 -44.28 18.05
N ASP A 200 6.47 -42.96 18.02
CA ASP A 200 5.47 -42.27 18.81
C ASP A 200 4.16 -42.07 18.06
N PHE A 201 3.11 -41.81 18.82
CA PHE A 201 1.95 -41.12 18.28
C PHE A 201 2.29 -39.64 18.22
N ARG A 202 2.09 -39.03 17.05
CA ARG A 202 2.31 -37.60 16.89
C ARG A 202 1.17 -36.96 16.12
N ILE A 203 0.84 -35.72 16.48
CA ILE A 203 -0.03 -34.90 15.66
C ILE A 203 0.82 -33.81 15.03
N TRP A 204 1.06 -33.93 13.73
CA TRP A 204 1.97 -33.04 13.02
C TRP A 204 1.54 -31.58 13.05
N ASN A 205 0.25 -31.34 13.03
CA ASN A 205 -0.29 -29.99 13.12
C ASN A 205 -0.04 -29.38 14.51
N SER A 206 0.24 -28.08 14.56
CA SER A 206 0.50 -27.41 15.84
C SER A 206 -0.81 -27.18 16.59
N GLN A 207 -1.91 -27.07 15.85
CA GLN A 207 -3.26 -27.06 16.43
C GLN A 207 -4.21 -27.92 15.63
N LEU A 208 -5.33 -28.26 16.26
CA LEU A 208 -6.33 -29.09 15.61
C LEU A 208 -6.99 -28.30 14.50
N VAL A 209 -7.24 -27.02 14.76
CA VAL A 209 -7.72 -26.11 13.72
C VAL A 209 -6.62 -25.11 13.35
N ARG A 210 -6.22 -25.13 12.09
CA ARG A 210 -5.22 -24.21 11.58
C ARG A 210 -5.63 -23.76 10.20
N TYR A 211 -5.37 -22.49 9.89
CA TYR A 211 -5.61 -21.96 8.55
C TYR A 211 -4.38 -22.13 7.66
N ALA A 212 -4.64 -22.41 6.38
CA ALA A 212 -3.55 -22.63 5.44
C ALA A 212 -2.74 -21.35 5.23
N GLY A 213 -1.48 -21.52 4.84
CA GLY A 213 -0.61 -20.41 4.55
C GLY A 213 0.05 -20.68 3.23
N TYR A 214 -0.55 -20.14 2.17
CA TYR A 214 -0.08 -20.41 0.83
C TYR A 214 1.01 -19.43 0.41
N ARG A 215 2.19 -19.97 0.14
CA ARG A 215 3.29 -19.16 -0.35
C ARG A 215 3.04 -18.75 -1.80
N GLN A 216 3.07 -17.46 -2.08
CA GLN A 216 3.03 -17.01 -3.46
C GLN A 216 4.47 -16.92 -3.94
N GLN A 217 4.66 -16.79 -5.25
CA GLN A 217 6.01 -16.73 -5.79
C GLN A 217 6.66 -15.39 -5.52
N ASP A 218 5.84 -14.38 -5.21
CA ASP A 218 6.36 -13.06 -4.86
C ASP A 218 7.01 -13.09 -3.48
N GLY A 219 6.82 -14.20 -2.77
CA GLY A 219 7.38 -14.37 -1.45
C GLY A 219 6.37 -14.14 -0.35
N SER A 220 5.22 -13.58 -0.72
CA SER A 220 4.19 -13.28 0.26
C SER A 220 3.42 -14.55 0.63
N VAL A 221 2.57 -14.43 1.65
CA VAL A 221 1.73 -15.55 2.04
C VAL A 221 0.26 -15.16 2.05
N ARG A 222 -0.53 -15.90 1.27
CA ARG A 222 -1.98 -15.88 1.41
C ARG A 222 -2.33 -16.78 2.57
N GLY A 223 -3.19 -16.30 3.47
CA GLY A 223 -3.55 -17.06 4.66
C GLY A 223 -2.62 -16.78 5.82
N ASP A 224 -2.31 -17.81 6.60
CA ASP A 224 -1.53 -17.64 7.82
C ASP A 224 -0.06 -18.00 7.60
N PRO A 225 0.83 -17.01 7.67
CA PRO A 225 2.27 -17.27 7.52
C PRO A 225 2.79 -18.31 8.51
N ALA A 226 2.15 -18.40 9.67
CA ALA A 226 2.61 -19.32 10.72
C ALA A 226 2.53 -20.76 10.25
N ASN A 227 1.59 -21.02 9.34
CA ASN A 227 1.30 -22.38 8.92
C ASN A 227 1.74 -22.72 7.51
N VAL A 228 2.77 -22.03 7.00
CA VAL A 228 3.29 -22.29 5.67
C VAL A 228 3.91 -23.68 5.59
N GLU A 229 4.71 -24.01 6.59
CA GLU A 229 5.39 -25.30 6.68
C GLU A 229 4.41 -26.48 6.57
N ILE A 230 3.37 -26.45 7.38
CA ILE A 230 2.44 -27.56 7.45
C ILE A 230 1.44 -27.55 6.28
N THR A 231 1.21 -26.39 5.68
CA THR A 231 0.34 -26.31 4.50
C THR A 231 1.06 -26.98 3.34
N GLU A 232 2.38 -26.85 3.33
CA GLU A 232 3.23 -27.51 2.33
C GLU A 232 3.22 -29.01 2.51
N LEU A 233 3.30 -29.43 3.76
CA LEU A 233 3.39 -30.83 4.10
C LEU A 233 2.07 -31.54 3.88
N CYS A 234 0.98 -30.81 4.10
CA CYS A 234 -0.33 -31.36 3.83
C CYS A 234 -0.48 -31.58 2.34
N ILE A 235 -0.03 -30.61 1.56
CA ILE A 235 -0.09 -30.73 0.11
C ILE A 235 0.81 -31.86 -0.37
N GLN A 236 2.01 -31.95 0.21
CA GLN A 236 2.96 -32.98 -0.15
C GLN A 236 2.36 -34.36 0.10
N HIS A 237 1.54 -34.47 1.15
CA HIS A 237 0.88 -35.73 1.46
C HIS A 237 -0.48 -35.83 0.78
N GLY A 238 -0.63 -35.12 -0.33
CA GLY A 238 -1.77 -35.30 -1.20
C GLY A 238 -2.93 -34.32 -1.08
N TRP A 239 -2.88 -33.41 -0.11
CA TRP A 239 -3.98 -32.47 0.08
C TRP A 239 -4.09 -31.54 -1.09
N THR A 240 -5.27 -31.48 -1.69
CA THR A 240 -5.52 -30.51 -2.74
C THR A 240 -5.81 -29.15 -2.06
N PRO A 241 -4.92 -28.17 -2.27
CA PRO A 241 -4.98 -26.89 -1.57
C PRO A 241 -6.17 -26.04 -1.97
N GLY A 242 -6.62 -25.19 -1.05
CA GLY A 242 -7.65 -24.21 -1.37
C GLY A 242 -6.95 -22.93 -1.77
N ASN A 243 -7.68 -21.83 -1.82
CA ASN A 243 -7.03 -20.53 -1.99
C ASN A 243 -7.80 -19.41 -1.32
N GLY A 244 -8.29 -19.69 -0.12
CA GLY A 244 -8.93 -18.66 0.67
C GLY A 244 -7.93 -18.11 1.65
N ARG A 245 -8.33 -17.08 2.38
CA ARG A 245 -7.53 -16.48 3.43
C ARG A 245 -7.72 -17.28 4.72
N PHE A 246 -8.73 -18.15 4.70
CA PHE A 246 -9.08 -18.93 5.90
C PHE A 246 -9.49 -20.36 5.57
N ASP A 247 -8.68 -21.06 4.77
CA ASP A 247 -8.94 -22.48 4.51
C ASP A 247 -8.46 -23.34 5.67
N VAL A 248 -9.39 -24.03 6.33
CA VAL A 248 -9.04 -24.96 7.38
C VAL A 248 -8.18 -26.08 6.82
N LEU A 249 -7.04 -26.36 7.46
CA LEU A 249 -6.15 -27.41 7.01
C LEU A 249 -6.70 -28.79 7.33
N PRO A 250 -6.25 -29.82 6.59
CA PRO A 250 -6.49 -31.21 6.99
C PRO A 250 -5.58 -31.62 8.15
N LEU A 251 -5.92 -32.70 8.83
CA LEU A 251 -5.08 -33.19 9.92
C LEU A 251 -4.08 -34.20 9.41
N LEU A 252 -2.82 -34.04 9.85
CA LEU A 252 -1.75 -34.97 9.53
C LEU A 252 -1.39 -35.82 10.75
N LEU A 253 -1.98 -37.01 10.84
CA LEU A 253 -1.81 -37.85 12.03
C LEU A 253 -0.84 -39.00 11.78
N GLN A 254 -0.04 -39.33 12.79
CA GLN A 254 1.01 -40.33 12.62
C GLN A 254 1.00 -41.39 13.72
N ALA A 255 0.60 -42.60 13.33
CA ALA A 255 0.67 -43.77 14.20
C ALA A 255 2.11 -44.25 14.29
N PRO A 256 2.44 -45.02 15.34
CA PRO A 256 3.84 -45.43 15.55
C PRO A 256 4.47 -46.13 14.34
N ASP A 257 5.62 -45.62 13.91
CA ASP A 257 6.47 -46.28 12.91
C ASP A 257 5.81 -46.37 11.55
N GLU A 258 4.76 -45.59 11.34
CA GLU A 258 4.09 -45.51 10.05
C GLU A 258 4.13 -44.04 9.61
N PRO A 259 4.11 -43.79 8.29
CA PRO A 259 4.04 -42.40 7.81
C PRO A 259 2.70 -41.75 8.15
N PRO A 260 2.65 -40.42 8.22
CA PRO A 260 1.38 -39.77 8.56
C PRO A 260 0.31 -39.94 7.50
N GLU A 261 -0.94 -39.75 7.86
CA GLU A 261 -2.04 -39.84 6.91
C GLU A 261 -2.96 -38.63 7.01
N LEU A 262 -3.45 -38.17 5.86
CA LEU A 262 -4.31 -36.99 5.80
C LEU A 262 -5.76 -37.27 6.12
N PHE A 263 -6.29 -36.52 7.09
CA PHE A 263 -7.70 -36.63 7.46
C PHE A 263 -8.31 -35.23 7.41
N LEU A 264 -9.45 -35.09 6.74
CA LEU A 264 -10.11 -33.79 6.66
C LEU A 264 -11.17 -33.70 7.74
N LEU A 265 -11.24 -32.57 8.44
CA LEU A 265 -12.23 -32.40 9.48
C LEU A 265 -13.59 -32.16 8.87
N PRO A 266 -14.63 -32.84 9.38
CA PRO A 266 -15.99 -32.59 8.92
C PRO A 266 -16.36 -31.14 9.24
N PRO A 267 -16.50 -30.29 8.21
CA PRO A 267 -16.66 -28.84 8.42
C PRO A 267 -17.78 -28.49 9.42
N GLU A 268 -18.68 -29.44 9.65
CA GLU A 268 -19.72 -29.32 10.67
C GLU A 268 -19.13 -29.33 12.09
N LEU A 269 -17.95 -29.90 12.22
CA LEU A 269 -17.29 -30.02 13.50
C LEU A 269 -16.52 -28.75 13.86
N VAL A 270 -16.12 -28.00 12.84
CA VAL A 270 -15.23 -26.85 13.01
C VAL A 270 -16.01 -25.54 13.14
N LEU A 271 -16.31 -25.16 14.37
CA LEU A 271 -17.09 -23.95 14.62
C LEU A 271 -16.26 -22.70 14.40
N GLU A 272 -16.74 -21.83 13.52
CA GLU A 272 -16.03 -20.57 13.22
C GLU A 272 -16.89 -19.37 13.56
N VAL A 273 -16.24 -18.22 13.67
CA VAL A 273 -16.92 -16.97 14.02
C VAL A 273 -16.59 -15.86 13.02
N PRO A 274 -17.53 -15.53 12.13
CA PRO A 274 -17.35 -14.38 11.24
C PRO A 274 -17.15 -13.12 12.06
N LEU A 275 -16.17 -12.30 11.73
CA LEU A 275 -15.83 -11.16 12.57
C LEU A 275 -16.50 -9.89 12.08
N GLU A 276 -17.30 -9.29 12.95
CA GLU A 276 -17.94 -8.02 12.65
CA GLU A 276 -17.96 -8.02 12.66
C GLU A 276 -17.71 -7.06 13.81
N HIS A 277 -17.90 -5.77 13.55
CA HIS A 277 -17.71 -4.73 14.56
C HIS A 277 -19.06 -4.15 14.93
N PRO A 278 -19.29 -3.88 16.22
CA PRO A 278 -20.57 -3.38 16.72
C PRO A 278 -21.08 -2.10 16.05
N THR A 279 -20.20 -1.22 15.61
CA THR A 279 -20.64 0.05 15.04
C THR A 279 -19.95 0.45 13.73
N LEU A 280 -18.83 -0.19 13.43
CA LEU A 280 -18.12 0.07 12.18
C LEU A 280 -18.62 -0.94 11.15
N GLU A 281 -19.53 -0.49 10.28
CA GLU A 281 -20.30 -1.40 9.47
C GLU A 281 -19.47 -2.03 8.37
N TRP A 282 -18.42 -1.33 7.94
CA TRP A 282 -17.53 -1.84 6.92
C TRP A 282 -16.63 -2.99 7.40
N PHE A 283 -16.58 -3.22 8.71
CA PHE A 283 -15.62 -4.17 9.27
C PHE A 283 -15.94 -5.58 8.77
N ALA A 284 -17.22 -5.91 8.73
CA ALA A 284 -17.65 -7.21 8.24
C ALA A 284 -17.09 -7.53 6.86
N ALA A 285 -16.98 -6.50 6.01
CA ALA A 285 -16.60 -6.71 4.61
C ALA A 285 -15.13 -7.11 4.45
N LEU A 286 -14.32 -6.85 5.47
CA LEU A 286 -12.93 -7.30 5.45
C LEU A 286 -12.82 -8.83 5.38
N GLY A 287 -13.91 -9.53 5.68
CA GLY A 287 -13.94 -10.98 5.52
C GLY A 287 -13.09 -11.75 6.53
N LEU A 288 -12.79 -11.11 7.66
CA LEU A 288 -12.03 -11.77 8.72
C LEU A 288 -12.91 -12.74 9.48
N ARG A 289 -12.31 -13.85 9.87
CA ARG A 289 -12.97 -14.84 10.72
C ARG A 289 -11.94 -15.49 11.60
N TRP A 290 -12.40 -16.14 12.66
CA TRP A 290 -11.52 -17.03 13.41
C TRP A 290 -12.35 -18.18 14.01
N TYR A 291 -11.66 -19.23 14.45
CA TYR A 291 -12.34 -20.43 14.92
C TYR A 291 -12.59 -20.40 16.43
N ALA A 292 -13.53 -21.25 16.86
CA ALA A 292 -13.97 -21.31 18.25
C ALA A 292 -12.93 -21.92 19.19
N LEU A 293 -12.29 -23.00 18.75
CA LEU A 293 -11.56 -23.88 19.66
C LEU A 293 -10.04 -23.78 19.57
N PRO A 294 -9.39 -23.24 20.62
CA PRO A 294 -7.93 -23.30 20.71
C PRO A 294 -7.50 -24.68 21.22
N ALA A 295 -7.09 -25.53 20.31
CA ALA A 295 -6.80 -26.92 20.62
C ALA A 295 -5.39 -27.22 20.17
N VAL A 296 -4.47 -27.11 21.12
CA VAL A 296 -3.05 -27.24 20.85
C VAL A 296 -2.63 -28.71 20.88
N SER A 297 -1.93 -29.12 19.82
CA SER A 297 -1.78 -30.53 19.51
C SER A 297 -0.33 -31.00 19.35
N ASN A 298 0.64 -30.14 19.67
CA ASN A 298 2.03 -30.47 19.37
C ASN A 298 2.96 -30.44 20.57
N MET A 299 2.42 -30.15 21.76
CA MET A 299 3.23 -30.23 22.97
C MET A 299 3.21 -31.63 23.54
N LEU A 300 4.29 -31.98 24.23
CA LEU A 300 4.42 -33.27 24.88
C LEU A 300 4.04 -33.16 26.35
N LEU A 301 3.25 -34.12 26.82
CA LEU A 301 2.86 -34.19 28.21
C LEU A 301 3.76 -35.16 28.98
N GLU A 302 4.34 -34.70 30.08
CA GLU A 302 5.14 -35.56 30.95
C GLU A 302 4.48 -35.76 32.30
N ILE A 303 4.38 -37.03 32.71
CA ILE A 303 3.77 -37.41 33.99
C ILE A 303 4.60 -38.51 34.63
N GLY A 304 5.16 -38.23 35.81
CA GLY A 304 5.99 -39.17 36.53
C GLY A 304 7.00 -39.94 35.70
N GLY A 305 7.74 -39.20 34.88
CA GLY A 305 8.74 -39.81 34.01
C GLY A 305 8.21 -40.32 32.69
N LEU A 306 6.89 -40.49 32.60
CA LEU A 306 6.27 -40.95 31.36
C LEU A 306 6.03 -39.79 30.40
N GLU A 307 6.23 -40.05 29.11
CA GLU A 307 6.15 -39.00 28.10
C GLU A 307 5.07 -39.30 27.06
N PHE A 308 4.08 -38.43 26.99
CA PHE A 308 3.01 -38.57 26.01
C PHE A 308 3.17 -37.51 24.92
N PRO A 309 3.80 -37.90 23.80
CA PRO A 309 4.13 -37.02 22.67
C PRO A 309 2.91 -36.56 21.88
N ALA A 310 1.76 -37.15 22.14
CA ALA A 310 0.53 -36.69 21.51
C ALA A 310 -0.59 -36.65 22.54
N ALA A 311 -0.92 -35.44 22.98
CA ALA A 311 -1.93 -35.24 23.99
C ALA A 311 -2.59 -33.89 23.77
N PRO A 312 -3.44 -33.78 22.75
CA PRO A 312 -4.06 -32.50 22.41
C PRO A 312 -5.00 -32.02 23.52
N PHE A 313 -4.80 -30.77 23.93
CA PHE A 313 -5.66 -30.14 24.92
C PHE A 313 -6.32 -28.89 24.34
N SER A 314 -7.40 -28.43 24.95
CA SER A 314 -8.05 -27.21 24.49
C SER A 314 -8.74 -26.49 25.64
N GLY A 315 -8.93 -25.18 25.48
CA GLY A 315 -9.67 -24.42 26.46
C GLY A 315 -10.65 -23.54 25.72
N TRP A 316 -10.59 -22.25 25.99
CA TRP A 316 -11.24 -21.26 25.14
C TRP A 316 -10.28 -20.08 25.02
N TYR A 317 -10.64 -19.08 24.21
CA TYR A 317 -9.68 -18.04 23.85
C TYR A 317 -9.68 -16.83 24.77
N MET A 318 -8.51 -16.24 24.97
CA MET A 318 -8.49 -14.86 25.44
C MET A 318 -8.55 -14.01 24.17
N SER A 319 -9.35 -12.95 24.17
CA SER A 319 -9.53 -12.18 22.93
C SER A 319 -8.27 -11.60 22.30
N THR A 320 -7.26 -11.29 23.11
CA THR A 320 -6.06 -10.64 22.58
C THR A 320 -5.26 -11.62 21.75
N GLU A 321 -5.49 -12.90 21.99
CA GLU A 321 -4.80 -13.94 21.23
C GLU A 321 -5.17 -13.83 19.77
N ILE A 322 -6.47 -13.62 19.53
CA ILE A 322 -6.98 -13.52 18.18
C ILE A 322 -6.77 -12.10 17.68
N GLY A 323 -7.27 -11.15 18.46
CA GLY A 323 -7.40 -9.77 18.02
C GLY A 323 -6.11 -8.99 17.93
N THR A 324 -5.17 -9.28 18.83
CA THR A 324 -3.88 -8.60 18.80
C THR A 324 -2.81 -9.47 18.13
N ARG A 325 -2.58 -10.67 18.65
CA ARG A 325 -1.47 -11.48 18.14
C ARG A 325 -1.72 -12.06 16.74
N ASN A 326 -2.82 -12.79 16.57
CA ASN A 326 -3.05 -13.49 15.31
C ASN A 326 -3.41 -12.57 14.14
N LEU A 327 -4.13 -11.47 14.40
CA LEU A 327 -4.58 -10.65 13.28
C LEU A 327 -3.63 -9.48 13.05
N CYS A 328 -2.94 -9.04 14.10
CA CYS A 328 -2.07 -7.85 14.03
C CYS A 328 -0.56 -8.05 14.10
N ASP A 329 -0.05 -9.20 14.54
CA ASP A 329 1.40 -9.46 14.45
C ASP A 329 1.85 -9.24 13.01
N PRO A 330 3.01 -8.59 12.82
CA PRO A 330 3.59 -8.30 11.51
C PRO A 330 3.83 -9.55 10.67
N HIS A 331 4.10 -10.66 11.35
CA HIS A 331 4.41 -11.92 10.70
C HIS A 331 3.23 -12.90 10.73
N ARG A 332 2.05 -12.42 11.11
CA ARG A 332 0.82 -13.21 10.99
C ARG A 332 -0.09 -12.56 9.93
N TYR A 333 -1.36 -12.34 10.24
CA TYR A 333 -2.27 -11.74 9.25
C TYR A 333 -1.94 -10.27 9.00
N ASN A 334 -1.38 -9.59 10.01
CA ASN A 334 -0.84 -8.25 9.82
C ASN A 334 -1.85 -7.25 9.24
N ILE A 335 -3.04 -7.18 9.82
CA ILE A 335 -4.14 -6.40 9.24
C ILE A 335 -4.25 -4.95 9.71
N LEU A 336 -3.37 -4.55 10.63
CA LEU A 336 -3.46 -3.29 11.37
C LEU A 336 -3.62 -2.05 10.48
N GLU A 337 -2.76 -1.92 9.48
CA GLU A 337 -2.82 -0.77 8.60
C GLU A 337 -4.10 -0.83 7.73
N ASP A 338 -4.57 -2.04 7.43
CA ASP A 338 -5.79 -2.19 6.63
C ASP A 338 -6.94 -1.57 7.37
N VAL A 339 -7.05 -1.95 8.63
CA VAL A 339 -8.10 -1.45 9.51
C VAL A 339 -7.94 0.04 9.77
N ALA A 340 -6.72 0.52 10.02
CA ALA A 340 -6.52 1.96 10.27
C ALA A 340 -6.93 2.79 9.07
N VAL A 341 -6.58 2.33 7.88
CA VAL A 341 -7.00 3.00 6.66
C VAL A 341 -8.52 3.07 6.58
N CYS A 342 -9.19 1.97 6.92
CA CYS A 342 -10.64 1.95 6.93
C CYS A 342 -11.19 2.92 7.98
N MET A 343 -10.46 3.10 9.09
CA MET A 343 -10.93 4.00 10.13
C MET A 343 -10.62 5.44 9.80
N ASP A 344 -10.03 5.66 8.62
CA ASP A 344 -9.62 7.00 8.22
C ASP A 344 -8.68 7.65 9.25
N LEU A 345 -7.70 6.88 9.73
CA LEU A 345 -6.68 7.39 10.66
C LEU A 345 -5.44 7.84 9.90
N ASP A 346 -4.71 8.81 10.46
CA ASP A 346 -3.49 9.29 9.83
C ASP A 346 -2.34 8.32 10.10
N THR A 347 -1.94 7.58 9.06
CA THR A 347 -0.94 6.54 9.25
C THR A 347 0.46 6.92 8.81
N ARG A 348 0.73 8.21 8.60
CA ARG A 348 2.06 8.59 8.16
C ARG A 348 2.87 9.14 9.33
N THR A 349 2.23 9.30 10.48
CA THR A 349 2.95 9.56 11.72
C THR A 349 2.51 8.61 12.84
N THR A 350 3.44 8.23 13.71
CA THR A 350 3.12 7.29 14.78
C THR A 350 2.48 7.97 15.99
N SER A 351 2.67 9.27 16.14
CA SER A 351 2.16 9.95 17.32
C SER A 351 0.65 10.15 17.27
N SER A 352 0.02 9.80 16.14
CA SER A 352 -1.44 9.76 16.10
C SER A 352 -1.96 8.53 16.84
N LEU A 353 -1.08 7.56 17.08
CA LEU A 353 -1.43 6.29 17.73
C LEU A 353 -2.46 5.51 16.92
N TRP A 354 -2.38 5.67 15.60
CA TRP A 354 -3.25 4.93 14.68
C TRP A 354 -3.13 3.44 14.90
N LYS A 355 -1.93 2.98 15.25
CA LYS A 355 -1.70 1.56 15.47
C LYS A 355 -2.51 1.09 16.66
N ASP A 356 -2.49 1.90 17.72
CA ASP A 356 -3.17 1.57 18.97
C ASP A 356 -4.71 1.59 18.82
N LYS A 357 -5.20 2.62 18.14
CA LYS A 357 -6.63 2.83 18.03
C LYS A 357 -7.27 1.70 17.22
N ALA A 358 -6.55 1.25 16.21
CA ALA A 358 -7.05 0.17 15.36
C ALA A 358 -6.96 -1.20 16.04
N ALA A 359 -5.88 -1.43 16.79
CA ALA A 359 -5.75 -2.68 17.53
C ALA A 359 -6.90 -2.89 18.52
N VAL A 360 -7.23 -1.83 19.26
CA VAL A 360 -8.35 -1.83 20.20
C VAL A 360 -9.67 -2.14 19.48
N GLU A 361 -9.90 -1.52 18.34
CA GLU A 361 -11.15 -1.78 17.65
C GLU A 361 -11.21 -3.21 17.11
N ILE A 362 -10.08 -3.75 16.66
CA ILE A 362 -10.04 -5.13 16.20
C ILE A 362 -10.37 -6.08 17.35
N ASN A 363 -9.84 -5.75 18.52
CA ASN A 363 -10.15 -6.50 19.73
C ASN A 363 -11.62 -6.39 20.14
N VAL A 364 -12.19 -5.20 19.99
CA VAL A 364 -13.62 -4.97 20.22
C VAL A 364 -14.44 -5.90 19.32
N ALA A 365 -14.07 -5.95 18.04
CA ALA A 365 -14.77 -6.77 17.06
C ALA A 365 -14.68 -8.27 17.39
N VAL A 366 -13.53 -8.70 17.89
CA VAL A 366 -13.38 -10.10 18.26
C VAL A 366 -14.34 -10.41 19.41
N LEU A 367 -14.27 -9.60 20.47
CA LEU A 367 -15.13 -9.76 21.64
C LEU A 367 -16.62 -9.73 21.27
N HIS A 368 -17.01 -8.75 20.47
CA HIS A 368 -18.40 -8.57 20.04
C HIS A 368 -18.92 -9.74 19.22
N SER A 369 -18.09 -10.19 18.27
CA SER A 369 -18.49 -11.26 17.37
C SER A 369 -18.65 -12.61 18.09
N TYR A 370 -17.75 -12.92 19.02
CA TYR A 370 -17.82 -14.16 19.78
C TYR A 370 -19.06 -14.19 20.67
N GLN A 371 -19.34 -13.05 21.29
CA GLN A 371 -20.50 -12.94 22.15
C GLN A 371 -21.79 -13.01 21.36
N LEU A 372 -21.81 -12.38 20.19
CA LEU A 372 -23.00 -12.37 19.36
C LEU A 372 -23.28 -13.80 18.91
N ALA A 373 -22.21 -14.55 18.66
CA ALA A 373 -22.31 -15.93 18.19
C ALA A 373 -22.41 -16.93 19.35
N LYS A 374 -22.43 -16.42 20.58
CA LYS A 374 -22.60 -17.25 21.78
C LYS A 374 -21.45 -18.25 21.92
N VAL A 375 -20.27 -17.84 21.49
CA VAL A 375 -19.08 -18.67 21.67
C VAL A 375 -18.22 -18.13 22.81
N THR A 376 -17.84 -19.02 23.72
CA THR A 376 -17.07 -18.67 24.90
C THR A 376 -15.80 -17.89 24.58
N ILE A 377 -15.58 -16.79 25.29
CA ILE A 377 -14.34 -16.01 25.12
C ILE A 377 -14.14 -15.12 26.33
N VAL A 378 -12.88 -14.77 26.62
CA VAL A 378 -12.65 -13.88 27.74
C VAL A 378 -11.74 -12.73 27.30
N ASP A 379 -11.99 -11.53 27.82
CA ASP A 379 -11.20 -10.36 27.48
C ASP A 379 -9.99 -10.31 28.42
N HIS A 380 -8.95 -9.58 28.05
CA HIS A 380 -7.70 -9.64 28.82
C HIS A 380 -7.86 -9.10 30.25
N HIS A 381 -8.78 -8.17 30.47
CA HIS A 381 -9.04 -7.66 31.82
C HIS A 381 -9.65 -8.74 32.70
N ALA A 382 -10.75 -9.32 32.23
CA ALA A 382 -11.40 -10.38 32.99
C ALA A 382 -10.40 -11.49 33.30
N ALA A 383 -9.66 -11.94 32.28
CA ALA A 383 -8.74 -13.06 32.45
C ALA A 383 -7.59 -12.79 33.44
N THR A 384 -7.03 -11.59 33.44
CA THR A 384 -5.92 -11.30 34.36
C THR A 384 -6.40 -11.08 35.78
N ALA A 385 -7.57 -10.46 35.94
CA ALA A 385 -8.21 -10.42 37.25
C ALA A 385 -8.42 -11.84 37.82
N SER A 386 -8.80 -12.80 36.97
CA SER A 386 -8.98 -14.16 37.44
CA SER A 386 -8.96 -14.18 37.40
C SER A 386 -7.63 -14.78 37.84
N PHE A 387 -6.58 -14.46 37.09
CA PHE A 387 -5.28 -15.05 37.37
C PHE A 387 -4.73 -14.53 38.70
N MET A 388 -5.04 -13.28 39.02
CA MET A 388 -4.67 -12.72 40.31
C MET A 388 -5.30 -13.53 41.44
N LYS A 389 -6.58 -13.85 41.28
CA LYS A 389 -7.27 -14.70 42.25
C LYS A 389 -6.61 -16.06 42.34
N HIS A 390 -6.22 -16.59 41.18
CA HIS A 390 -5.54 -17.87 41.12
C HIS A 390 -4.21 -17.84 41.89
N LEU A 391 -3.49 -16.71 41.79
CA LEU A 391 -2.22 -16.58 42.50
C LEU A 391 -2.45 -16.68 43.99
N GLU A 392 -3.49 -16.02 44.48
CA GLU A 392 -3.81 -16.04 45.89
C GLU A 392 -4.21 -17.45 46.32
N ASN A 393 -5.03 -18.13 45.51
CA ASN A 393 -5.43 -19.49 45.86
C ASN A 393 -4.25 -20.41 45.91
N GLU A 394 -3.32 -20.23 44.98
CA GLU A 394 -2.18 -21.13 44.89
C GLU A 394 -1.20 -20.86 46.03
N GLN A 395 -1.10 -19.61 46.41
CA GLN A 395 -0.24 -19.21 47.51
C GLN A 395 -0.71 -19.88 48.80
N LYS A 396 -2.01 -20.10 48.91
CA LYS A 396 -2.54 -20.73 50.11
C LYS A 396 -2.52 -22.23 49.93
N ALA A 397 -2.76 -22.68 48.70
CA ALA A 397 -2.76 -24.10 48.39
C ALA A 397 -1.36 -24.73 48.42
N ARG A 398 -0.40 -24.12 47.71
CA ARG A 398 0.92 -24.72 47.56
C ARG A 398 2.09 -23.82 47.98
N GLY A 399 1.79 -22.64 48.52
CA GLY A 399 2.84 -21.73 48.93
C GLY A 399 3.60 -21.12 47.77
N GLY A 400 2.89 -20.80 46.69
CA GLY A 400 3.52 -20.21 45.53
C GLY A 400 2.88 -20.66 44.22
N CYS A 401 3.39 -20.12 43.12
CA CYS A 401 2.83 -20.40 41.81
C CYS A 401 3.81 -19.98 40.72
N PRO A 402 4.30 -20.94 39.94
CA PRO A 402 5.22 -20.55 38.86
C PRO A 402 4.52 -19.75 37.76
N ALA A 403 5.10 -18.58 37.50
CA ALA A 403 4.49 -17.67 36.53
C ALA A 403 5.55 -16.91 35.74
N ASP A 404 5.29 -16.82 34.44
CA ASP A 404 6.14 -16.15 33.46
C ASP A 404 5.49 -14.81 33.11
N TRP A 405 6.01 -13.76 33.73
CA TRP A 405 5.50 -12.40 33.60
C TRP A 405 5.24 -12.00 32.14
N ALA A 406 6.23 -12.24 31.27
CA ALA A 406 6.18 -11.84 29.86
C ALA A 406 5.00 -12.44 29.09
N TRP A 407 4.55 -13.60 29.54
CA TRP A 407 3.42 -14.26 28.89
C TRP A 407 2.10 -14.01 29.62
N ILE A 408 2.15 -13.74 30.92
CA ILE A 408 0.92 -13.50 31.67
C ILE A 408 0.38 -12.10 31.35
N VAL A 409 1.24 -11.11 31.36
CA VAL A 409 0.86 -9.76 30.93
C VAL A 409 0.37 -9.75 29.44
N PRO A 410 -0.82 -9.21 29.20
CA PRO A 410 -1.39 -9.17 27.84
C PRO A 410 -0.60 -8.29 26.84
N PRO A 411 -0.63 -8.61 25.54
CA PRO A 411 0.08 -7.88 24.47
C PRO A 411 -0.52 -6.51 24.13
N ILE A 412 -1.63 -6.12 24.76
CA ILE A 412 -2.08 -4.73 24.72
C ILE A 412 -2.50 -4.30 26.11
N SER A 413 -2.46 -2.99 26.36
CA SER A 413 -2.88 -2.45 27.66
C SER A 413 -2.27 -3.15 28.89
N GLY A 414 -1.06 -3.69 28.74
CA GLY A 414 -0.43 -4.47 29.80
C GLY A 414 -0.55 -3.86 31.19
N SER A 415 -0.15 -2.61 31.36
CA SER A 415 -0.14 -1.99 32.68
C SER A 415 -1.53 -1.57 33.15
N LEU A 416 -2.53 -1.70 32.26
CA LEU A 416 -3.92 -1.48 32.67
C LEU A 416 -4.48 -2.72 33.40
N THR A 417 -3.74 -3.83 33.32
CA THR A 417 -4.13 -5.07 33.99
C THR A 417 -3.34 -5.26 35.29
N PRO A 418 -3.93 -5.94 36.28
CA PRO A 418 -3.26 -6.08 37.58
C PRO A 418 -1.99 -6.91 37.57
N VAL A 419 -1.88 -7.91 36.68
CA VAL A 419 -0.69 -8.76 36.66
C VAL A 419 0.60 -7.99 36.28
N PHE A 420 0.45 -6.84 35.66
CA PHE A 420 1.60 -6.02 35.30
C PHE A 420 2.39 -5.61 36.53
N HIS A 421 1.64 -5.28 37.58
CA HIS A 421 2.18 -4.80 38.84
C HIS A 421 2.54 -5.91 39.82
N GLN A 422 2.41 -7.15 39.37
CA GLN A 422 2.68 -8.28 40.23
C GLN A 422 4.01 -8.94 39.90
N GLU A 423 4.96 -8.83 40.82
CA GLU A 423 6.22 -9.58 40.68
C GLU A 423 5.92 -11.06 40.63
N MET A 424 6.67 -11.79 39.81
CA MET A 424 6.42 -13.22 39.67
C MET A 424 7.71 -14.07 39.70
N VAL A 425 7.55 -15.34 40.06
CA VAL A 425 8.66 -16.28 40.05
C VAL A 425 8.40 -17.41 39.05
N ASN A 426 9.34 -17.59 38.13
CA ASN A 426 9.20 -18.59 37.06
C ASN A 426 10.10 -19.79 37.27
N TYR A 427 9.50 -20.99 37.25
CA TYR A 427 10.23 -22.25 37.44
C TYR A 427 9.47 -23.46 36.89
N PHE A 428 10.15 -24.60 36.81
CA PHE A 428 9.58 -25.78 36.17
C PHE A 428 9.20 -26.87 37.19
N LEU A 429 7.90 -27.12 37.34
CA LEU A 429 7.43 -28.27 38.11
C LEU A 429 7.03 -29.39 37.17
N SER A 430 6.94 -30.60 37.72
CA SER A 430 6.42 -31.76 37.01
C SER A 430 5.21 -32.26 37.79
N PRO A 431 4.19 -32.81 37.11
CA PRO A 431 3.96 -32.98 35.67
C PRO A 431 3.99 -31.66 34.90
N ALA A 432 4.29 -31.74 33.61
CA ALA A 432 4.44 -30.54 32.82
C ALA A 432 4.07 -30.73 31.35
N PHE A 433 3.66 -29.65 30.70
CA PHE A 433 3.61 -29.59 29.25
C PHE A 433 4.91 -28.96 28.76
N ARG A 434 5.60 -29.67 27.87
CA ARG A 434 6.88 -29.22 27.34
C ARG A 434 6.85 -29.12 25.81
N TYR A 435 7.73 -28.31 25.25
CA TYR A 435 7.88 -28.26 23.80
C TYR A 435 8.63 -29.50 23.34
N GLN A 436 8.44 -29.89 22.08
CA GLN A 436 9.14 -31.06 21.58
C GLN A 436 9.59 -30.82 20.15
N PRO A 437 10.64 -31.53 19.70
CA PRO A 437 11.07 -31.31 18.33
C PRO A 437 9.98 -31.68 17.36
N ASP A 438 10.08 -31.21 16.13
CA ASP A 438 9.12 -31.57 15.11
C ASP A 438 9.26 -33.04 14.73
N PRO A 439 8.16 -33.70 14.35
CA PRO A 439 8.24 -35.11 13.99
C PRO A 439 9.01 -35.32 12.69
N TRP A 440 9.06 -34.30 11.84
CA TRP A 440 9.79 -34.42 10.59
C TRP A 440 11.21 -33.85 10.70
N PHE B 28 27.64 -19.20 24.11
CA PHE B 28 26.96 -17.90 24.05
C PHE B 28 25.50 -18.05 23.69
N PRO B 29 24.64 -17.32 24.42
CA PRO B 29 23.17 -17.30 24.21
C PRO B 29 22.75 -17.00 22.78
N ARG B 30 22.06 -17.95 22.16
CA ARG B 30 21.39 -17.73 20.88
C ARG B 30 20.16 -16.87 21.12
N VAL B 31 19.98 -15.87 20.28
CA VAL B 31 18.94 -14.87 20.50
C VAL B 31 18.23 -14.59 19.20
N LYS B 32 16.91 -14.74 19.20
CA LYS B 32 16.11 -14.68 17.99
C LYS B 32 15.07 -13.54 17.98
N ASN B 33 14.91 -12.92 16.81
CA ASN B 33 13.78 -12.02 16.58
C ASN B 33 12.66 -12.79 15.86
N TRP B 34 11.46 -12.82 16.44
CA TRP B 34 10.39 -13.65 15.87
C TRP B 34 9.56 -12.94 14.80
N GLU B 35 9.74 -11.64 14.62
CA GLU B 35 9.06 -10.94 13.53
C GLU B 35 9.76 -11.24 12.21
N VAL B 36 11.09 -11.26 12.26
CA VAL B 36 11.94 -11.32 11.08
C VAL B 36 12.53 -12.71 10.86
N GLY B 37 12.72 -13.44 11.96
CA GLY B 37 13.31 -14.76 11.91
C GLY B 37 14.80 -14.72 12.17
N SER B 38 15.36 -13.52 12.24
CA SER B 38 16.80 -13.32 12.40
C SER B 38 17.36 -13.82 13.74
N ILE B 39 18.61 -14.27 13.73
CA ILE B 39 19.22 -14.83 14.93
C ILE B 39 20.62 -14.26 15.18
N THR B 40 20.89 -13.89 16.43
CA THR B 40 22.23 -13.47 16.82
C THR B 40 22.71 -14.23 18.05
N TYR B 41 23.97 -13.99 18.42
CA TYR B 41 24.53 -14.51 19.65
C TYR B 41 25.07 -13.36 20.51
N ASP B 42 24.68 -13.35 21.78
CA ASP B 42 25.16 -12.33 22.73
C ASP B 42 26.46 -12.76 23.43
N THR B 43 27.61 -12.43 22.83
CA THR B 43 28.89 -12.78 23.44
C THR B 43 29.31 -11.75 24.48
N LEU B 44 28.65 -10.60 24.49
CA LEU B 44 28.97 -9.57 25.46
C LEU B 44 28.55 -9.97 26.88
N SER B 45 27.52 -10.81 26.97
CA SER B 45 26.99 -11.21 28.27
C SER B 45 28.01 -11.99 29.09
N ALA B 46 29.01 -12.56 28.43
CA ALA B 46 30.06 -13.28 29.14
C ALA B 46 31.00 -12.35 29.90
N GLN B 47 30.97 -11.07 29.55
CA GLN B 47 31.77 -10.06 30.25
C GLN B 47 31.07 -9.57 31.53
N ALA B 48 29.90 -10.13 31.83
CA ALA B 48 29.15 -9.72 33.01
C ALA B 48 29.93 -10.11 34.25
N GLN B 49 30.27 -9.14 35.09
CA GLN B 49 31.04 -9.41 36.30
C GLN B 49 30.35 -8.86 37.55
N GLN B 50 29.02 -8.95 37.55
CA GLN B 50 28.26 -8.73 38.76
C GLN B 50 26.93 -9.45 38.61
N ASP B 51 26.55 -10.18 39.66
CA ASP B 51 25.48 -11.16 39.55
C ASP B 51 24.08 -10.62 39.79
N GLY B 52 23.15 -11.10 38.97
CA GLY B 52 21.75 -10.77 39.10
C GLY B 52 21.02 -11.81 39.93
N PRO B 53 19.67 -11.78 39.86
CA PRO B 53 18.93 -12.52 40.86
C PRO B 53 18.50 -13.93 40.45
N CYS B 54 18.81 -14.34 39.23
CA CYS B 54 18.27 -15.59 38.68
C CYS B 54 19.21 -16.73 38.97
N THR B 55 18.66 -17.94 38.92
CA THR B 55 19.43 -19.18 38.98
C THR B 55 18.82 -20.16 37.99
N PRO B 56 19.54 -21.24 37.67
CA PRO B 56 18.99 -22.29 36.82
C PRO B 56 17.69 -22.87 37.36
N ARG B 57 17.42 -22.70 38.66
CA ARG B 57 16.22 -23.25 39.26
C ARG B 57 14.99 -22.34 39.22
N ARG B 58 15.18 -21.02 39.20
CA ARG B 58 14.07 -20.05 39.23
C ARG B 58 14.49 -18.70 38.67
N CYS B 59 13.66 -18.11 37.82
CA CYS B 59 13.97 -16.80 37.24
C CYS B 59 13.24 -15.69 37.98
N LEU B 60 13.97 -14.62 38.31
CA LEU B 60 13.45 -13.50 39.07
C LEU B 60 13.60 -12.23 38.25
N GLY B 61 13.67 -12.43 36.94
CA GLY B 61 13.75 -11.33 36.01
C GLY B 61 12.75 -10.22 36.28
N SER B 62 11.57 -10.58 36.79
CA SER B 62 10.46 -9.62 36.96
C SER B 62 10.53 -8.80 38.25
N LEU B 63 11.44 -9.11 39.15
CA LEU B 63 11.61 -8.30 40.36
C LEU B 63 12.08 -6.87 40.03
N VAL B 64 11.47 -5.88 40.69
CA VAL B 64 11.80 -4.48 40.44
C VAL B 64 13.21 -4.16 40.90
N PHE B 65 13.54 -4.63 42.10
CA PHE B 65 14.90 -4.54 42.63
C PHE B 65 15.67 -5.84 42.44
N PRO B 66 16.49 -5.93 41.39
CA PRO B 66 17.22 -7.20 41.21
C PRO B 66 18.30 -7.41 42.27
N ARG B 67 18.48 -6.44 43.17
CA ARG B 67 19.41 -6.53 44.30
C ARG B 67 18.73 -6.43 45.66
N ALA B 79 39.41 -4.98 49.53
CA ALA B 79 39.06 -3.68 48.99
C ALA B 79 40.00 -3.24 47.85
N PRO B 80 41.31 -3.07 48.13
CA PRO B 80 42.13 -2.39 47.12
C PRO B 80 42.28 -3.19 45.81
N GLU B 81 42.39 -4.51 45.92
CA GLU B 81 42.66 -5.34 44.76
C GLU B 81 41.47 -5.44 43.80
N GLN B 82 40.25 -5.37 44.32
CA GLN B 82 39.11 -5.45 43.44
C GLN B 82 38.77 -4.05 42.92
N LEU B 83 39.11 -3.02 43.68
CA LEU B 83 39.05 -1.67 43.14
C LEU B 83 39.93 -1.57 41.90
N LEU B 84 41.17 -2.05 42.03
CA LEU B 84 42.13 -2.01 40.94
C LEU B 84 41.72 -2.84 39.71
N SER B 85 41.16 -4.03 39.92
CA SER B 85 40.74 -4.85 38.77
C SER B 85 39.52 -4.22 38.10
N GLN B 86 38.68 -3.56 38.89
CA GLN B 86 37.59 -2.75 38.39
C GLN B 86 38.10 -1.52 37.63
N ALA B 87 39.09 -0.87 38.22
CA ALA B 87 39.68 0.32 37.60
C ALA B 87 40.46 -0.03 36.33
N ARG B 88 41.30 -1.06 36.40
CA ARG B 88 42.03 -1.53 35.21
C ARG B 88 41.08 -1.87 34.07
N ASP B 89 39.97 -2.52 34.39
CA ASP B 89 39.02 -2.88 33.35
C ASP B 89 38.45 -1.63 32.70
N PHE B 90 38.12 -0.65 33.52
CA PHE B 90 37.53 0.57 33.02
C PHE B 90 38.51 1.34 32.12
N ILE B 91 39.74 1.57 32.61
CA ILE B 91 40.78 2.17 31.78
C ILE B 91 40.98 1.41 30.46
N ASN B 92 40.94 0.08 30.52
CA ASN B 92 41.01 -0.70 29.30
C ASN B 92 39.85 -0.35 28.37
N GLN B 93 38.67 -0.16 28.95
CA GLN B 93 37.48 0.17 28.17
C GLN B 93 37.70 1.51 27.49
N TYR B 94 38.25 2.45 28.24
CA TYR B 94 38.42 3.80 27.72
C TYR B 94 39.40 3.77 26.55
N TYR B 95 40.55 3.12 26.73
CA TYR B 95 41.57 3.17 25.69
C TYR B 95 41.13 2.36 24.47
N SER B 96 40.30 1.34 24.67
CA SER B 96 39.71 0.65 23.54
CA SER B 96 39.69 0.65 23.55
C SER B 96 38.82 1.63 22.75
N SER B 97 38.00 2.41 23.47
CA SER B 97 37.03 3.30 22.84
C SER B 97 37.66 4.33 21.92
N ILE B 98 38.86 4.81 22.25
CA ILE B 98 39.53 5.79 21.42
C ILE B 98 40.54 5.11 20.52
N LYS B 99 40.45 3.78 20.47
CA LYS B 99 41.35 2.93 19.69
C LYS B 99 42.83 3.28 19.90
N ARG B 100 43.24 3.29 21.16
CA ARG B 100 44.66 3.45 21.48
C ARG B 100 45.04 2.44 22.54
N SER B 101 44.53 1.22 22.38
CA SER B 101 44.84 0.14 23.30
CA SER B 101 44.83 0.12 23.29
C SER B 101 46.30 -0.31 23.20
N GLY B 102 46.90 -0.58 24.35
CA GLY B 102 48.28 -1.03 24.39
C GLY B 102 49.31 0.04 24.12
N SER B 103 48.86 1.26 23.83
CA SER B 103 49.76 2.38 23.61
C SER B 103 50.52 2.74 24.89
N GLN B 104 51.52 3.60 24.78
CA GLN B 104 52.23 4.03 25.97
C GLN B 104 51.33 4.80 26.92
N ALA B 105 50.40 5.56 26.37
CA ALA B 105 49.50 6.36 27.18
C ALA B 105 48.58 5.47 28.05
N HIS B 106 48.09 4.38 27.46
CA HIS B 106 47.24 3.40 28.13
C HIS B 106 47.99 2.76 29.30
N GLU B 107 49.12 2.16 28.97
CA GLU B 107 50.01 1.56 29.94
C GLU B 107 50.37 2.56 31.04
N GLN B 108 50.66 3.79 30.65
CA GLN B 108 51.04 4.80 31.61
C GLN B 108 49.91 5.12 32.58
N ARG B 109 48.70 5.24 32.05
CA ARG B 109 47.56 5.59 32.87
C ARG B 109 47.23 4.45 33.85
N LEU B 110 47.31 3.21 33.38
CA LEU B 110 47.17 2.05 34.26
C LEU B 110 48.15 2.15 35.45
N GLN B 111 49.40 2.46 35.15
CA GLN B 111 50.42 2.46 36.19
C GLN B 111 50.16 3.60 37.18
N GLU B 112 49.69 4.73 36.64
CA GLU B 112 49.29 5.87 37.43
C GLU B 112 48.13 5.57 38.39
N VAL B 113 47.10 4.89 37.89
CA VAL B 113 45.96 4.56 38.75
C VAL B 113 46.37 3.60 39.86
N GLU B 114 47.18 2.61 39.49
CA GLU B 114 47.73 1.64 40.42
C GLU B 114 48.51 2.32 41.54
N ALA B 115 49.25 3.37 41.20
CA ALA B 115 50.09 4.06 42.15
C ALA B 115 49.24 4.88 43.11
N GLU B 116 48.21 5.52 42.56
CA GLU B 116 47.34 6.36 43.36
C GLU B 116 46.54 5.51 44.32
N VAL B 117 46.09 4.35 43.83
CA VAL B 117 45.36 3.42 44.68
C VAL B 117 46.28 2.95 45.80
N ALA B 118 47.53 2.67 45.46
CA ALA B 118 48.48 2.18 46.46
C ALA B 118 48.73 3.23 47.53
N ALA B 119 48.84 4.49 47.11
CA ALA B 119 49.14 5.59 48.04
C ALA B 119 47.95 6.05 48.85
N THR B 120 46.78 6.13 48.22
CA THR B 120 45.65 6.80 48.85
C THR B 120 44.51 5.88 49.20
N GLY B 121 44.48 4.71 48.57
CA GLY B 121 43.37 3.79 48.73
C GLY B 121 42.26 4.06 47.73
N THR B 122 42.45 5.07 46.87
CA THR B 122 41.47 5.43 45.84
C THR B 122 42.15 6.08 44.62
N TYR B 123 41.37 6.67 43.72
CA TYR B 123 41.96 7.41 42.61
C TYR B 123 40.96 8.40 42.05
N GLN B 124 41.41 9.24 41.13
CA GLN B 124 40.51 10.21 40.53
C GLN B 124 40.49 10.00 39.03
N LEU B 125 39.30 10.03 38.46
CA LEU B 125 39.17 9.97 37.02
C LEU B 125 39.69 11.25 36.36
N ARG B 126 40.38 11.09 35.23
CA ARG B 126 40.58 12.22 34.34
C ARG B 126 39.21 12.67 33.83
N GLU B 127 39.10 13.91 33.38
CA GLU B 127 37.82 14.43 32.91
C GLU B 127 37.29 13.60 31.76
N SER B 128 38.17 13.34 30.80
CA SER B 128 37.82 12.56 29.62
CA SER B 128 37.83 12.56 29.62
C SER B 128 37.25 11.19 29.99
N GLU B 129 37.80 10.58 31.06
CA GLU B 129 37.37 9.27 31.54
C GLU B 129 35.96 9.34 32.13
N LEU B 130 35.71 10.40 32.90
CA LEU B 130 34.38 10.66 33.47
C LEU B 130 33.29 10.81 32.40
N VAL B 131 33.58 11.60 31.38
CA VAL B 131 32.67 11.82 30.27
C VAL B 131 32.24 10.50 29.64
N PHE B 132 33.24 9.70 29.29
CA PHE B 132 33.07 8.36 28.72
C PHE B 132 32.38 7.41 29.70
N GLY B 133 32.83 7.42 30.95
CA GLY B 133 32.19 6.64 32.01
C GLY B 133 30.69 6.86 32.09
N ALA B 134 30.27 8.13 32.16
CA ALA B 134 28.86 8.44 32.29
C ALA B 134 28.07 7.94 31.07
N LYS B 135 28.63 8.16 29.88
CA LYS B 135 28.00 7.71 28.65
C LYS B 135 27.90 6.19 28.63
N GLN B 136 28.90 5.51 29.18
CA GLN B 136 28.92 4.06 29.19
C GLN B 136 27.89 3.49 30.15
N ALA B 137 27.72 4.15 31.29
CA ALA B 137 26.71 3.74 32.26
C ALA B 137 25.32 3.80 31.63
N TRP B 138 25.05 4.90 30.92
CA TRP B 138 23.78 5.04 30.18
C TRP B 138 23.69 3.92 29.15
N ARG B 139 24.76 3.74 28.38
CA ARG B 139 24.83 2.71 27.37
C ARG B 139 24.58 1.31 27.94
N ASN B 140 25.00 1.10 29.18
CA ASN B 140 24.86 -0.21 29.81
C ASN B 140 23.52 -0.49 30.53
N ALA B 141 22.63 0.50 30.62
CA ALA B 141 21.41 0.33 31.41
C ALA B 141 20.35 -0.56 30.71
N PRO B 142 20.18 -1.80 31.19
CA PRO B 142 19.29 -2.75 30.48
C PRO B 142 17.87 -2.23 30.33
N ARG B 143 17.42 -1.41 31.27
CA ARG B 143 16.05 -0.98 31.27
C ARG B 143 15.76 0.33 30.50
N CYS B 144 16.77 0.92 29.85
CA CYS B 144 16.53 2.19 29.10
C CYS B 144 16.22 1.91 27.63
N VAL B 145 15.02 2.26 27.18
CA VAL B 145 14.68 2.11 25.78
C VAL B 145 15.26 3.25 24.92
N GLY B 146 15.77 4.30 25.57
CA GLY B 146 16.30 5.44 24.83
C GLY B 146 17.79 5.47 24.47
N ARG B 147 18.44 4.31 24.41
CA ARG B 147 19.90 4.26 24.32
C ARG B 147 20.46 4.52 22.93
N ILE B 148 19.61 4.65 21.92
CA ILE B 148 20.11 5.06 20.61
C ILE B 148 20.89 6.40 20.72
N GLN B 149 20.52 7.19 21.72
CA GLN B 149 21.07 8.51 21.98
C GLN B 149 22.37 8.53 22.82
N TRP B 150 22.83 7.35 23.28
CA TRP B 150 23.75 7.25 24.42
C TRP B 150 25.05 8.06 24.27
N GLY B 151 25.46 8.37 23.04
CA GLY B 151 26.68 9.12 22.81
C GLY B 151 26.46 10.61 22.81
N LYS B 152 25.21 11.03 22.76
CA LYS B 152 24.87 12.45 22.86
C LYS B 152 24.45 12.74 24.29
N LEU B 153 25.45 13.01 25.11
CA LEU B 153 25.22 13.26 26.52
C LEU B 153 26.13 14.39 26.92
N GLN B 154 25.55 15.42 27.54
CA GLN B 154 26.33 16.54 28.02
C GLN B 154 26.72 16.29 29.47
N VAL B 155 28.02 16.21 29.74
CA VAL B 155 28.49 15.85 31.08
C VAL B 155 28.98 17.09 31.83
N PHE B 156 28.24 17.53 32.85
CA PHE B 156 28.72 18.62 33.68
C PHE B 156 29.53 18.08 34.86
N ASP B 157 30.78 18.49 34.96
CA ASP B 157 31.68 18.01 36.00
C ASP B 157 31.57 18.92 37.24
N ALA B 158 30.87 18.47 38.28
CA ALA B 158 30.77 19.22 39.53
C ALA B 158 31.53 18.57 40.69
N ARG B 159 32.63 17.88 40.39
CA ARG B 159 33.39 17.23 41.45
C ARG B 159 34.13 18.21 42.40
N ASP B 160 34.14 19.50 42.09
CA ASP B 160 34.77 20.47 43.00
C ASP B 160 33.74 21.08 43.95
N CYS B 161 32.52 20.58 43.87
CA CYS B 161 31.41 21.09 44.67
C CYS B 161 31.66 20.91 46.16
N ARG B 162 31.32 21.92 46.95
CA ARG B 162 31.75 21.95 48.35
C ARG B 162 30.63 22.28 49.32
N SER B 163 29.46 22.62 48.80
CA SER B 163 28.37 22.98 49.69
C SER B 163 27.03 22.63 49.08
N ALA B 164 25.98 22.60 49.89
CA ALA B 164 24.66 22.29 49.35
C ALA B 164 24.18 23.47 48.51
N GLN B 165 24.57 24.67 48.94
CA GLN B 165 24.20 25.87 48.21
C GLN B 165 24.78 25.78 46.80
N GLU B 166 26.00 25.28 46.71
CA GLU B 166 26.69 25.15 45.44
C GLU B 166 26.07 24.05 44.58
N MET B 167 25.54 23.01 45.23
CA MET B 167 24.77 21.97 44.51
C MET B 167 23.65 22.59 43.71
N PHE B 168 22.89 23.45 44.40
CA PHE B 168 21.67 24.03 43.88
C PHE B 168 21.99 24.80 42.61
N THR B 169 23.10 25.53 42.66
CA THR B 169 23.61 26.26 41.51
C THR B 169 23.88 25.33 40.33
N TYR B 170 24.61 24.26 40.60
CA TYR B 170 24.89 23.25 39.61
C TYR B 170 23.60 22.60 39.03
N ILE B 171 22.58 22.46 39.87
CA ILE B 171 21.35 21.80 39.49
C ILE B 171 20.50 22.70 38.59
N CYS B 172 20.39 23.96 38.98
CA CYS B 172 19.70 24.97 38.21
C CYS B 172 20.34 25.11 36.83
N ASN B 173 21.67 25.17 36.79
CA ASN B 173 22.32 25.19 35.48
C ASN B 173 22.06 23.92 34.68
N HIS B 174 21.99 22.76 35.34
CA HIS B 174 21.61 21.53 34.67
C HIS B 174 20.23 21.71 34.03
N ILE B 175 19.26 22.14 34.83
CA ILE B 175 17.88 22.22 34.38
C ILE B 175 17.78 23.21 33.23
N LYS B 176 18.56 24.29 33.32
CA LYS B 176 18.58 25.32 32.30
C LYS B 176 19.08 24.74 31.00
N TYR B 177 20.23 24.06 31.04
CA TYR B 177 20.81 23.51 29.82
C TYR B 177 19.88 22.44 29.16
N ALA B 178 19.26 21.59 29.99
CA ALA B 178 18.55 20.39 29.54
C ALA B 178 17.22 20.71 28.93
N THR B 179 16.52 21.63 29.59
CA THR B 179 15.23 22.14 29.18
C THR B 179 15.32 22.87 27.85
N ASN B 180 16.26 23.82 27.79
CA ASN B 180 16.57 24.55 26.56
C ASN B 180 15.26 25.03 25.92
N ARG B 181 14.44 25.64 26.76
CA ARG B 181 13.15 26.21 26.35
C ARG B 181 12.26 25.24 25.58
N GLY B 182 12.35 23.95 25.92
CA GLY B 182 11.49 22.94 25.31
C GLY B 182 12.18 22.02 24.32
N ASN B 183 13.30 22.46 23.77
CA ASN B 183 14.12 21.60 22.92
C ASN B 183 15.14 20.79 23.76
N LEU B 184 14.69 19.64 24.25
CA LEU B 184 15.42 18.97 25.35
C LEU B 184 16.76 18.39 24.95
N ARG B 185 17.71 18.49 25.87
CA ARG B 185 19.05 17.97 25.66
C ARG B 185 19.45 17.11 26.83
N SER B 186 19.93 15.92 26.55
CA SER B 186 20.35 15.00 27.61
C SER B 186 21.59 15.53 28.32
N ALA B 187 21.59 15.43 29.64
CA ALA B 187 22.74 15.87 30.41
C ALA B 187 22.90 15.07 31.68
N ILE B 188 24.11 15.09 32.24
CA ILE B 188 24.33 14.55 33.55
C ILE B 188 25.30 15.49 34.31
N THR B 189 25.00 15.69 35.58
CA THR B 189 25.87 16.48 36.42
C THR B 189 26.44 15.54 37.47
N VAL B 190 27.77 15.44 37.54
CA VAL B 190 28.43 14.55 38.50
C VAL B 190 29.07 15.30 39.66
N PHE B 191 28.49 15.09 40.83
CA PHE B 191 28.99 15.63 42.09
C PHE B 191 30.13 14.76 42.63
N PRO B 192 30.85 15.21 43.69
CA PRO B 192 32.04 14.46 44.12
C PRO B 192 31.80 12.99 44.46
N GLN B 193 32.86 12.19 44.36
CA GLN B 193 32.76 10.77 44.62
C GLN B 193 32.74 10.45 46.11
N ARG B 194 32.11 9.34 46.42
CA ARG B 194 32.22 8.75 47.74
C ARG B 194 33.67 8.62 48.17
N CYS B 195 33.95 9.02 49.41
N CYS B 195 33.98 9.04 49.39
CA CYS B 195 35.31 8.94 49.95
CA CYS B 195 35.32 8.87 49.92
C CYS B 195 35.31 8.61 51.45
C CYS B 195 35.34 8.63 51.43
N PRO B 196 36.29 7.82 51.91
CA PRO B 196 36.49 7.50 53.33
C PRO B 196 36.48 8.73 54.26
N GLY B 197 35.81 8.60 55.40
CA GLY B 197 35.81 9.64 56.42
C GLY B 197 35.16 10.96 56.04
N ARG B 198 34.16 10.88 55.18
CA ARG B 198 33.40 12.06 54.76
C ARG B 198 32.06 11.60 54.21
N GLY B 199 31.00 12.30 54.59
CA GLY B 199 29.67 11.96 54.11
C GLY B 199 29.52 12.12 52.61
N ASP B 200 28.48 11.48 52.08
CA ASP B 200 28.11 11.54 50.67
C ASP B 200 27.39 12.84 50.31
N PHE B 201 27.55 13.30 49.08
CA PHE B 201 26.60 14.25 48.53
C PHE B 201 25.33 13.45 48.16
N ARG B 202 24.15 13.95 48.54
CA ARG B 202 22.89 13.29 48.18
C ARG B 202 21.82 14.28 47.76
N ILE B 203 21.04 13.90 46.76
CA ILE B 203 19.78 14.59 46.44
C ILE B 203 18.65 13.68 46.92
N TRP B 204 17.86 14.15 47.87
CA TRP B 204 16.85 13.27 48.49
C TRP B 204 15.69 12.99 47.53
N ASN B 205 15.35 13.98 46.73
CA ASN B 205 14.27 13.85 45.73
C ASN B 205 14.63 12.79 44.71
N SER B 206 13.61 12.08 44.25
CA SER B 206 13.81 11.00 43.29
C SER B 206 14.07 11.59 41.91
N GLN B 207 13.45 12.73 41.66
CA GLN B 207 13.66 13.49 40.43
C GLN B 207 13.77 14.95 40.77
N LEU B 208 14.46 15.70 39.93
CA LEU B 208 14.60 17.14 40.14
C LEU B 208 13.20 17.80 40.13
N VAL B 209 12.34 17.37 39.23
CA VAL B 209 10.99 17.92 39.21
C VAL B 209 10.00 16.82 39.60
N ARG B 210 9.21 17.07 40.63
CA ARG B 210 8.23 16.13 41.14
C ARG B 210 7.02 16.89 41.66
N TYR B 211 5.86 16.26 41.59
CA TYR B 211 4.66 16.89 42.12
C TYR B 211 4.43 16.42 43.55
N ALA B 212 3.99 17.34 44.40
CA ALA B 212 3.65 17.03 45.77
C ALA B 212 2.48 16.04 45.87
N GLY B 213 2.61 15.10 46.80
CA GLY B 213 1.53 14.20 47.15
C GLY B 213 1.21 14.34 48.63
N TYR B 214 0.10 15.00 48.93
CA TYR B 214 -0.33 15.18 50.31
C TYR B 214 -1.30 14.08 50.73
N ARG B 215 -0.94 13.33 51.76
CA ARG B 215 -1.84 12.29 52.24
C ARG B 215 -3.06 12.94 52.90
N GLN B 216 -4.21 12.80 52.27
CA GLN B 216 -5.44 13.17 52.94
C GLN B 216 -5.64 12.12 54.02
N GLN B 217 -6.17 12.52 55.18
CA GLN B 217 -6.34 11.60 56.30
C GLN B 217 -7.30 10.46 55.91
N ASP B 218 -8.09 10.73 54.87
CA ASP B 218 -8.95 9.74 54.21
C ASP B 218 -8.23 8.41 53.93
N GLY B 219 -6.91 8.45 53.85
CA GLY B 219 -6.11 7.32 53.41
C GLY B 219 -5.76 7.57 51.96
N SER B 220 -6.35 8.64 51.43
CA SER B 220 -6.18 9.05 50.04
C SER B 220 -5.01 10.00 49.87
N VAL B 221 -4.94 10.64 48.70
CA VAL B 221 -3.82 11.52 48.38
C VAL B 221 -4.24 12.64 47.43
N ARG B 222 -3.85 13.87 47.78
CA ARG B 222 -3.95 14.95 46.83
C ARG B 222 -2.60 15.14 46.17
N GLY B 223 -2.59 15.09 44.83
CA GLY B 223 -1.36 15.20 44.07
C GLY B 223 -0.83 13.84 43.67
N ASP B 224 0.49 13.68 43.68
CA ASP B 224 1.09 12.46 43.17
C ASP B 224 1.46 11.53 44.32
N PRO B 225 0.79 10.36 44.40
CA PRO B 225 1.02 9.36 45.46
C PRO B 225 2.43 8.79 45.51
N ALA B 226 3.13 8.77 44.38
CA ALA B 226 4.49 8.27 44.31
C ALA B 226 5.44 9.13 45.14
N ASN B 227 5.03 10.37 45.41
CA ASN B 227 5.92 11.32 46.06
C ASN B 227 5.43 11.75 47.45
N VAL B 228 4.78 10.83 48.16
CA VAL B 228 4.23 11.12 49.49
C VAL B 228 5.31 11.23 50.59
N GLU B 229 6.36 10.43 50.50
CA GLU B 229 7.37 10.42 51.55
C GLU B 229 8.28 11.64 51.44
N ILE B 230 8.70 11.97 50.23
CA ILE B 230 9.54 13.14 50.01
C ILE B 230 8.75 14.43 50.32
N THR B 231 7.43 14.35 50.16
CA THR B 231 6.55 15.50 50.41
C THR B 231 6.53 15.81 51.89
N GLU B 232 6.30 14.77 52.69
CA GLU B 232 6.15 14.98 54.13
C GLU B 232 7.49 15.30 54.76
N LEU B 233 8.57 14.85 54.13
CA LEU B 233 9.92 15.23 54.54
C LEU B 233 10.20 16.69 54.21
N CYS B 234 9.71 17.16 53.06
CA CYS B 234 9.93 18.55 52.68
C CYS B 234 9.30 19.45 53.72
N ILE B 235 8.08 19.08 54.11
CA ILE B 235 7.38 19.84 55.14
C ILE B 235 8.09 19.75 56.48
N GLN B 236 8.46 18.54 56.86
CA GLN B 236 9.18 18.30 58.12
C GLN B 236 10.49 19.09 58.18
N HIS B 237 10.98 19.50 57.01
CA HIS B 237 12.22 20.25 56.94
C HIS B 237 11.96 21.72 56.65
N GLY B 238 10.71 22.14 56.85
CA GLY B 238 10.37 23.55 56.81
C GLY B 238 9.58 24.08 55.63
N TRP B 239 9.28 23.26 54.63
CA TRP B 239 8.57 23.75 53.46
C TRP B 239 7.10 24.05 53.77
N THR B 240 6.67 25.26 53.47
CA THR B 240 5.24 25.56 53.53
C THR B 240 4.54 24.90 52.36
N PRO B 241 3.72 23.88 52.64
CA PRO B 241 3.09 23.06 51.61
C PRO B 241 1.97 23.78 50.86
N GLY B 242 1.51 23.17 49.76
CA GLY B 242 0.38 23.68 49.02
C GLY B 242 -0.82 22.76 49.21
N ASN B 243 -1.81 22.89 48.34
CA ASN B 243 -2.97 21.99 48.36
C ASN B 243 -3.50 21.67 46.95
N GLY B 244 -2.64 21.83 45.96
CA GLY B 244 -3.00 21.53 44.59
C GLY B 244 -2.57 20.13 44.22
N ARG B 245 -2.87 19.70 43.00
CA ARG B 245 -2.52 18.37 42.53
C ARG B 245 -1.19 18.39 41.76
N PHE B 246 -0.78 19.57 41.35
CA PHE B 246 0.47 19.71 40.61
C PHE B 246 1.39 20.76 41.22
N ASP B 247 1.68 20.60 42.50
CA ASP B 247 2.61 21.47 43.19
C ASP B 247 4.02 20.94 43.02
N VAL B 248 4.89 21.75 42.43
CA VAL B 248 6.28 21.36 42.25
C VAL B 248 7.00 21.38 43.60
N LEU B 249 7.63 20.26 43.94
CA LEU B 249 8.33 20.09 45.20
C LEU B 249 9.64 20.85 45.26
N PRO B 250 10.00 21.37 46.44
CA PRO B 250 11.34 21.92 46.60
C PRO B 250 12.40 20.81 46.57
N LEU B 251 13.66 21.17 46.51
CA LEU B 251 14.73 20.17 46.58
C LEU B 251 15.28 20.09 48.00
N LEU B 252 15.48 18.88 48.48
CA LEU B 252 16.27 18.64 49.69
C LEU B 252 17.65 18.24 49.25
N LEU B 253 18.63 19.15 49.38
CA LEU B 253 20.02 18.84 49.00
C LEU B 253 20.90 18.56 50.21
N GLN B 254 21.73 17.52 50.09
CA GLN B 254 22.56 17.08 51.18
C GLN B 254 24.04 17.18 50.86
N ALA B 255 24.73 18.05 51.58
CA ALA B 255 26.17 18.12 51.54
C ALA B 255 26.71 17.15 52.60
N PRO B 256 27.95 16.67 52.44
CA PRO B 256 28.57 15.74 53.39
C PRO B 256 28.42 16.14 54.84
N ASP B 257 27.92 15.21 55.66
CA ASP B 257 27.88 15.31 57.12
C ASP B 257 27.01 16.43 57.62
N GLU B 258 26.09 16.85 56.77
CA GLU B 258 25.19 17.95 57.07
C GLU B 258 23.77 17.50 56.78
N PRO B 259 22.80 17.94 57.59
CA PRO B 259 21.41 17.61 57.28
C PRO B 259 20.99 18.13 55.89
N PRO B 260 19.95 17.52 55.30
CA PRO B 260 19.47 18.02 54.02
C PRO B 260 19.05 19.47 54.13
N GLU B 261 19.32 20.26 53.09
CA GLU B 261 18.90 21.65 53.07
C GLU B 261 17.84 21.86 51.98
N LEU B 262 16.86 22.68 52.29
CA LEU B 262 15.71 22.92 51.43
C LEU B 262 15.94 24.10 50.48
N PHE B 263 15.82 23.87 49.17
CA PHE B 263 15.93 24.93 48.16
C PHE B 263 14.71 24.91 47.21
N LEU B 264 14.14 26.09 46.95
CA LEU B 264 13.00 26.21 46.03
C LEU B 264 13.45 26.34 44.59
N LEU B 265 12.81 25.63 43.67
CA LEU B 265 13.14 25.85 42.26
C LEU B 265 12.51 27.17 41.82
N PRO B 266 13.27 27.97 41.06
CA PRO B 266 12.72 29.20 40.45
C PRO B 266 11.65 28.83 39.45
N PRO B 267 10.41 29.31 39.66
CA PRO B 267 9.27 28.96 38.81
C PRO B 267 9.60 28.96 37.33
N GLU B 268 10.37 29.94 36.89
CA GLU B 268 10.68 30.12 35.47
C GLU B 268 11.64 29.08 34.94
N LEU B 269 12.18 28.25 35.84
CA LEU B 269 13.13 27.21 35.47
C LEU B 269 12.40 25.89 35.16
N VAL B 270 11.17 25.75 35.67
CA VAL B 270 10.42 24.49 35.59
C VAL B 270 9.37 24.56 34.47
N LEU B 271 9.71 24.01 33.32
CA LEU B 271 8.81 24.06 32.17
C LEU B 271 7.75 22.99 32.31
N GLU B 272 6.49 23.39 32.16
CA GLU B 272 5.37 22.46 32.28
C GLU B 272 4.47 22.56 31.05
N VAL B 273 3.75 21.48 30.76
CA VAL B 273 2.82 21.44 29.65
C VAL B 273 1.40 21.21 30.17
N PRO B 274 0.49 22.15 29.86
CA PRO B 274 -0.92 21.89 30.12
C PRO B 274 -1.40 20.78 29.21
N LEU B 275 -2.22 19.86 29.72
CA LEU B 275 -2.71 18.75 28.91
C LEU B 275 -4.10 19.05 28.33
N GLU B 276 -4.21 18.89 27.02
CA GLU B 276 -5.47 19.04 26.30
C GLU B 276 -5.49 17.98 25.24
N HIS B 277 -6.67 17.73 24.67
CA HIS B 277 -6.82 16.69 23.66
C HIS B 277 -7.15 17.36 22.32
N PRO B 278 -6.64 16.80 21.22
CA PRO B 278 -6.82 17.46 19.92
C PRO B 278 -8.29 17.52 19.48
N THR B 279 -9.09 16.53 19.83
CA THR B 279 -10.51 16.60 19.53
C THR B 279 -11.37 16.54 20.79
N LEU B 280 -10.84 16.21 21.97
CA LEU B 280 -11.76 16.21 23.13
C LEU B 280 -11.56 17.48 23.95
N GLU B 281 -12.41 18.46 23.70
CA GLU B 281 -12.23 19.81 24.22
C GLU B 281 -12.52 19.88 25.71
N TRP B 282 -13.33 18.96 26.21
CA TRP B 282 -13.60 18.92 27.64
C TRP B 282 -12.37 18.42 28.40
N PHE B 283 -11.47 17.72 27.70
CA PHE B 283 -10.25 17.18 28.34
C PHE B 283 -9.52 18.27 29.10
N ALA B 284 -9.42 19.45 28.48
CA ALA B 284 -8.64 20.55 29.07
C ALA B 284 -9.21 20.97 30.42
N ALA B 285 -10.50 20.72 30.61
CA ALA B 285 -11.17 21.14 31.83
C ALA B 285 -10.80 20.23 32.99
N LEU B 286 -10.17 19.09 32.71
CA LEU B 286 -9.66 18.24 33.78
C LEU B 286 -8.45 18.90 34.49
N GLY B 287 -7.90 19.96 33.87
CA GLY B 287 -6.83 20.73 34.49
C GLY B 287 -5.57 19.93 34.79
N LEU B 288 -5.23 19.05 33.86
CA LEU B 288 -4.07 18.19 33.99
C LEU B 288 -2.87 18.86 33.37
N ARG B 289 -1.69 18.48 33.84
CA ARG B 289 -0.44 19.04 33.36
C ARG B 289 0.69 18.10 33.71
N TRP B 290 1.79 18.20 32.98
CA TRP B 290 3.01 17.53 33.42
C TRP B 290 4.18 18.45 33.16
N TYR B 291 5.36 18.07 33.67
CA TYR B 291 6.55 18.86 33.46
C TYR B 291 7.37 18.28 32.32
N ALA B 292 8.22 19.12 31.71
CA ALA B 292 8.91 18.75 30.48
C ALA B 292 10.06 17.79 30.69
N LEU B 293 10.72 17.93 31.83
CA LEU B 293 12.05 17.39 32.02
C LEU B 293 12.04 16.24 33.00
N PRO B 294 12.32 15.02 32.51
CA PRO B 294 12.50 13.87 33.39
C PRO B 294 13.94 13.81 33.89
N ALA B 295 14.16 14.16 35.14
CA ALA B 295 15.53 14.27 35.66
C ALA B 295 15.72 13.45 36.94
N VAL B 296 16.20 12.24 36.76
CA VAL B 296 16.34 11.29 37.85
C VAL B 296 17.56 11.64 38.69
N SER B 297 17.34 11.81 39.99
CA SER B 297 18.33 12.37 40.88
C SER B 297 18.72 11.44 42.04
N ASN B 298 18.12 10.26 42.13
CA ASN B 298 18.44 9.38 43.26
C ASN B 298 19.23 8.09 42.93
N MET B 299 19.78 7.97 41.73
CA MET B 299 20.57 6.78 41.42
C MET B 299 22.07 6.99 41.70
N LEU B 300 22.79 5.89 41.85
CA LEU B 300 24.24 5.94 42.05
C LEU B 300 24.95 5.65 40.73
N LEU B 301 25.86 6.54 40.34
CA LEU B 301 26.72 6.28 39.19
C LEU B 301 28.01 5.57 39.65
N GLU B 302 28.36 4.47 38.98
CA GLU B 302 29.59 3.75 39.32
CA GLU B 302 29.57 3.70 39.32
C GLU B 302 30.47 3.61 38.09
N ILE B 303 31.68 4.15 38.21
CA ILE B 303 32.66 4.17 37.13
C ILE B 303 34.02 3.64 37.64
N GLY B 304 34.46 2.49 37.11
CA GLY B 304 35.74 1.89 37.45
C GLY B 304 36.03 1.76 38.92
N GLY B 305 35.01 1.38 39.69
CA GLY B 305 35.15 1.18 41.12
C GLY B 305 34.75 2.41 41.92
N LEU B 306 34.83 3.58 41.32
CA LEU B 306 34.43 4.77 42.04
C LEU B 306 32.92 4.88 42.05
N GLU B 307 32.37 5.42 43.12
CA GLU B 307 30.93 5.62 43.24
C GLU B 307 30.55 7.08 43.38
N PHE B 308 29.60 7.50 42.57
CA PHE B 308 29.08 8.85 42.65
C PHE B 308 27.61 8.80 43.09
N PRO B 309 27.37 8.92 44.41
CA PRO B 309 26.03 8.86 45.01
C PRO B 309 25.13 9.94 44.49
N ALA B 310 25.71 11.07 44.09
CA ALA B 310 24.92 12.16 43.54
C ALA B 310 25.36 12.44 42.12
N ALA B 311 24.49 12.14 41.16
CA ALA B 311 24.81 12.33 39.78
C ALA B 311 23.53 12.39 38.93
N PRO B 312 22.73 13.44 39.14
CA PRO B 312 21.45 13.56 38.43
C PRO B 312 21.62 13.57 36.93
N PHE B 313 20.71 12.91 36.20
CA PHE B 313 20.76 12.87 34.75
C PHE B 313 19.34 13.10 34.17
N SER B 314 19.25 13.55 32.93
CA SER B 314 17.94 13.81 32.35
C SER B 314 17.98 13.59 30.85
N GLY B 315 16.83 13.18 30.30
CA GLY B 315 16.71 12.98 28.88
C GLY B 315 15.48 13.73 28.39
N TRP B 316 14.56 13.01 27.76
CA TRP B 316 13.23 13.54 27.47
C TRP B 316 12.24 12.39 27.60
N TYR B 317 10.96 12.71 27.81
CA TYR B 317 9.95 11.68 28.08
C TYR B 317 9.56 10.81 26.90
N MET B 318 9.26 9.56 27.19
CA MET B 318 8.45 8.74 26.29
C MET B 318 7.01 8.91 26.77
N SER B 319 6.08 9.21 25.86
CA SER B 319 4.73 9.60 26.27
C SER B 319 4.00 8.56 27.12
N THR B 320 4.33 7.30 26.96
CA THR B 320 3.68 6.31 27.82
C THR B 320 4.02 6.51 29.30
N GLU B 321 5.17 7.11 29.65
CA GLU B 321 5.47 7.25 31.10
C GLU B 321 4.44 8.18 31.73
N ILE B 322 4.15 9.26 31.04
CA ILE B 322 3.15 10.20 31.50
C ILE B 322 1.74 9.65 31.21
N GLY B 323 1.50 9.30 29.96
CA GLY B 323 0.18 8.93 29.50
C GLY B 323 -0.43 7.70 30.17
N THR B 324 0.29 6.59 30.14
CA THR B 324 -0.17 5.35 30.73
C THR B 324 0.19 5.21 32.22
N ARG B 325 1.48 5.19 32.53
CA ARG B 325 1.93 4.98 33.92
C ARG B 325 1.51 6.10 34.86
N ASN B 326 2.03 7.31 34.67
CA ASN B 326 1.82 8.37 35.65
C ASN B 326 0.35 8.78 35.81
N LEU B 327 -0.39 8.86 34.72
CA LEU B 327 -1.78 9.27 34.87
C LEU B 327 -2.76 8.10 35.08
N CYS B 328 -2.44 6.91 34.57
CA CYS B 328 -3.44 5.84 34.65
C CYS B 328 -3.15 4.70 35.62
N ASP B 329 -1.94 4.62 36.19
CA ASP B 329 -1.69 3.64 37.25
C ASP B 329 -2.69 3.89 38.36
N PRO B 330 -3.35 2.81 38.83
CA PRO B 330 -4.36 2.92 39.88
C PRO B 330 -3.80 3.57 41.14
N HIS B 331 -2.50 3.39 41.34
CA HIS B 331 -1.80 3.94 42.50
C HIS B 331 -1.06 5.23 42.17
N ARG B 332 -1.45 5.87 41.08
CA ARG B 332 -0.95 7.21 40.81
C ARG B 332 -2.14 8.16 40.66
N TYR B 333 -2.19 8.92 39.58
CA TYR B 333 -3.29 9.87 39.42
C TYR B 333 -4.63 9.20 39.12
N ASN B 334 -4.57 7.97 38.60
CA ASN B 334 -5.75 7.10 38.51
C ASN B 334 -6.97 7.77 37.85
N ILE B 335 -6.79 8.31 36.65
CA ILE B 335 -7.86 9.08 36.00
C ILE B 335 -8.64 8.29 34.94
N LEU B 336 -8.31 7.02 34.75
CA LEU B 336 -8.84 6.22 33.66
C LEU B 336 -10.36 6.21 33.67
N GLU B 337 -10.94 5.97 34.83
CA GLU B 337 -12.39 5.85 34.93
C GLU B 337 -13.06 7.18 34.71
N ASP B 338 -12.43 8.28 35.16
CA ASP B 338 -13.08 9.57 35.01
C ASP B 338 -13.11 10.02 33.56
N VAL B 339 -12.07 9.66 32.82
CA VAL B 339 -11.96 9.98 31.41
C VAL B 339 -12.93 9.13 30.59
N ALA B 340 -13.01 7.84 30.93
CA ALA B 340 -13.92 6.91 30.25
C ALA B 340 -15.37 7.35 30.40
N VAL B 341 -15.73 7.80 31.60
CA VAL B 341 -17.08 8.31 31.82
C VAL B 341 -17.35 9.53 30.93
N CYS B 342 -16.46 10.51 30.99
CA CYS B 342 -16.49 11.67 30.11
C CYS B 342 -16.58 11.33 28.62
N MET B 343 -15.88 10.27 28.20
CA MET B 343 -15.95 9.80 26.82
C MET B 343 -17.24 9.02 26.54
N ASP B 344 -18.06 8.89 27.58
CA ASP B 344 -19.31 8.14 27.56
C ASP B 344 -19.15 6.67 27.17
N LEU B 345 -18.22 5.99 27.81
CA LEU B 345 -18.00 4.58 27.55
C LEU B 345 -18.72 3.73 28.59
N ASP B 346 -19.04 2.50 28.22
CA ASP B 346 -19.70 1.57 29.10
C ASP B 346 -18.73 1.01 30.12
N THR B 347 -18.57 1.70 31.25
CA THR B 347 -17.57 1.30 32.24
C THR B 347 -18.08 0.21 33.18
N ARG B 348 -19.24 -0.35 32.87
CA ARG B 348 -19.80 -1.39 33.74
C ARG B 348 -19.50 -2.80 33.23
N THR B 349 -18.67 -2.89 32.19
CA THR B 349 -18.23 -4.18 31.69
C THR B 349 -16.87 -4.08 31.00
N THR B 350 -15.97 -4.99 31.36
CA THR B 350 -14.61 -5.03 30.84
C THR B 350 -14.60 -5.21 29.31
N SER B 351 -15.53 -5.99 28.79
CA SER B 351 -15.45 -6.39 27.38
C SER B 351 -15.78 -5.23 26.43
N SER B 352 -16.24 -4.10 26.95
CA SER B 352 -16.36 -2.93 26.09
C SER B 352 -14.98 -2.34 25.83
N LEU B 353 -13.99 -2.74 26.63
CA LEU B 353 -12.62 -2.25 26.50
C LEU B 353 -12.59 -0.74 26.68
N TRP B 354 -13.44 -0.24 27.58
CA TRP B 354 -13.47 1.18 27.90
C TRP B 354 -12.09 1.59 28.43
N LYS B 355 -11.45 0.68 29.16
CA LYS B 355 -10.14 1.02 29.74
C LYS B 355 -9.11 1.31 28.67
N ASP B 356 -9.01 0.42 27.70
CA ASP B 356 -8.05 0.54 26.62
C ASP B 356 -8.33 1.81 25.84
N LYS B 357 -9.61 2.10 25.63
CA LYS B 357 -10.02 3.27 24.87
C LYS B 357 -9.65 4.59 25.56
N ALA B 358 -9.92 4.73 26.85
CA ALA B 358 -9.62 5.99 27.52
C ALA B 358 -8.11 6.19 27.60
N ALA B 359 -7.40 5.10 27.86
CA ALA B 359 -5.95 5.10 27.94
C ALA B 359 -5.30 5.62 26.67
N VAL B 360 -5.73 5.08 25.53
CA VAL B 360 -5.15 5.47 24.24
C VAL B 360 -5.33 6.98 24.02
N GLU B 361 -6.53 7.46 24.28
CA GLU B 361 -6.83 8.88 24.11
C GLU B 361 -6.01 9.76 25.05
N ILE B 362 -5.72 9.28 26.27
CA ILE B 362 -4.92 10.06 27.21
C ILE B 362 -3.49 10.17 26.69
N ASN B 363 -2.96 9.06 26.17
CA ASN B 363 -1.69 9.08 25.47
C ASN B 363 -1.67 10.07 24.30
N VAL B 364 -2.75 10.05 23.50
CA VAL B 364 -2.89 10.98 22.39
C VAL B 364 -2.84 12.43 22.90
N ALA B 365 -3.53 12.69 24.01
CA ALA B 365 -3.57 14.03 24.58
C ALA B 365 -2.16 14.54 25.05
N VAL B 366 -1.40 13.67 25.72
CA VAL B 366 -0.02 13.99 26.15
C VAL B 366 0.86 14.36 24.96
N LEU B 367 0.87 13.50 23.95
CA LEU B 367 1.66 13.71 22.73
C LEU B 367 1.24 15.01 22.03
N HIS B 368 -0.06 15.22 21.91
CA HIS B 368 -0.57 16.45 21.30
C HIS B 368 -0.16 17.71 22.08
N SER B 369 -0.35 17.65 23.39
CA SER B 369 -0.06 18.79 24.25
C SER B 369 1.42 19.18 24.15
N TYR B 370 2.30 18.18 24.21
CA TYR B 370 3.73 18.44 24.17
C TYR B 370 4.16 18.97 22.81
N GLN B 371 3.61 18.39 21.75
CA GLN B 371 3.96 18.90 20.42
C GLN B 371 3.46 20.34 20.28
N LEU B 372 2.27 20.61 20.80
CA LEU B 372 1.70 21.94 20.79
C LEU B 372 2.59 22.95 21.50
N ALA B 373 3.09 22.56 22.68
CA ALA B 373 3.98 23.41 23.47
C ALA B 373 5.40 23.42 22.93
N LYS B 374 5.65 22.59 21.92
CA LYS B 374 6.97 22.44 21.33
C LYS B 374 8.01 21.99 22.38
N VAL B 375 7.63 20.95 23.12
CA VAL B 375 8.52 20.29 24.06
C VAL B 375 8.76 18.88 23.56
N THR B 376 10.05 18.52 23.42
CA THR B 376 10.44 17.21 22.95
C THR B 376 9.71 16.11 23.68
N ILE B 377 9.26 15.12 22.92
CA ILE B 377 8.66 13.95 23.52
C ILE B 377 8.71 12.91 22.44
N VAL B 378 8.71 11.64 22.83
CA VAL B 378 8.72 10.60 21.83
C VAL B 378 7.64 9.58 22.17
N ASP B 379 6.87 9.15 21.17
CA ASP B 379 5.83 8.15 21.41
C ASP B 379 6.50 6.79 21.45
N HIS B 380 5.79 5.79 21.95
CA HIS B 380 6.40 4.49 22.21
C HIS B 380 6.68 3.69 20.92
N HIS B 381 6.03 4.04 19.81
CA HIS B 381 6.32 3.39 18.52
C HIS B 381 7.66 3.80 17.95
N ALA B 382 7.91 5.12 17.94
CA ALA B 382 9.19 5.66 17.49
C ALA B 382 10.33 5.19 18.40
N ALA B 383 10.13 5.28 19.70
CA ALA B 383 11.19 4.95 20.67
C ALA B 383 11.66 3.50 20.55
N THR B 384 10.71 2.58 20.32
CA THR B 384 11.07 1.18 20.29
C THR B 384 11.74 0.83 18.96
N ALA B 385 11.32 1.50 17.90
CA ALA B 385 11.92 1.28 16.59
C ALA B 385 13.39 1.72 16.61
N SER B 386 13.65 2.83 17.29
CA SER B 386 14.99 3.37 17.38
C SER B 386 15.82 2.44 18.28
N PHE B 387 15.19 1.87 19.32
CA PHE B 387 15.84 0.86 20.15
C PHE B 387 16.23 -0.38 19.35
N MET B 388 15.39 -0.79 18.40
CA MET B 388 15.77 -1.90 17.52
C MET B 388 17.05 -1.54 16.73
N LYS B 389 17.17 -0.28 16.36
CA LYS B 389 18.33 0.18 15.61
C LYS B 389 19.55 0.17 16.54
N HIS B 390 19.34 0.52 17.80
CA HIS B 390 20.40 0.50 18.81
C HIS B 390 20.95 -0.92 18.99
N LEU B 391 20.04 -1.89 19.05
CA LEU B 391 20.39 -3.30 19.17
C LEU B 391 21.30 -3.76 18.05
N GLU B 392 20.97 -3.32 16.85
CA GLU B 392 21.73 -3.71 15.68
C GLU B 392 23.11 -3.04 15.68
N ASN B 393 23.19 -1.82 16.22
CA ASN B 393 24.49 -1.14 16.31
C ASN B 393 25.39 -1.84 17.33
N GLU B 394 24.81 -2.11 18.49
CA GLU B 394 25.51 -2.71 19.60
C GLU B 394 25.99 -4.14 19.27
N GLN B 395 25.16 -4.92 18.59
CA GLN B 395 25.56 -6.24 18.15
C GLN B 395 26.83 -6.16 17.32
N LYS B 396 26.87 -5.18 16.42
CA LYS B 396 28.03 -4.97 15.58
C LYS B 396 29.20 -4.45 16.41
N ALA B 397 28.93 -3.53 17.32
CA ALA B 397 30.01 -2.84 18.03
C ALA B 397 30.58 -3.64 19.21
N ARG B 398 29.75 -4.44 19.87
CA ARG B 398 30.13 -5.12 21.10
C ARG B 398 29.66 -6.57 21.19
N GLY B 399 28.93 -7.03 20.18
CA GLY B 399 28.49 -8.42 20.15
C GLY B 399 27.43 -8.70 21.19
N GLY B 400 26.62 -7.69 21.49
CA GLY B 400 25.53 -7.86 22.42
C GLY B 400 25.04 -6.55 22.97
N CYS B 401 23.98 -6.62 23.77
CA CYS B 401 23.38 -5.46 24.41
C CYS B 401 22.47 -5.91 25.54
N PRO B 402 22.81 -5.53 26.77
CA PRO B 402 22.00 -5.92 27.92
C PRO B 402 20.66 -5.20 27.89
N ALA B 403 19.59 -5.96 28.05
CA ALA B 403 18.26 -5.42 27.88
C ALA B 403 17.25 -6.20 28.68
N ASP B 404 16.43 -5.45 29.40
CA ASP B 404 15.37 -5.99 30.23
C ASP B 404 14.03 -5.95 29.44
N TRP B 405 13.64 -7.07 28.86
CA TRP B 405 12.47 -7.14 28.00
C TRP B 405 11.22 -6.55 28.66
N ALA B 406 10.99 -6.86 29.92
CA ALA B 406 9.82 -6.36 30.65
C ALA B 406 9.78 -4.83 30.81
N TRP B 407 10.95 -4.20 30.81
CA TRP B 407 11.04 -2.73 30.91
C TRP B 407 11.13 -2.02 29.57
N ILE B 408 11.71 -2.70 28.57
CA ILE B 408 11.85 -2.20 27.22
C ILE B 408 10.47 -2.22 26.46
N VAL B 409 9.61 -3.19 26.73
CA VAL B 409 8.28 -3.20 26.07
C VAL B 409 7.37 -2.20 26.77
N PRO B 410 6.68 -1.36 25.98
CA PRO B 410 5.86 -0.27 26.55
C PRO B 410 4.67 -0.81 27.34
N PRO B 411 4.15 -0.01 28.28
CA PRO B 411 3.03 -0.50 29.09
C PRO B 411 1.66 -0.52 28.35
N ILE B 412 1.55 0.06 27.16
CA ILE B 412 0.43 -0.24 26.25
C ILE B 412 1.00 -0.72 24.92
N SER B 413 0.15 -1.43 24.17
CA SER B 413 0.41 -1.84 22.79
C SER B 413 1.69 -2.62 22.59
N GLY B 414 2.04 -3.41 23.60
CA GLY B 414 3.31 -4.11 23.59
C GLY B 414 3.65 -4.83 22.31
N SER B 415 2.77 -5.73 21.85
CA SER B 415 3.12 -6.50 20.67
C SER B 415 2.96 -5.68 19.38
N LEU B 416 2.42 -4.47 19.51
CA LEU B 416 2.36 -3.60 18.34
C LEU B 416 3.71 -2.96 18.06
N THR B 417 4.64 -3.11 19.01
CA THR B 417 5.97 -2.55 18.84
C THR B 417 6.96 -3.66 18.53
N PRO B 418 8.02 -3.34 17.79
CA PRO B 418 8.96 -4.39 17.35
C PRO B 418 9.77 -5.04 18.48
N VAL B 419 9.93 -4.38 19.63
CA VAL B 419 10.76 -4.93 20.69
C VAL B 419 10.07 -6.15 21.31
N PHE B 420 8.75 -6.22 21.17
CA PHE B 420 7.97 -7.32 21.72
C PHE B 420 8.46 -8.68 21.18
N HIS B 421 8.84 -8.70 19.92
CA HIS B 421 9.19 -9.93 19.26
C HIS B 421 10.69 -10.20 19.29
N GLN B 422 11.43 -9.35 20.00
CA GLN B 422 12.88 -9.49 20.06
C GLN B 422 13.27 -10.15 21.38
N GLU B 423 13.91 -11.31 21.30
CA GLU B 423 14.43 -11.94 22.50
C GLU B 423 15.57 -11.07 23.00
N MET B 424 15.77 -11.06 24.31
CA MET B 424 16.77 -10.19 24.92
C MET B 424 17.53 -10.88 26.06
N VAL B 425 18.77 -10.45 26.29
CA VAL B 425 19.59 -10.98 27.35
C VAL B 425 19.79 -9.90 28.39
N ASN B 426 19.36 -10.17 29.62
CA ASN B 426 19.51 -9.20 30.67
C ASN B 426 20.75 -9.50 31.52
N TYR B 427 21.67 -8.54 31.63
CA TYR B 427 22.87 -8.70 32.48
C TYR B 427 23.46 -7.33 32.90
N PHE B 428 24.38 -7.36 33.87
CA PHE B 428 24.89 -6.13 34.47
C PHE B 428 26.32 -5.81 34.02
N LEU B 429 26.48 -4.77 33.22
CA LEU B 429 27.83 -4.31 32.90
C LEU B 429 28.20 -3.09 33.73
N SER B 430 29.49 -2.80 33.82
CA SER B 430 29.98 -1.59 34.49
C SER B 430 30.87 -0.85 33.50
N PRO B 431 30.86 0.49 33.52
CA PRO B 431 30.09 1.46 34.34
C PRO B 431 28.57 1.27 34.33
N ALA B 432 27.95 1.64 35.44
CA ALA B 432 26.53 1.37 35.62
C ALA B 432 25.85 2.44 36.45
N PHE B 433 24.56 2.65 36.18
CA PHE B 433 23.65 3.33 37.10
C PHE B 433 22.98 2.30 38.01
N ARG B 434 22.96 2.59 39.32
CA ARG B 434 22.43 1.65 40.30
C ARG B 434 21.45 2.33 41.24
N TYR B 435 20.50 1.53 41.73
CA TYR B 435 19.63 1.93 42.84
C TYR B 435 20.48 2.01 44.09
N GLN B 436 20.05 2.82 45.05
CA GLN B 436 20.75 3.00 46.30
C GLN B 436 19.70 3.37 47.33
N PRO B 437 19.95 3.01 48.60
CA PRO B 437 18.98 3.28 49.66
C PRO B 437 18.71 4.76 49.88
N ASP B 438 17.46 5.07 50.23
CA ASP B 438 17.09 6.41 50.60
C ASP B 438 17.87 6.83 51.82
N PRO B 439 18.44 8.04 51.78
CA PRO B 439 19.41 8.45 52.81
C PRO B 439 18.75 8.82 54.13
N TRP B 440 17.46 8.51 54.27
CA TRP B 440 16.77 8.74 55.53
C TRP B 440 16.28 7.39 56.08
N PHE C 28 -21.34 24.98 -38.82
CA PHE C 28 -20.69 25.14 -37.51
C PHE C 28 -20.89 23.93 -36.59
N PRO C 29 -19.86 23.06 -36.50
CA PRO C 29 -19.99 21.82 -35.75
C PRO C 29 -20.28 22.05 -34.28
N ARG C 30 -21.20 21.26 -33.73
CA ARG C 30 -21.47 21.24 -32.30
C ARG C 30 -20.39 20.39 -31.59
N VAL C 31 -19.81 20.94 -30.52
CA VAL C 31 -18.74 20.26 -29.79
C VAL C 31 -19.13 20.13 -28.33
N LYS C 32 -19.09 18.89 -27.82
CA LYS C 32 -19.58 18.63 -26.48
C LYS C 32 -18.50 18.11 -25.56
N ASN C 33 -18.55 18.53 -24.29
CA ASN C 33 -17.76 17.88 -23.25
C ASN C 33 -18.64 16.96 -22.41
N TRP C 34 -18.23 15.69 -22.34
CA TRP C 34 -19.06 14.66 -21.74
C TRP C 34 -18.84 14.52 -20.24
N GLU C 35 -17.78 15.14 -19.73
CA GLU C 35 -17.58 15.12 -18.29
C GLU C 35 -18.53 16.11 -17.66
N VAL C 36 -18.64 17.27 -18.30
CA VAL C 36 -19.34 18.40 -17.71
C VAL C 36 -20.71 18.62 -18.36
N GLY C 37 -20.84 18.26 -19.64
CA GLY C 37 -22.10 18.41 -20.34
C GLY C 37 -22.14 19.66 -21.19
N SER C 38 -21.10 20.48 -21.08
CA SER C 38 -21.05 21.77 -21.75
C SER C 38 -20.94 21.67 -23.28
N ILE C 39 -21.52 22.64 -23.99
CA ILE C 39 -21.61 22.65 -25.44
C ILE C 39 -21.02 23.91 -26.06
N THR C 40 -20.17 23.77 -27.08
CA THR C 40 -19.72 24.92 -27.86
C THR C 40 -19.83 24.66 -29.37
N TYR C 41 -19.76 25.73 -30.15
CA TYR C 41 -19.78 25.70 -31.60
C TYR C 41 -18.45 26.20 -32.18
N ASP C 42 -17.79 25.38 -33.01
CA ASP C 42 -16.49 25.72 -33.58
C ASP C 42 -16.64 26.52 -34.87
N THR C 43 -16.74 27.83 -34.71
CA THR C 43 -16.92 28.73 -35.84
C THR C 43 -15.61 28.93 -36.60
N LEU C 44 -14.49 28.75 -35.93
CA LEU C 44 -13.17 28.93 -36.55
C LEU C 44 -12.95 27.95 -37.69
N SER C 45 -13.56 26.77 -37.57
CA SER C 45 -13.37 25.68 -38.53
C SER C 45 -13.66 26.10 -39.96
N ALA C 46 -14.68 26.94 -40.12
CA ALA C 46 -15.12 27.38 -41.44
C ALA C 46 -14.01 28.08 -42.23
N GLN C 47 -13.01 28.57 -41.51
CA GLN C 47 -11.98 29.38 -42.14
C GLN C 47 -10.78 28.53 -42.52
N ALA C 48 -10.99 27.22 -42.62
CA ALA C 48 -9.93 26.26 -42.88
C ALA C 48 -9.31 26.41 -44.27
N GLN C 49 -8.01 26.69 -44.28
CA GLN C 49 -7.24 26.89 -45.51
C GLN C 49 -7.18 25.65 -46.37
N GLN C 50 -6.47 24.63 -45.89
CA GLN C 50 -6.22 23.44 -46.67
C GLN C 50 -7.33 22.41 -46.49
N ASP C 51 -7.24 21.32 -47.25
CA ASP C 51 -8.11 20.19 -47.03
C ASP C 51 -7.32 19.10 -46.32
N GLY C 52 -7.99 18.37 -45.44
CA GLY C 52 -7.42 17.21 -44.80
C GLY C 52 -7.79 15.94 -45.54
N PRO C 53 -7.40 14.79 -44.97
CA PRO C 53 -7.47 13.46 -45.59
C PRO C 53 -8.83 12.76 -45.47
N CYS C 54 -9.76 13.37 -44.76
CA CYS C 54 -11.03 12.72 -44.41
C CYS C 54 -12.13 13.02 -45.41
N THR C 55 -13.07 12.08 -45.54
CA THR C 55 -14.20 12.28 -46.43
C THR C 55 -15.47 11.78 -45.74
N PRO C 56 -16.64 12.23 -46.21
CA PRO C 56 -17.91 11.70 -45.69
C PRO C 56 -17.96 10.16 -45.66
N ARG C 57 -17.21 9.52 -46.56
CA ARG C 57 -17.12 8.09 -46.72
C ARG C 57 -16.26 7.35 -45.68
N ARG C 58 -15.17 7.99 -45.25
CA ARG C 58 -14.16 7.32 -44.43
C ARG C 58 -13.26 8.29 -43.68
N CYS C 59 -12.96 7.99 -42.42
CA CYS C 59 -12.17 8.87 -41.59
C CYS C 59 -10.73 8.39 -41.59
N LEU C 60 -9.80 9.30 -41.87
CA LEU C 60 -8.39 8.93 -41.83
C LEU C 60 -7.64 9.77 -40.81
N GLY C 61 -8.36 10.25 -39.79
CA GLY C 61 -7.79 11.06 -38.74
C GLY C 61 -6.63 10.45 -37.97
N SER C 62 -6.52 9.13 -38.03
CA SER C 62 -5.52 8.42 -37.22
C SER C 62 -4.20 8.25 -37.97
N LEU C 63 -4.14 8.75 -39.20
CA LEU C 63 -2.91 8.69 -39.99
C LEU C 63 -1.87 9.66 -39.45
N VAL C 64 -0.61 9.22 -39.36
CA VAL C 64 0.48 10.13 -38.98
C VAL C 64 0.68 11.19 -40.07
N PHE C 65 0.90 10.72 -41.29
CA PHE C 65 0.92 11.56 -42.49
C PHE C 65 -0.33 11.32 -43.33
N PRO C 66 -1.13 12.37 -43.58
CA PRO C 66 -2.07 12.20 -44.69
C PRO C 66 -1.35 12.12 -46.05
N ALA C 79 3.10 30.22 -59.08
CA ALA C 79 2.13 31.19 -59.58
C ALA C 79 1.96 32.34 -58.58
N PRO C 80 2.21 33.58 -59.03
CA PRO C 80 2.12 34.79 -58.21
C PRO C 80 0.71 35.07 -57.70
N GLU C 81 -0.31 34.78 -58.51
CA GLU C 81 -1.70 34.96 -58.11
C GLU C 81 -2.00 34.19 -56.82
N GLN C 82 -1.32 33.06 -56.66
CA GLN C 82 -1.53 32.17 -55.52
C GLN C 82 -0.75 32.62 -54.28
N LEU C 83 0.54 32.86 -54.44
CA LEU C 83 1.38 33.38 -53.36
C LEU C 83 0.75 34.64 -52.77
N LEU C 84 0.29 35.52 -53.66
CA LEU C 84 -0.44 36.75 -53.34
C LEU C 84 -1.62 36.57 -52.38
N SER C 85 -2.53 35.66 -52.69
CA SER C 85 -3.70 35.48 -51.84
C SER C 85 -3.29 34.97 -50.45
N GLN C 86 -2.23 34.17 -50.39
CA GLN C 86 -1.73 33.70 -49.10
C GLN C 86 -1.09 34.84 -48.31
N ALA C 87 -0.37 35.70 -49.01
CA ALA C 87 0.26 36.86 -48.39
C ALA C 87 -0.79 37.86 -47.89
N ARG C 88 -1.74 38.18 -48.77
CA ARG C 88 -2.84 39.08 -48.43
C ARG C 88 -3.50 38.63 -47.14
N ASP C 89 -4.05 37.41 -47.14
CA ASP C 89 -4.74 36.86 -45.98
C ASP C 89 -3.86 36.95 -44.74
N PHE C 90 -2.57 36.65 -44.89
CA PHE C 90 -1.69 36.70 -43.73
C PHE C 90 -1.56 38.12 -43.20
N ILE C 91 -1.25 39.06 -44.09
CA ILE C 91 -1.20 40.47 -43.72
C ILE C 91 -2.50 40.91 -43.03
N ASN C 92 -3.62 40.46 -43.59
CA ASN C 92 -4.92 40.79 -43.03
C ASN C 92 -5.09 40.28 -41.61
N GLN C 93 -4.58 39.07 -41.34
CA GLN C 93 -4.59 38.54 -39.99
C GLN C 93 -3.64 39.32 -39.04
N TYR C 94 -2.48 39.74 -39.55
CA TYR C 94 -1.54 40.46 -38.67
C TYR C 94 -2.15 41.76 -38.17
N TYR C 95 -2.78 42.48 -39.07
CA TYR C 95 -3.36 43.77 -38.72
C TYR C 95 -4.64 43.62 -37.90
N SER C 96 -5.45 42.63 -38.23
CA SER C 96 -6.63 42.30 -37.44
CA SER C 96 -6.63 42.35 -37.44
C SER C 96 -6.24 42.08 -35.99
N SER C 97 -5.15 41.36 -35.79
CA SER C 97 -4.66 41.01 -34.45
C SER C 97 -4.20 42.22 -33.64
N ILE C 98 -3.70 43.25 -34.31
CA ILE C 98 -3.18 44.40 -33.56
C ILE C 98 -4.08 45.63 -33.66
N LYS C 99 -5.40 45.41 -33.65
CA LYS C 99 -6.37 46.49 -33.49
C LYS C 99 -6.44 47.46 -34.67
N ARG C 100 -5.78 47.12 -35.77
CA ARG C 100 -5.62 48.11 -36.85
C ARG C 100 -6.02 47.58 -38.25
N SER C 101 -7.18 46.97 -38.34
CA SER C 101 -7.73 46.57 -39.64
C SER C 101 -8.25 47.79 -40.41
N GLY C 102 -7.94 47.84 -41.70
CA GLY C 102 -8.42 48.90 -42.57
C GLY C 102 -7.80 50.27 -42.35
N SER C 103 -6.64 50.32 -41.72
CA SER C 103 -5.99 51.59 -41.43
C SER C 103 -4.90 51.91 -42.43
N GLN C 104 -4.22 53.04 -42.25
CA GLN C 104 -3.30 53.54 -43.26
C GLN C 104 -2.13 52.59 -43.47
N ALA C 105 -1.58 52.05 -42.38
CA ALA C 105 -0.42 51.18 -42.49
C ALA C 105 -0.83 49.83 -43.05
N HIS C 106 -2.07 49.42 -42.75
CA HIS C 106 -2.61 48.18 -43.28
C HIS C 106 -2.66 48.18 -44.81
N GLU C 107 -3.31 49.18 -45.39
CA GLU C 107 -3.43 49.23 -46.83
C GLU C 107 -2.06 49.52 -47.44
N GLN C 108 -1.27 50.35 -46.76
CA GLN C 108 0.11 50.61 -47.15
C GLN C 108 0.87 49.29 -47.31
N ARG C 109 0.92 48.52 -46.22
CA ARG C 109 1.56 47.21 -46.19
C ARG C 109 0.98 46.26 -47.27
N LEU C 110 -0.34 46.25 -47.42
CA LEU C 110 -0.98 45.47 -48.49
C LEU C 110 -0.40 45.86 -49.85
N GLN C 111 -0.22 47.15 -50.08
CA GLN C 111 0.25 47.63 -51.38
C GLN C 111 1.71 47.26 -51.66
N GLU C 112 2.57 47.39 -50.66
CA GLU C 112 3.99 47.14 -50.87
C GLU C 112 4.31 45.65 -51.08
N VAL C 113 3.50 44.77 -50.49
CA VAL C 113 3.71 43.33 -50.69
C VAL C 113 3.48 42.93 -52.17
N GLU C 114 2.41 43.42 -52.80
CA GLU C 114 2.18 43.03 -54.19
C GLU C 114 3.21 43.66 -55.11
N ALA C 115 3.65 44.86 -54.74
CA ALA C 115 4.76 45.51 -55.43
C ALA C 115 6.02 44.66 -55.34
N GLU C 116 6.32 44.14 -54.14
CA GLU C 116 7.44 43.22 -53.96
C GLU C 116 7.33 41.99 -54.86
N VAL C 117 6.19 41.31 -54.80
CA VAL C 117 6.00 40.07 -55.55
C VAL C 117 6.03 40.32 -57.07
N ALA C 118 5.38 41.39 -57.51
CA ALA C 118 5.40 41.78 -58.92
C ALA C 118 6.83 41.96 -59.41
N ALA C 119 7.67 42.58 -58.57
CA ALA C 119 9.04 42.88 -58.94
C ALA C 119 9.98 41.70 -58.74
N THR C 120 9.76 40.92 -57.69
CA THR C 120 10.67 39.84 -57.33
C THR C 120 10.14 38.43 -57.58
N GLY C 121 8.82 38.27 -57.46
CA GLY C 121 8.24 36.93 -57.55
C GLY C 121 8.00 36.37 -56.16
N THR C 122 8.58 37.02 -55.15
CA THR C 122 8.37 36.65 -53.76
C THR C 122 8.29 37.93 -52.93
N TYR C 123 8.27 37.82 -51.60
CA TYR C 123 8.31 39.01 -50.75
C TYR C 123 8.97 38.73 -49.40
N GLN C 124 9.29 39.79 -48.67
CA GLN C 124 9.93 39.66 -47.36
C GLN C 124 8.98 40.04 -46.23
N LEU C 125 9.04 39.27 -45.14
CA LEU C 125 8.25 39.57 -43.94
C LEU C 125 8.92 40.63 -43.08
N ARG C 126 8.15 41.61 -42.65
CA ARG C 126 8.59 42.50 -41.57
C ARG C 126 8.84 41.65 -40.32
N GLU C 127 9.85 42.03 -39.53
CA GLU C 127 10.28 41.23 -38.38
C GLU C 127 9.14 40.98 -37.39
N SER C 128 8.29 41.99 -37.19
CA SER C 128 7.10 41.83 -36.36
C SER C 128 6.15 40.77 -36.91
N GLU C 129 5.97 40.78 -38.24
CA GLU C 129 5.09 39.81 -38.88
C GLU C 129 5.67 38.42 -38.71
N LEU C 130 6.99 38.31 -38.77
CA LEU C 130 7.64 37.01 -38.63
C LEU C 130 7.42 36.47 -37.22
N VAL C 131 7.52 37.35 -36.24
CA VAL C 131 7.23 36.99 -34.85
C VAL C 131 5.77 36.53 -34.71
N PHE C 132 4.87 37.27 -35.34
CA PHE C 132 3.46 37.02 -35.21
C PHE C 132 3.11 35.72 -35.93
N GLY C 133 3.77 35.50 -37.08
CA GLY C 133 3.61 34.29 -37.86
C GLY C 133 4.07 33.05 -37.11
N ALA C 134 5.22 33.13 -36.46
CA ALA C 134 5.75 31.98 -35.73
C ALA C 134 4.80 31.55 -34.63
N LYS C 135 4.39 32.52 -33.80
CA LYS C 135 3.44 32.26 -32.73
C LYS C 135 2.11 31.69 -33.24
N GLN C 136 1.69 32.14 -34.42
CA GLN C 136 0.41 31.72 -34.99
C GLN C 136 0.48 30.29 -35.43
N ALA C 137 1.61 29.95 -36.04
CA ALA C 137 1.87 28.59 -36.49
C ALA C 137 1.81 27.63 -35.30
N TRP C 138 2.49 27.99 -34.22
CA TRP C 138 2.44 27.20 -33.00
C TRP C 138 1.00 27.13 -32.49
N ARG C 139 0.34 28.28 -32.48
CA ARG C 139 -1.06 28.36 -32.05
C ARG C 139 -2.02 27.49 -32.90
N ASN C 140 -1.67 27.27 -34.17
CA ASN C 140 -2.54 26.52 -35.06
C ASN C 140 -2.26 25.01 -35.12
N ALA C 141 -1.19 24.57 -34.46
CA ALA C 141 -0.75 23.18 -34.48
C ALA C 141 -1.70 22.22 -33.74
N PRO C 142 -2.53 21.47 -34.48
CA PRO C 142 -3.62 20.75 -33.80
C PRO C 142 -3.10 19.68 -32.83
N ARG C 143 -1.88 19.21 -33.07
CA ARG C 143 -1.39 18.10 -32.27
C ARG C 143 -0.62 18.54 -31.02
N CYS C 144 -0.45 19.84 -30.81
CA CYS C 144 0.34 20.33 -29.65
C CYS C 144 -0.51 20.55 -28.40
N VAL C 145 -0.23 19.80 -27.35
CA VAL C 145 -0.98 19.92 -26.11
C VAL C 145 -0.48 21.08 -25.25
N GLY C 146 0.66 21.67 -25.62
CA GLY C 146 1.25 22.71 -24.81
C GLY C 146 0.95 24.13 -25.25
N ARG C 147 -0.09 24.31 -26.06
CA ARG C 147 -0.31 25.61 -26.69
C ARG C 147 -0.82 26.72 -25.76
N ILE C 148 -1.02 26.43 -24.48
CA ILE C 148 -1.38 27.49 -23.55
C ILE C 148 -0.22 28.52 -23.54
N GLN C 149 0.98 28.06 -23.88
CA GLN C 149 2.18 28.88 -23.87
C GLN C 149 2.43 29.64 -25.17
N TRP C 150 1.48 29.55 -26.11
CA TRP C 150 1.79 29.98 -27.48
C TRP C 150 2.16 31.45 -27.59
N GLY C 151 1.79 32.25 -26.61
CA GLY C 151 2.10 33.67 -26.62
C GLY C 151 3.51 34.00 -26.14
N LYS C 152 4.11 33.06 -25.41
CA LYS C 152 5.47 33.25 -24.93
C LYS C 152 6.45 32.46 -25.82
N LEU C 153 6.95 33.12 -26.86
CA LEU C 153 7.88 32.50 -27.80
C LEU C 153 8.96 33.47 -28.25
N GLN C 154 10.21 33.07 -28.08
CA GLN C 154 11.36 33.88 -28.48
C GLN C 154 11.75 33.53 -29.91
N VAL C 155 11.82 34.53 -30.78
CA VAL C 155 12.08 34.30 -32.20
C VAL C 155 13.42 34.86 -32.68
N PHE C 156 14.32 33.98 -33.11
CA PHE C 156 15.63 34.41 -33.60
C PHE C 156 15.66 34.52 -35.12
N ASP C 157 15.85 35.74 -35.60
CA ASP C 157 15.84 36.03 -37.02
C ASP C 157 17.18 35.68 -37.66
N ALA C 158 17.16 34.68 -38.51
CA ALA C 158 18.39 34.14 -39.09
C ALA C 158 18.33 34.17 -40.60
N ARG C 159 17.44 35.01 -41.14
CA ARG C 159 17.32 35.16 -42.59
C ARG C 159 18.57 35.86 -43.13
N ASP C 160 19.33 36.41 -42.20
CA ASP C 160 20.67 36.92 -42.43
C ASP C 160 21.62 35.80 -42.90
N CYS C 161 21.34 34.56 -42.50
CA CYS C 161 22.27 33.42 -42.65
C CYS C 161 22.73 33.14 -44.09
N ARG C 162 23.99 32.71 -44.22
CA ARG C 162 24.61 32.54 -45.54
C ARG C 162 25.31 31.19 -45.72
N SER C 163 25.82 30.60 -44.64
CA SER C 163 26.58 29.35 -44.73
C SER C 163 26.23 28.34 -43.64
N ALA C 164 26.84 27.17 -43.73
CA ALA C 164 26.53 26.08 -42.79
C ALA C 164 27.13 26.34 -41.41
N GLN C 165 28.33 26.90 -41.38
CA GLN C 165 28.98 27.19 -40.11
C GLN C 165 28.24 28.29 -39.38
N GLU C 166 27.65 29.20 -40.15
CA GLU C 166 26.85 30.29 -39.58
C GLU C 166 25.58 29.72 -38.96
N MET C 167 24.87 28.94 -39.78
CA MET C 167 23.72 28.18 -39.34
C MET C 167 24.05 27.52 -38.01
N PHE C 168 25.15 26.77 -37.99
CA PHE C 168 25.58 26.10 -36.76
C PHE C 168 25.75 27.04 -35.57
N THR C 169 26.16 28.28 -35.82
CA THR C 169 26.31 29.27 -34.76
C THR C 169 24.93 29.74 -34.30
N TYR C 170 24.00 29.87 -35.24
CA TYR C 170 22.62 30.20 -34.91
C TYR C 170 21.98 29.12 -34.06
N ILE C 171 22.30 27.87 -34.37
CA ILE C 171 21.73 26.75 -33.65
C ILE C 171 22.29 26.70 -32.24
N CYS C 172 23.59 26.96 -32.09
CA CYS C 172 24.21 26.89 -30.78
C CYS C 172 23.74 28.01 -29.85
N ASN C 173 23.41 29.18 -30.40
CA ASN C 173 22.88 30.27 -29.57
C ASN C 173 21.47 29.94 -29.08
N HIS C 174 20.64 29.47 -30.01
CA HIS C 174 19.29 28.99 -29.72
C HIS C 174 19.30 28.02 -28.55
N ILE C 175 20.06 26.94 -28.72
CA ILE C 175 20.19 25.89 -27.71
C ILE C 175 20.60 26.45 -26.36
N LYS C 176 21.57 27.37 -26.32
CA LYS C 176 21.98 27.99 -25.06
C LYS C 176 20.86 28.84 -24.50
N TYR C 177 20.21 29.64 -25.34
CA TYR C 177 19.13 30.48 -24.87
C TYR C 177 17.98 29.58 -24.36
N ALA C 178 17.59 28.61 -25.18
CA ALA C 178 16.49 27.71 -24.79
C ALA C 178 16.80 26.93 -23.52
N THR C 179 17.99 26.32 -23.46
CA THR C 179 18.32 25.47 -22.31
C THR C 179 18.40 26.28 -21.04
N ASN C 180 19.15 27.40 -21.10
CA ASN C 180 19.16 28.37 -20.01
C ASN C 180 19.43 27.68 -18.66
N ARG C 181 20.38 26.75 -18.68
CA ARG C 181 20.78 25.99 -17.50
C ARG C 181 19.61 25.28 -16.80
N GLY C 182 18.63 24.82 -17.58
CA GLY C 182 17.56 24.00 -17.04
C GLY C 182 16.24 24.74 -16.83
N ASN C 183 16.26 26.07 -16.94
CA ASN C 183 15.02 26.83 -16.88
C ASN C 183 14.57 27.09 -18.30
N LEU C 184 13.93 26.08 -18.89
CA LEU C 184 13.68 26.07 -20.34
C LEU C 184 12.83 27.25 -20.77
N ARG C 185 13.10 27.74 -21.98
CA ARG C 185 12.35 28.84 -22.57
C ARG C 185 12.02 28.51 -24.02
N SER C 186 10.76 28.67 -24.42
CA SER C 186 10.37 28.37 -25.79
C SER C 186 11.09 29.31 -26.73
N ALA C 187 11.66 28.74 -27.78
CA ALA C 187 12.42 29.52 -28.76
C ALA C 187 12.36 28.85 -30.11
N ILE C 188 12.62 29.64 -31.14
CA ILE C 188 12.62 29.19 -32.53
C ILE C 188 13.58 30.08 -33.32
N THR C 189 14.31 29.47 -34.25
CA THR C 189 15.26 30.21 -35.08
C THR C 189 14.92 30.07 -36.56
N VAL C 190 14.54 31.18 -37.19
CA VAL C 190 14.05 31.15 -38.56
C VAL C 190 15.14 31.43 -39.60
N PHE C 191 15.51 30.40 -40.35
CA PHE C 191 16.53 30.55 -41.38
C PHE C 191 15.91 31.10 -42.67
N PRO C 192 16.74 31.44 -43.69
CA PRO C 192 16.19 32.09 -44.88
C PRO C 192 15.14 31.28 -45.65
N GLN C 193 14.09 31.98 -46.06
CA GLN C 193 12.96 31.39 -46.77
C GLN C 193 13.37 30.74 -48.09
N ARG C 194 12.64 29.71 -48.49
CA ARG C 194 12.90 29.04 -49.74
C ARG C 194 12.63 29.98 -50.92
N CYS C 195 13.51 29.94 -51.92
CA CYS C 195 13.36 30.78 -53.09
C CYS C 195 13.74 30.02 -54.35
N PRO C 196 13.11 30.37 -55.47
CA PRO C 196 13.47 29.77 -56.76
C PRO C 196 14.95 29.94 -57.09
N GLY C 197 15.48 29.04 -57.90
CA GLY C 197 16.84 29.19 -58.39
C GLY C 197 17.93 28.76 -57.42
N ARG C 198 17.58 28.69 -56.14
CA ARG C 198 18.52 28.29 -55.10
C ARG C 198 17.99 27.13 -54.28
N GLY C 199 18.90 26.37 -53.70
CA GLY C 199 18.53 25.23 -52.87
C GLY C 199 17.92 25.68 -51.55
N ASP C 200 17.73 24.73 -50.65
CA ASP C 200 17.12 25.01 -49.36
C ASP C 200 18.12 24.97 -48.21
N PHE C 201 17.87 25.77 -47.17
CA PHE C 201 18.50 25.54 -45.89
C PHE C 201 17.79 24.34 -45.27
N ARG C 202 18.55 23.30 -44.94
CA ARG C 202 17.99 22.10 -44.31
C ARG C 202 18.82 21.63 -43.11
N ILE C 203 18.13 21.32 -42.03
CA ILE C 203 18.72 20.61 -40.91
C ILE C 203 18.35 19.13 -41.03
N TRP C 204 19.35 18.30 -41.31
CA TRP C 204 19.06 16.91 -41.63
C TRP C 204 18.56 16.09 -40.44
N ASN C 205 19.00 16.44 -39.23
CA ASN C 205 18.49 15.79 -38.03
C ASN C 205 17.03 16.15 -37.80
N SER C 206 16.27 15.23 -37.22
CA SER C 206 14.87 15.47 -36.91
C SER C 206 14.78 16.32 -35.64
N GLN C 207 15.80 16.23 -34.80
CA GLN C 207 15.95 17.08 -33.62
C GLN C 207 17.40 17.56 -33.47
N LEU C 208 17.61 18.61 -32.67
CA LEU C 208 18.96 19.11 -32.45
C LEU C 208 19.73 18.16 -31.53
N VAL C 209 19.00 17.49 -30.64
CA VAL C 209 19.56 16.38 -29.86
C VAL C 209 18.89 15.06 -30.21
N ARG C 210 19.67 14.12 -30.70
CA ARG C 210 19.19 12.79 -31.02
C ARG C 210 20.23 11.77 -30.60
N TYR C 211 19.79 10.62 -30.13
CA TYR C 211 20.70 9.58 -29.69
C TYR C 211 20.96 8.56 -30.80
N ALA C 212 22.23 8.17 -30.95
CA ALA C 212 22.65 7.27 -32.02
C ALA C 212 21.91 5.93 -32.00
N GLY C 213 21.70 5.37 -33.18
CA GLY C 213 21.13 4.05 -33.34
C GLY C 213 22.09 3.19 -34.13
N TYR C 214 22.81 2.33 -33.43
CA TYR C 214 23.86 1.51 -34.03
C TYR C 214 23.35 0.14 -34.47
N ARG C 215 23.07 -0.01 -35.76
CA ARG C 215 22.62 -1.30 -36.30
C ARG C 215 23.68 -2.36 -36.04
N GLN C 216 23.28 -3.47 -35.45
CA GLN C 216 24.24 -4.50 -35.08
C GLN C 216 24.15 -5.71 -36.00
N GLN C 217 25.03 -6.69 -35.75
CA GLN C 217 25.16 -7.82 -36.66
C GLN C 217 23.92 -8.71 -36.61
N ASP C 218 23.26 -8.74 -35.46
CA ASP C 218 21.99 -9.44 -35.32
C ASP C 218 20.87 -8.71 -36.05
N GLY C 219 21.18 -7.57 -36.63
CA GLY C 219 20.17 -6.71 -37.22
C GLY C 219 19.41 -5.97 -36.14
N SER C 220 19.85 -6.13 -34.89
CA SER C 220 19.29 -5.39 -33.78
C SER C 220 19.94 -4.02 -33.70
N VAL C 221 19.62 -3.27 -32.65
CA VAL C 221 20.09 -1.90 -32.49
C VAL C 221 20.52 -1.60 -31.07
N ARG C 222 21.74 -1.12 -30.92
CA ARG C 222 22.16 -0.51 -29.65
C ARG C 222 21.94 0.98 -29.78
N GLY C 223 21.30 1.57 -28.79
CA GLY C 223 20.90 2.97 -28.86
C GLY C 223 19.45 3.11 -29.29
N ASP C 224 19.16 4.18 -30.01
CA ASP C 224 17.79 4.54 -30.34
C ASP C 224 17.44 4.22 -31.79
N PRO C 225 16.60 3.20 -32.00
CA PRO C 225 16.14 2.73 -33.31
C PRO C 225 15.44 3.82 -34.11
N ALA C 226 14.94 4.85 -33.44
CA ALA C 226 14.37 6.00 -34.14
C ALA C 226 15.40 6.66 -35.05
N ASN C 227 16.66 6.60 -34.65
CA ASN C 227 17.69 7.39 -35.29
C ASN C 227 18.75 6.57 -36.01
N VAL C 228 18.34 5.39 -36.49
CA VAL C 228 19.23 4.48 -37.22
C VAL C 228 19.73 5.07 -38.53
N GLU C 229 18.80 5.63 -39.31
CA GLU C 229 19.12 6.17 -40.63
C GLU C 229 20.06 7.36 -40.54
N ILE C 230 19.87 8.22 -39.54
CA ILE C 230 20.65 9.44 -39.45
C ILE C 230 21.99 9.14 -38.78
N THR C 231 22.01 8.07 -37.97
CA THR C 231 23.25 7.57 -37.39
C THR C 231 24.23 7.08 -38.47
N GLU C 232 23.75 6.23 -39.36
CA GLU C 232 24.60 5.75 -40.45
C GLU C 232 24.90 6.88 -41.43
N LEU C 233 23.96 7.81 -41.59
CA LEU C 233 24.17 8.98 -42.44
C LEU C 233 25.27 9.87 -41.87
N CYS C 234 25.23 10.07 -40.55
CA CYS C 234 26.28 10.82 -39.88
C CYS C 234 27.65 10.21 -40.16
N ILE C 235 27.76 8.91 -39.89
CA ILE C 235 29.01 8.20 -40.11
C ILE C 235 29.49 8.33 -41.55
N GLN C 236 28.54 8.23 -42.47
CA GLN C 236 28.83 8.29 -43.90
C GLN C 236 29.56 9.59 -44.29
N HIS C 237 29.24 10.67 -43.59
CA HIS C 237 29.84 11.96 -43.87
C HIS C 237 30.96 12.28 -42.90
N GLY C 238 31.56 11.23 -42.33
CA GLY C 238 32.79 11.38 -41.59
C GLY C 238 32.77 11.12 -40.09
N TRP C 239 31.59 11.13 -39.48
CA TRP C 239 31.52 11.03 -38.02
C TRP C 239 32.08 9.71 -37.52
N THR C 240 32.79 9.78 -36.40
CA THR C 240 33.39 8.59 -35.80
C THR C 240 32.50 8.08 -34.66
N PRO C 241 31.78 6.99 -34.92
CA PRO C 241 30.73 6.47 -34.03
C PRO C 241 31.23 6.07 -32.65
N GLY C 242 30.36 6.19 -31.66
CA GLY C 242 30.63 5.68 -30.32
C GLY C 242 30.13 4.25 -30.23
N ASN C 243 29.94 3.77 -29.00
CA ASN C 243 29.45 2.42 -28.80
C ASN C 243 28.53 2.32 -27.59
N GLY C 244 27.94 3.45 -27.21
CA GLY C 244 27.07 3.48 -26.06
C GLY C 244 25.60 3.43 -26.45
N ARG C 245 24.72 3.52 -25.46
CA ARG C 245 23.29 3.53 -25.69
C ARG C 245 22.75 4.95 -25.72
N PHE C 246 23.59 5.93 -25.40
CA PHE C 246 23.17 7.32 -25.41
C PHE C 246 24.26 8.24 -25.93
N ASP C 247 24.64 8.04 -27.20
CA ASP C 247 25.63 8.90 -27.82
C ASP C 247 24.91 10.00 -28.59
N VAL C 248 25.10 11.25 -28.15
CA VAL C 248 24.51 12.39 -28.83
C VAL C 248 25.08 12.48 -30.24
N LEU C 249 24.19 12.47 -31.22
CA LEU C 249 24.61 12.52 -32.63
C LEU C 249 25.18 13.89 -33.01
N PRO C 250 25.93 13.94 -34.12
CA PRO C 250 26.33 15.24 -34.65
C PRO C 250 25.29 15.82 -35.62
N LEU C 251 25.31 17.12 -35.81
CA LEU C 251 24.38 17.76 -36.72
C LEU C 251 24.86 17.65 -38.16
N LEU C 252 23.90 17.46 -39.06
CA LEU C 252 24.17 17.49 -40.49
C LEU C 252 23.50 18.71 -41.07
N LEU C 253 24.29 19.73 -41.34
CA LEU C 253 23.77 21.05 -41.67
C LEU C 253 24.01 21.40 -43.14
N GLN C 254 22.91 21.59 -43.86
CA GLN C 254 22.95 21.80 -45.30
C GLN C 254 22.68 23.25 -45.65
N ALA C 255 23.66 23.87 -46.29
CA ALA C 255 23.49 25.20 -46.86
C ALA C 255 23.05 25.03 -48.31
N PRO C 256 22.30 26.02 -48.86
CA PRO C 256 21.80 26.03 -50.24
C PRO C 256 22.77 25.45 -51.26
N ASP C 257 22.29 24.48 -52.04
CA ASP C 257 23.04 23.89 -53.13
C ASP C 257 24.39 23.31 -52.71
N GLU C 258 24.49 22.93 -51.44
CA GLU C 258 25.75 22.44 -50.89
C GLU C 258 25.51 21.15 -50.11
N PRO C 259 26.42 20.18 -50.27
CA PRO C 259 26.41 18.96 -49.45
C PRO C 259 26.46 19.29 -47.97
N PRO C 260 25.81 18.46 -47.14
CA PRO C 260 25.73 18.73 -45.71
C PRO C 260 27.10 18.63 -45.05
N GLU C 261 27.33 19.42 -44.01
CA GLU C 261 28.58 19.39 -43.30
C GLU C 261 28.34 18.98 -41.85
N LEU C 262 29.14 18.05 -41.35
CA LEU C 262 29.02 17.57 -39.97
C LEU C 262 29.59 18.55 -38.94
N PHE C 263 28.82 18.80 -37.89
CA PHE C 263 29.28 19.60 -36.77
C PHE C 263 29.04 18.82 -35.49
N LEU C 264 29.99 18.90 -34.57
CA LEU C 264 29.84 18.23 -33.29
C LEU C 264 29.31 19.24 -32.29
N LEU C 265 28.33 18.84 -31.52
CA LEU C 265 27.73 19.74 -30.54
C LEU C 265 28.61 19.81 -29.31
N PRO C 266 28.92 21.02 -28.87
CA PRO C 266 29.76 21.18 -27.68
C PRO C 266 29.07 20.57 -26.47
N PRO C 267 29.70 19.57 -25.84
CA PRO C 267 29.05 18.72 -24.81
C PRO C 267 28.45 19.53 -23.67
N GLU C 268 28.99 20.71 -23.42
CA GLU C 268 28.47 21.61 -22.41
C GLU C 268 27.20 22.31 -22.88
N LEU C 269 26.87 22.17 -24.16
CA LEU C 269 25.65 22.77 -24.68
C LEU C 269 24.51 21.77 -24.61
N VAL C 270 24.86 20.50 -24.59
CA VAL C 270 23.86 19.43 -24.54
C VAL C 270 23.53 19.03 -23.10
N LEU C 271 22.52 19.67 -22.50
CA LEU C 271 22.18 19.37 -21.12
C LEU C 271 21.39 18.06 -21.01
N GLU C 272 21.88 17.16 -20.16
CA GLU C 272 21.28 15.84 -20.00
C GLU C 272 20.85 15.53 -18.57
N VAL C 273 19.93 14.57 -18.46
CA VAL C 273 19.36 14.20 -17.17
C VAL C 273 19.47 12.70 -16.91
N PRO C 274 20.40 12.30 -16.02
CA PRO C 274 20.44 10.90 -15.61
C PRO C 274 19.14 10.50 -14.96
N LEU C 275 18.63 9.30 -15.24
CA LEU C 275 17.32 8.93 -14.73
C LEU C 275 17.44 8.09 -13.46
N GLU C 276 16.78 8.57 -12.42
CA GLU C 276 16.80 7.87 -11.14
CA GLU C 276 16.82 7.90 -11.12
C GLU C 276 15.39 7.80 -10.59
N HIS C 277 15.14 6.82 -9.73
CA HIS C 277 13.80 6.68 -9.16
C HIS C 277 13.81 7.10 -7.69
N PRO C 278 12.74 7.76 -7.21
CA PRO C 278 12.77 8.27 -5.83
C PRO C 278 12.88 7.18 -4.75
N THR C 279 12.42 5.97 -5.03
CA THR C 279 12.41 4.95 -3.99
C THR C 279 12.97 3.59 -4.41
N LEU C 280 13.09 3.38 -5.71
CA LEU C 280 13.68 2.14 -6.21
C LEU C 280 15.13 2.41 -6.54
N GLU C 281 16.01 2.07 -5.59
CA GLU C 281 17.40 2.51 -5.66
C GLU C 281 18.12 1.94 -6.89
N TRP C 282 17.74 0.73 -7.31
CA TRP C 282 18.40 0.12 -8.46
C TRP C 282 18.15 0.82 -9.81
N PHE C 283 17.10 1.64 -9.91
CA PHE C 283 16.72 2.21 -11.20
C PHE C 283 17.90 2.98 -11.83
N ALA C 284 18.58 3.80 -11.03
CA ALA C 284 19.78 4.52 -11.46
C ALA C 284 20.77 3.62 -12.22
N ALA C 285 20.87 2.37 -11.76
CA ALA C 285 21.87 1.43 -12.29
C ALA C 285 21.58 0.96 -13.71
N LEU C 286 20.36 1.16 -14.19
CA LEU C 286 20.05 0.78 -15.57
C LEU C 286 20.71 1.73 -16.54
N GLY C 287 21.32 2.80 -16.00
CA GLY C 287 22.05 3.75 -16.81
C GLY C 287 21.21 4.48 -17.84
N LEU C 288 19.99 4.85 -17.46
CA LEU C 288 19.12 5.54 -18.41
C LEU C 288 19.31 7.05 -18.30
N ARG C 289 19.27 7.74 -19.43
CA ARG C 289 19.25 9.19 -19.42
C ARG C 289 18.38 9.72 -20.54
N TRP C 290 18.00 10.99 -20.44
CA TRP C 290 17.43 11.71 -21.58
C TRP C 290 17.92 13.15 -21.54
N TYR C 291 17.74 13.86 -22.64
CA TYR C 291 18.25 15.22 -22.76
C TYR C 291 17.16 16.26 -22.40
N ALA C 292 17.60 17.43 -21.94
CA ALA C 292 16.70 18.48 -21.41
C ALA C 292 15.82 19.14 -22.47
N LEU C 293 16.34 19.33 -23.68
CA LEU C 293 15.69 20.20 -24.66
C LEU C 293 15.13 19.46 -25.86
N PRO C 294 13.79 19.51 -26.04
CA PRO C 294 13.15 18.94 -27.23
C PRO C 294 13.13 19.99 -28.33
N ALA C 295 13.99 19.82 -29.33
CA ALA C 295 14.18 20.86 -30.33
C ALA C 295 14.00 20.26 -31.72
N VAL C 296 12.85 20.53 -32.33
CA VAL C 296 12.46 19.85 -33.56
C VAL C 296 12.91 20.63 -34.78
N SER C 297 13.63 19.94 -35.66
CA SER C 297 14.46 20.61 -36.65
C SER C 297 14.25 20.13 -38.08
N ASN C 298 13.14 19.45 -38.34
CA ASN C 298 12.89 18.94 -39.67
C ASN C 298 11.53 19.35 -40.20
N MET C 299 10.87 20.26 -39.50
CA MET C 299 9.54 20.70 -39.90
C MET C 299 9.62 21.99 -40.70
N LEU C 300 8.62 22.21 -41.54
CA LEU C 300 8.65 23.35 -42.44
C LEU C 300 7.62 24.40 -42.02
N LEU C 301 8.12 25.60 -41.74
CA LEU C 301 7.31 26.71 -41.27
C LEU C 301 6.75 27.48 -42.46
N GLU C 302 5.43 27.49 -42.57
CA GLU C 302 4.77 28.23 -43.64
C GLU C 302 4.06 29.46 -43.10
N ILE C 303 4.49 30.61 -43.56
CA ILE C 303 3.91 31.89 -43.17
C ILE C 303 3.59 32.73 -44.42
N GLY C 304 2.32 33.09 -44.58
CA GLY C 304 1.91 34.00 -45.64
C GLY C 304 2.30 33.56 -47.04
N GLY C 305 2.40 32.25 -47.25
CA GLY C 305 2.78 31.72 -48.54
C GLY C 305 4.27 31.55 -48.71
N LEU C 306 5.04 31.92 -47.69
CA LEU C 306 6.49 31.76 -47.71
C LEU C 306 6.88 30.49 -46.97
N GLU C 307 7.85 29.76 -47.51
CA GLU C 307 8.23 28.49 -46.92
C GLU C 307 9.59 28.54 -46.24
N PHE C 308 9.67 27.96 -45.04
CA PHE C 308 10.91 27.97 -44.29
C PHE C 308 11.36 26.55 -43.96
N PRO C 309 12.09 25.91 -44.90
CA PRO C 309 12.59 24.54 -44.77
C PRO C 309 13.47 24.33 -43.53
N ALA C 310 14.15 25.39 -43.08
CA ALA C 310 14.92 25.31 -41.86
C ALA C 310 14.42 26.36 -40.87
N ALA C 311 13.80 25.89 -39.78
CA ALA C 311 13.21 26.77 -38.77
C ALA C 311 13.01 26.05 -37.44
N PRO C 312 14.10 25.59 -36.81
CA PRO C 312 14.02 24.72 -35.62
C PRO C 312 13.40 25.39 -34.41
N PHE C 313 12.50 24.68 -33.74
CA PHE C 313 11.88 25.19 -32.53
C PHE C 313 12.05 24.27 -31.32
N SER C 314 11.93 24.85 -30.13
CA SER C 314 12.02 24.09 -28.91
C SER C 314 11.06 24.63 -27.86
N GLY C 315 10.64 23.74 -26.96
CA GLY C 315 9.83 24.13 -25.82
C GLY C 315 10.38 23.34 -24.65
N TRP C 316 9.52 22.57 -23.98
CA TRP C 316 9.98 21.65 -22.93
C TRP C 316 9.15 20.36 -22.95
N TYR C 317 9.66 19.32 -22.30
CA TYR C 317 9.06 17.99 -22.40
C TYR C 317 7.79 17.84 -21.57
N MET C 318 6.83 17.09 -22.10
CA MET C 318 5.83 16.46 -21.27
C MET C 318 6.41 15.11 -20.86
N SER C 319 6.38 14.80 -19.56
CA SER C 319 7.00 13.57 -19.08
C SER C 319 6.68 12.30 -19.85
N THR C 320 5.48 12.18 -20.43
CA THR C 320 5.08 10.94 -21.09
C THR C 320 5.83 10.71 -22.40
N GLU C 321 6.23 11.80 -23.05
CA GLU C 321 7.06 11.71 -24.26
C GLU C 321 8.28 10.82 -24.04
N ILE C 322 8.92 11.00 -22.89
CA ILE C 322 10.14 10.29 -22.59
C ILE C 322 9.84 8.98 -21.92
N GLY C 323 9.14 9.07 -20.79
CA GLY C 323 8.91 7.92 -19.93
C GLY C 323 7.95 6.94 -20.58
N THR C 324 7.10 7.40 -21.47
CA THR C 324 6.21 6.41 -22.07
C THR C 324 6.62 6.04 -23.48
N ARG C 325 6.82 7.01 -24.37
CA ARG C 325 7.06 6.69 -25.77
C ARG C 325 8.53 6.34 -26.10
N ASN C 326 9.46 7.25 -25.83
CA ASN C 326 10.87 7.01 -26.15
C ASN C 326 11.46 5.79 -25.42
N LEU C 327 11.08 5.59 -24.17
CA LEU C 327 11.63 4.48 -23.39
C LEU C 327 10.82 3.18 -23.48
N CYS C 328 9.50 3.26 -23.66
CA CYS C 328 8.69 2.03 -23.61
C CYS C 328 8.11 1.55 -24.94
N ASP C 329 8.03 2.42 -25.95
CA ASP C 329 7.66 1.97 -27.29
C ASP C 329 8.53 0.79 -27.70
N PRO C 330 7.89 -0.26 -28.22
CA PRO C 330 8.52 -1.51 -28.66
C PRO C 330 9.59 -1.30 -29.74
N HIS C 331 9.44 -0.25 -30.55
CA HIS C 331 10.43 0.05 -31.56
C HIS C 331 11.33 1.22 -31.15
N ARG C 332 11.33 1.56 -29.87
CA ARG C 332 12.29 2.55 -29.38
C ARG C 332 13.20 1.85 -28.37
N TYR C 333 13.31 2.39 -27.16
CA TYR C 333 14.23 1.78 -26.20
C TYR C 333 13.67 0.49 -25.64
N ASN C 334 12.35 0.38 -25.61
CA ASN C 334 11.69 -0.89 -25.28
C ASN C 334 12.19 -1.49 -23.95
N ILE C 335 12.17 -0.68 -22.90
CA ILE C 335 12.75 -1.08 -21.62
C ILE C 335 11.73 -1.67 -20.68
N LEU C 336 10.46 -1.61 -21.08
CA LEU C 336 9.36 -1.92 -20.18
C LEU C 336 9.58 -3.24 -19.44
N GLU C 337 9.98 -4.28 -20.17
CA GLU C 337 10.17 -5.58 -19.54
C GLU C 337 11.41 -5.62 -18.62
N ASP C 338 12.41 -4.81 -18.93
CA ASP C 338 13.63 -4.84 -18.14
C ASP C 338 13.35 -4.21 -16.78
N VAL C 339 12.46 -3.23 -16.76
CA VAL C 339 12.05 -2.55 -15.54
C VAL C 339 11.14 -3.43 -14.68
N ALA C 340 10.25 -4.17 -15.34
CA ALA C 340 9.32 -5.08 -14.67
C ALA C 340 10.06 -6.21 -13.95
N VAL C 341 11.09 -6.75 -14.58
CA VAL C 341 11.93 -7.77 -13.96
C VAL C 341 12.51 -7.24 -12.63
N CYS C 342 13.22 -6.11 -12.70
CA CYS C 342 13.78 -5.48 -11.52
C CYS C 342 12.74 -5.20 -10.43
N MET C 343 11.49 -4.94 -10.83
CA MET C 343 10.42 -4.71 -9.85
C MET C 343 9.83 -6.04 -9.39
N ASP C 344 10.42 -7.13 -9.88
CA ASP C 344 9.95 -8.47 -9.59
C ASP C 344 8.48 -8.66 -9.91
N LEU C 345 8.02 -8.08 -11.02
CA LEU C 345 6.63 -8.24 -11.43
C LEU C 345 6.41 -9.57 -12.15
N ASP C 346 5.20 -10.08 -12.07
CA ASP C 346 4.86 -11.32 -12.77
C ASP C 346 4.61 -11.01 -14.26
N THR C 347 5.65 -11.18 -15.07
CA THR C 347 5.54 -10.94 -16.51
C THR C 347 5.01 -12.12 -17.30
N ARG C 348 4.50 -13.14 -16.61
CA ARG C 348 4.07 -14.36 -17.28
C ARG C 348 2.59 -14.32 -17.67
N THR C 349 1.93 -13.23 -17.32
CA THR C 349 0.51 -13.08 -17.58
C THR C 349 0.20 -11.59 -17.76
N THR C 350 -0.66 -11.29 -18.73
CA THR C 350 -0.92 -9.88 -19.08
C THR C 350 -1.74 -9.21 -18.00
N SER C 351 -2.49 -10.01 -17.25
CA SER C 351 -3.51 -9.50 -16.37
C SER C 351 -3.00 -9.12 -14.99
N SER C 352 -1.69 -9.30 -14.77
CA SER C 352 -1.03 -8.70 -13.61
C SER C 352 -0.84 -7.20 -13.81
N LEU C 353 -1.10 -6.75 -15.05
CA LEU C 353 -0.87 -5.35 -15.46
C LEU C 353 0.57 -4.90 -15.10
N TRP C 354 1.53 -5.82 -15.24
CA TRP C 354 2.93 -5.52 -15.03
C TRP C 354 3.42 -4.41 -15.96
N LYS C 355 2.92 -4.42 -17.20
CA LYS C 355 3.23 -3.37 -18.16
C LYS C 355 2.83 -2.00 -17.63
N ASP C 356 1.60 -1.92 -17.16
CA ASP C 356 1.04 -0.72 -16.59
C ASP C 356 1.78 -0.25 -15.32
N LYS C 357 2.11 -1.19 -14.45
CA LYS C 357 2.85 -0.88 -13.24
C LYS C 357 4.22 -0.30 -13.57
N ALA C 358 4.98 -1.02 -14.39
CA ALA C 358 6.36 -0.64 -14.68
C ALA C 358 6.39 0.68 -15.45
N ALA C 359 5.38 0.88 -16.28
CA ALA C 359 5.28 2.10 -17.05
C ALA C 359 5.07 3.32 -16.16
N VAL C 360 4.15 3.21 -15.19
CA VAL C 360 3.89 4.34 -14.29
C VAL C 360 5.18 4.74 -13.56
N GLU C 361 5.97 3.75 -13.15
CA GLU C 361 7.18 3.97 -12.38
C GLU C 361 8.27 4.62 -13.21
N ILE C 362 8.38 4.21 -14.47
CA ILE C 362 9.30 4.84 -15.41
C ILE C 362 8.96 6.33 -15.55
N ASN C 363 7.68 6.63 -15.73
CA ASN C 363 7.24 8.02 -15.76
C ASN C 363 7.49 8.75 -14.44
N VAL C 364 7.30 8.07 -13.32
CA VAL C 364 7.60 8.72 -12.05
C VAL C 364 9.09 9.06 -12.04
N ALA C 365 9.91 8.13 -12.55
CA ALA C 365 11.36 8.32 -12.58
C ALA C 365 11.77 9.52 -13.43
N VAL C 366 11.09 9.71 -14.56
CA VAL C 366 11.42 10.83 -15.44
C VAL C 366 11.17 12.16 -14.73
N LEU C 367 9.96 12.32 -14.20
CA LEU C 367 9.56 13.54 -13.51
C LEU C 367 10.49 13.89 -12.35
N HIS C 368 10.77 12.90 -11.52
CA HIS C 368 11.58 13.07 -10.33
C HIS C 368 13.00 13.51 -10.72
N SER C 369 13.55 12.87 -11.73
CA SER C 369 14.88 13.19 -12.20
C SER C 369 14.97 14.60 -12.83
N TYR C 370 13.96 15.00 -13.60
CA TYR C 370 13.94 16.35 -14.14
C TYR C 370 13.76 17.39 -13.01
N GLN C 371 12.94 17.07 -12.02
CA GLN C 371 12.75 17.97 -10.89
C GLN C 371 14.02 18.12 -10.08
N LEU C 372 14.66 16.99 -9.78
CA LEU C 372 15.90 16.99 -9.01
C LEU C 372 16.95 17.83 -9.73
N ALA C 373 17.13 17.59 -11.02
CA ALA C 373 18.11 18.33 -11.80
C ALA C 373 17.65 19.76 -12.12
N LYS C 374 16.51 20.15 -11.57
CA LYS C 374 15.93 21.47 -11.82
C LYS C 374 15.86 21.78 -13.32
N VAL C 375 15.19 20.90 -14.05
CA VAL C 375 15.02 21.09 -15.47
C VAL C 375 13.54 21.05 -15.77
N THR C 376 13.03 22.15 -16.33
CA THR C 376 11.60 22.31 -16.63
C THR C 376 10.99 21.07 -17.30
N ILE C 377 9.91 20.55 -16.72
CA ILE C 377 9.15 19.46 -17.32
C ILE C 377 7.72 19.52 -16.80
N VAL C 378 6.79 18.94 -17.54
CA VAL C 378 5.40 19.00 -17.15
C VAL C 378 4.76 17.60 -17.29
N ASP C 379 4.01 17.19 -16.27
CA ASP C 379 3.39 15.87 -16.32
C ASP C 379 2.14 15.90 -17.19
N HIS C 380 1.64 14.74 -17.59
CA HIS C 380 0.56 14.73 -18.57
C HIS C 380 -0.75 15.27 -17.98
N HIS C 381 -0.93 15.18 -16.66
CA HIS C 381 -2.13 15.76 -16.04
C HIS C 381 -2.10 17.29 -16.05
N ALA C 382 -1.02 17.88 -15.53
CA ALA C 382 -0.86 19.34 -15.56
C ALA C 382 -1.06 19.89 -16.98
N ALA C 383 -0.46 19.22 -17.95
CA ALA C 383 -0.49 19.67 -19.34
C ALA C 383 -1.90 19.68 -19.90
N THR C 384 -2.60 18.54 -19.78
CA THR C 384 -3.92 18.42 -20.34
C THR C 384 -4.87 19.42 -19.69
N ALA C 385 -4.71 19.63 -18.39
CA ALA C 385 -5.60 20.54 -17.69
C ALA C 385 -5.35 21.97 -18.22
N SER C 386 -4.10 22.27 -18.54
CA SER C 386 -3.78 23.56 -19.14
CA SER C 386 -3.77 23.56 -19.15
C SER C 386 -4.37 23.64 -20.55
N PHE C 387 -4.43 22.50 -21.24
CA PHE C 387 -4.94 22.54 -22.62
C PHE C 387 -6.43 22.85 -22.61
N MET C 388 -7.12 22.34 -21.60
CA MET C 388 -8.54 22.64 -21.44
C MET C 388 -8.75 24.14 -21.26
N LYS C 389 -7.91 24.74 -20.44
CA LYS C 389 -7.93 26.18 -20.24
C LYS C 389 -7.70 26.91 -21.56
N HIS C 390 -6.71 26.46 -22.34
CA HIS C 390 -6.38 27.06 -23.64
C HIS C 390 -7.54 26.95 -24.61
N LEU C 391 -8.29 25.85 -24.51
CA LEU C 391 -9.47 25.63 -25.34
C LEU C 391 -10.50 26.69 -25.05
N GLU C 392 -10.83 26.86 -23.77
CA GLU C 392 -11.79 27.89 -23.35
C GLU C 392 -11.33 29.28 -23.81
N ASN C 393 -10.05 29.59 -23.57
CA ASN C 393 -9.49 30.88 -23.98
C ASN C 393 -9.60 31.11 -25.48
N GLU C 394 -9.35 30.05 -26.24
CA GLU C 394 -9.39 30.12 -27.68
C GLU C 394 -10.82 30.18 -28.21
N GLN C 395 -11.75 29.65 -27.43
CA GLN C 395 -13.16 29.72 -27.81
C GLN C 395 -13.58 31.18 -27.84
N LYS C 396 -13.19 31.89 -26.79
CA LYS C 396 -13.50 33.30 -26.63
C LYS C 396 -12.83 34.17 -27.69
N ALA C 397 -11.60 33.87 -28.03
CA ALA C 397 -10.84 34.74 -28.92
C ALA C 397 -11.09 34.47 -30.41
N ARG C 398 -11.23 33.21 -30.79
CA ARG C 398 -11.24 32.86 -32.21
C ARG C 398 -12.43 32.00 -32.65
N GLY C 399 -13.27 31.59 -31.69
CA GLY C 399 -14.44 30.78 -31.99
C GLY C 399 -14.16 29.28 -32.07
N GLY C 400 -13.10 28.82 -31.41
CA GLY C 400 -12.75 27.42 -31.45
C GLY C 400 -11.26 27.20 -31.57
N CYS C 401 -10.84 25.94 -31.62
CA CYS C 401 -9.43 25.62 -31.67
C CYS C 401 -9.21 24.29 -32.38
N PRO C 402 -8.44 24.28 -33.48
CA PRO C 402 -8.13 23.00 -34.13
C PRO C 402 -7.31 22.09 -33.21
N ALA C 403 -7.85 20.91 -32.95
CA ALA C 403 -7.24 19.97 -32.01
C ALA C 403 -7.36 18.58 -32.56
N ASP C 404 -6.30 17.79 -32.40
CA ASP C 404 -6.27 16.41 -32.84
C ASP C 404 -6.38 15.51 -31.59
N TRP C 405 -7.59 15.05 -31.33
CA TRP C 405 -7.87 14.25 -30.15
C TRP C 405 -6.84 13.15 -29.88
N ALA C 406 -6.43 12.42 -30.92
CA ALA C 406 -5.54 11.27 -30.77
C ALA C 406 -4.13 11.66 -30.34
N TRP C 407 -3.78 12.91 -30.58
CA TRP C 407 -2.45 13.41 -30.21
C TRP C 407 -2.47 14.25 -28.95
N ILE C 408 -3.63 14.79 -28.61
CA ILE C 408 -3.80 15.58 -27.40
C ILE C 408 -3.93 14.66 -26.18
N VAL C 409 -4.66 13.57 -26.36
CA VAL C 409 -4.80 12.59 -25.30
C VAL C 409 -3.48 11.83 -25.05
N PRO C 410 -3.03 11.82 -23.80
CA PRO C 410 -1.75 11.20 -23.39
C PRO C 410 -1.72 9.68 -23.65
N PRO C 411 -0.51 9.08 -23.80
CA PRO C 411 -0.36 7.65 -24.11
C PRO C 411 -0.42 6.73 -22.90
N ILE C 412 -0.63 7.31 -21.73
CA ILE C 412 -0.97 6.55 -20.54
C ILE C 412 -2.06 7.34 -19.87
N SER C 413 -2.91 6.65 -19.13
CA SER C 413 -3.96 7.29 -18.33
C SER C 413 -4.85 8.27 -19.10
N GLY C 414 -5.10 7.95 -20.37
CA GLY C 414 -5.96 8.76 -21.22
C GLY C 414 -7.20 9.27 -20.54
N SER C 415 -8.13 8.37 -20.20
CA SER C 415 -9.42 8.81 -19.66
C SER C 415 -9.31 9.44 -18.27
N LEU C 416 -8.13 9.37 -17.66
CA LEU C 416 -7.94 10.07 -16.39
C LEU C 416 -7.68 11.57 -16.58
N THR C 417 -7.46 11.99 -17.82
CA THR C 417 -7.25 13.41 -18.11
C THR C 417 -8.49 14.03 -18.76
N PRO C 418 -8.73 15.32 -18.53
CA PRO C 418 -9.99 15.94 -18.99
C PRO C 418 -10.15 15.97 -20.51
N VAL C 419 -9.05 16.04 -21.25
CA VAL C 419 -9.09 16.09 -22.71
C VAL C 419 -9.79 14.89 -23.36
N PHE C 420 -9.76 13.74 -22.68
CA PHE C 420 -10.40 12.50 -23.15
C PHE C 420 -11.88 12.70 -23.41
N HIS C 421 -12.50 13.46 -22.52
CA HIS C 421 -13.94 13.58 -22.39
C HIS C 421 -14.46 14.75 -23.18
N GLN C 422 -13.54 15.38 -23.91
CA GLN C 422 -13.80 16.55 -24.74
C GLN C 422 -13.76 16.21 -26.21
N GLU C 423 -14.90 16.32 -26.89
CA GLU C 423 -14.93 16.24 -28.35
C GLU C 423 -14.12 17.37 -28.97
N MET C 424 -13.42 17.08 -30.07
CA MET C 424 -12.55 18.06 -30.70
C MET C 424 -12.74 18.07 -32.21
N VAL C 425 -12.38 19.19 -32.82
CA VAL C 425 -12.49 19.40 -34.26
C VAL C 425 -11.11 19.66 -34.87
N ASN C 426 -10.75 18.85 -35.85
CA ASN C 426 -9.43 18.91 -36.43
C ASN C 426 -9.42 19.50 -37.83
N TYR C 427 -8.59 20.52 -38.05
CA TYR C 427 -8.51 21.19 -39.35
C TYR C 427 -7.22 22.01 -39.45
N PHE C 428 -6.85 22.40 -40.67
CA PHE C 428 -5.59 23.06 -40.90
C PHE C 428 -5.78 24.57 -41.11
N LEU C 429 -5.05 25.36 -40.32
CA LEU C 429 -4.98 26.80 -40.52
C LEU C 429 -3.57 27.23 -40.93
N SER C 430 -3.46 28.41 -41.53
CA SER C 430 -2.15 29.03 -41.79
C SER C 430 -2.06 30.33 -40.97
N PRO C 431 -0.87 30.68 -40.47
CA PRO C 431 0.45 30.05 -40.55
C PRO C 431 0.46 28.65 -39.94
N ALA C 432 1.41 27.80 -40.33
CA ALA C 432 1.44 26.42 -39.83
C ALA C 432 2.83 25.78 -39.87
N PHE C 433 3.01 24.74 -39.05
CA PHE C 433 4.13 23.85 -39.24
C PHE C 433 3.65 22.67 -40.06
N ARG C 434 4.42 22.27 -41.07
CA ARG C 434 4.08 21.11 -41.88
C ARG C 434 5.22 20.09 -41.85
N TYR C 435 4.92 18.86 -42.25
CA TYR C 435 5.96 17.89 -42.51
C TYR C 435 6.54 18.14 -43.90
N GLN C 436 7.75 17.63 -44.12
CA GLN C 436 8.42 17.80 -45.39
C GLN C 436 9.33 16.62 -45.64
N PRO C 437 9.56 16.26 -46.92
CA PRO C 437 10.43 15.11 -47.20
C PRO C 437 11.83 15.31 -46.63
N ASP C 438 12.51 14.21 -46.30
CA ASP C 438 13.94 14.29 -45.97
C ASP C 438 14.70 14.77 -47.20
N PRO C 439 15.71 15.64 -46.99
CA PRO C 439 16.42 16.29 -48.09
C PRO C 439 17.20 15.32 -48.96
N TRP C 440 17.43 14.12 -48.45
CA TRP C 440 18.11 13.08 -49.21
C TRP C 440 17.09 12.14 -49.86
N LYS D 27 -6.14 4.41 -55.52
CA LYS D 27 -6.58 5.46 -54.61
C LYS D 27 -7.36 4.89 -53.43
N PHE D 28 -6.86 3.78 -52.89
CA PHE D 28 -7.35 3.25 -51.63
C PHE D 28 -6.36 3.66 -50.55
N PRO D 29 -6.89 4.04 -49.36
CA PRO D 29 -6.05 4.58 -48.29
C PRO D 29 -4.91 3.65 -47.88
N ARG D 30 -3.68 4.15 -47.92
CA ARG D 30 -2.54 3.43 -47.37
C ARG D 30 -2.60 3.47 -45.84
N VAL D 31 -2.31 2.34 -45.21
CA VAL D 31 -2.45 2.20 -43.77
C VAL D 31 -1.21 1.57 -43.17
N LYS D 32 -0.55 2.29 -42.28
CA LYS D 32 0.72 1.84 -41.71
C LYS D 32 0.61 1.37 -40.27
N ASN D 33 1.34 0.32 -39.94
CA ASN D 33 1.65 0.00 -38.56
C ASN D 33 3.02 0.54 -38.17
N TRP D 34 3.11 1.33 -37.11
CA TRP D 34 4.40 1.99 -36.82
C TRP D 34 5.29 1.23 -35.85
N GLU D 35 4.73 0.25 -35.16
CA GLU D 35 5.54 -0.58 -34.28
C GLU D 35 6.44 -1.49 -35.12
N VAL D 36 5.90 -1.99 -36.22
CA VAL D 36 6.54 -3.03 -37.03
C VAL D 36 7.06 -2.52 -38.39
N GLY D 37 6.35 -1.56 -38.97
CA GLY D 37 6.69 -1.08 -40.29
C GLY D 37 5.77 -1.58 -41.40
N SER D 38 4.81 -2.45 -41.05
CA SER D 38 3.84 -2.99 -42.02
C SER D 38 3.05 -1.93 -42.79
N ILE D 39 2.63 -2.28 -44.01
CA ILE D 39 1.80 -1.42 -44.85
C ILE D 39 0.71 -2.20 -45.59
N THR D 40 -0.53 -1.72 -45.52
CA THR D 40 -1.63 -2.32 -46.29
C THR D 40 -2.56 -1.25 -46.83
N TYR D 41 -3.40 -1.63 -47.78
CA TYR D 41 -4.37 -0.72 -48.38
C TYR D 41 -5.77 -1.21 -48.06
N ASP D 42 -6.65 -0.28 -47.73
CA ASP D 42 -7.99 -0.61 -47.27
C ASP D 42 -8.98 -0.49 -48.44
N THR D 43 -9.12 -1.58 -49.18
CA THR D 43 -9.97 -1.58 -50.36
C THR D 43 -11.46 -1.72 -49.97
N LEU D 44 -11.72 -2.18 -48.76
CA LEU D 44 -13.10 -2.40 -48.31
C LEU D 44 -13.84 -1.09 -48.02
N SER D 45 -13.09 -0.03 -47.77
CA SER D 45 -13.69 1.25 -47.40
C SER D 45 -14.37 1.92 -48.59
N ALA D 46 -13.99 1.52 -49.80
CA ALA D 46 -14.60 2.07 -51.01
C ALA D 46 -16.04 1.59 -51.18
N GLN D 47 -16.46 0.69 -50.31
CA GLN D 47 -17.82 0.16 -50.33
C GLN D 47 -18.67 0.71 -49.19
N ALA D 48 -18.14 1.72 -48.49
CA ALA D 48 -18.83 2.27 -47.34
C ALA D 48 -20.18 2.82 -47.77
N GLN D 49 -21.23 2.13 -47.32
CA GLN D 49 -22.59 2.34 -47.83
C GLN D 49 -23.25 3.62 -47.30
N GLN D 50 -22.70 4.19 -46.25
CA GLN D 50 -23.22 5.45 -45.75
C GLN D 50 -22.13 6.49 -45.46
N ASP D 51 -22.55 7.62 -44.91
CA ASP D 51 -21.67 8.77 -44.76
C ASP D 51 -21.47 9.16 -43.31
N GLY D 52 -20.25 9.58 -43.00
CA GLY D 52 -19.89 9.95 -41.66
C GLY D 52 -19.77 11.45 -41.53
N PRO D 53 -19.28 11.92 -40.37
CA PRO D 53 -19.27 13.34 -40.01
C PRO D 53 -18.14 14.14 -40.66
N CYS D 54 -17.11 13.46 -41.16
CA CYS D 54 -15.90 14.13 -41.65
C CYS D 54 -16.00 14.65 -43.09
N THR D 55 -15.28 15.72 -43.36
CA THR D 55 -15.10 16.27 -44.70
C THR D 55 -13.61 16.55 -44.91
N PRO D 56 -13.20 16.86 -46.16
CA PRO D 56 -11.79 17.23 -46.33
C PRO D 56 -11.43 18.51 -45.60
N ARG D 57 -12.42 19.32 -45.23
CA ARG D 57 -12.14 20.60 -44.58
C ARG D 57 -11.84 20.42 -43.09
N ARG D 58 -12.51 19.46 -42.47
CA ARG D 58 -12.44 19.29 -41.04
C ARG D 58 -12.82 17.87 -40.62
N CYS D 59 -12.03 17.29 -39.71
CA CYS D 59 -12.30 15.97 -39.20
C CYS D 59 -13.17 16.05 -37.94
N LEU D 60 -14.16 15.17 -37.86
CA LEU D 60 -15.02 15.07 -36.68
C LEU D 60 -15.03 13.66 -36.11
N GLY D 61 -13.94 12.93 -36.33
CA GLY D 61 -13.78 11.59 -35.82
C GLY D 61 -14.08 11.41 -34.34
N SER D 62 -13.77 12.42 -33.52
CA SER D 62 -13.87 12.30 -32.06
C SER D 62 -15.28 12.58 -31.51
N LEU D 63 -16.25 12.87 -32.38
CA LEU D 63 -17.63 12.98 -31.94
C LEU D 63 -18.17 11.62 -31.48
N VAL D 64 -18.77 11.60 -30.29
CA VAL D 64 -19.43 10.41 -29.77
C VAL D 64 -20.58 10.05 -30.72
N PHE D 65 -21.36 11.04 -31.10
CA PHE D 65 -22.45 10.83 -32.05
C PHE D 65 -22.16 11.38 -33.44
N PRO D 66 -21.75 10.52 -34.38
CA PRO D 66 -21.92 10.88 -35.79
C PRO D 66 -23.31 10.40 -36.26
N ARG D 67 -24.24 11.32 -36.51
CA ARG D 67 -25.60 10.91 -36.82
C ARG D 67 -25.64 10.33 -38.24
N ALA D 79 -39.46 5.50 -51.44
CA ALA D 79 -39.17 4.64 -50.31
C ALA D 79 -38.84 3.18 -50.68
N PRO D 80 -39.60 2.56 -51.62
CA PRO D 80 -39.31 1.14 -51.88
C PRO D 80 -37.98 0.85 -52.58
N GLU D 81 -37.56 1.73 -53.49
CA GLU D 81 -36.37 1.47 -54.30
C GLU D 81 -35.09 1.59 -53.48
N GLN D 82 -35.10 2.45 -52.46
CA GLN D 82 -33.96 2.55 -51.54
C GLN D 82 -33.93 1.37 -50.57
N LEU D 83 -35.10 0.93 -50.13
CA LEU D 83 -35.18 -0.31 -49.35
C LEU D 83 -34.70 -1.48 -50.20
N LEU D 84 -35.18 -1.53 -51.44
CA LEU D 84 -34.78 -2.57 -52.38
C LEU D 84 -33.27 -2.64 -52.56
N SER D 85 -32.65 -1.51 -52.87
CA SER D 85 -31.22 -1.51 -53.16
C SER D 85 -30.38 -1.88 -51.93
N GLN D 86 -30.81 -1.48 -50.74
CA GLN D 86 -30.19 -1.98 -49.50
C GLN D 86 -30.36 -3.50 -49.36
N ALA D 87 -31.60 -3.96 -49.55
CA ALA D 87 -31.93 -5.38 -49.47
C ALA D 87 -31.15 -6.22 -50.48
N ARG D 88 -31.14 -5.77 -51.73
CA ARG D 88 -30.42 -6.45 -52.79
C ARG D 88 -28.95 -6.57 -52.44
N ASP D 89 -28.42 -5.57 -51.76
CA ASP D 89 -27.02 -5.58 -51.35
C ASP D 89 -26.81 -6.63 -50.28
N PHE D 90 -27.72 -6.70 -49.32
CA PHE D 90 -27.58 -7.69 -48.26
C PHE D 90 -27.68 -9.14 -48.78
N ILE D 91 -28.70 -9.41 -49.59
CA ILE D 91 -28.91 -10.75 -50.14
C ILE D 91 -27.68 -11.22 -50.92
N ASN D 92 -27.08 -10.31 -51.68
CA ASN D 92 -25.82 -10.57 -52.40
C ASN D 92 -24.71 -10.95 -51.44
N GLN D 93 -24.63 -10.25 -50.32
CA GLN D 93 -23.65 -10.56 -49.29
C GLN D 93 -23.87 -11.98 -48.82
N TYR D 94 -25.10 -12.27 -48.39
CA TYR D 94 -25.44 -13.58 -47.85
C TYR D 94 -25.06 -14.69 -48.83
N TYR D 95 -25.47 -14.54 -50.09
CA TYR D 95 -25.21 -15.60 -51.06
C TYR D 95 -23.74 -15.71 -51.43
N SER D 96 -22.98 -14.66 -51.17
CA SER D 96 -21.53 -14.72 -51.36
CA SER D 96 -21.54 -14.73 -51.37
C SER D 96 -20.88 -15.57 -50.27
N SER D 97 -21.30 -15.34 -49.03
CA SER D 97 -20.76 -16.02 -47.86
C SER D 97 -20.96 -17.53 -47.88
N ILE D 98 -22.05 -17.99 -48.45
CA ILE D 98 -22.30 -19.42 -48.51
C ILE D 98 -21.76 -20.00 -49.82
N LYS D 99 -20.74 -19.33 -50.36
CA LYS D 99 -20.07 -19.71 -51.62
C LYS D 99 -21.13 -20.15 -52.63
N ARG D 100 -22.06 -19.24 -52.87
CA ARG D 100 -23.28 -19.57 -53.60
C ARG D 100 -23.75 -18.39 -54.44
N SER D 101 -22.81 -17.52 -54.84
CA SER D 101 -23.14 -16.40 -55.71
CA SER D 101 -23.11 -16.40 -55.72
C SER D 101 -23.37 -16.85 -57.15
N GLY D 102 -24.38 -16.26 -57.79
CA GLY D 102 -24.66 -16.59 -59.18
C GLY D 102 -25.57 -17.79 -59.38
N SER D 103 -25.90 -18.49 -58.30
CA SER D 103 -26.93 -19.53 -58.38
C SER D 103 -28.26 -18.83 -58.58
N GLN D 104 -29.28 -19.56 -59.01
CA GLN D 104 -30.56 -18.86 -59.16
C GLN D 104 -31.37 -18.97 -57.88
N ALA D 105 -30.92 -19.77 -56.91
CA ALA D 105 -31.45 -19.65 -55.55
C ALA D 105 -31.19 -18.21 -55.09
N HIS D 106 -30.08 -17.67 -55.57
CA HIS D 106 -29.70 -16.29 -55.29
C HIS D 106 -30.60 -15.34 -56.09
N GLU D 107 -30.82 -15.64 -57.37
CA GLU D 107 -31.68 -14.81 -58.19
C GLU D 107 -33.12 -14.93 -57.72
N GLN D 108 -33.52 -16.14 -57.36
CA GLN D 108 -34.88 -16.40 -56.86
C GLN D 108 -35.17 -15.51 -55.66
N ARG D 109 -34.22 -15.45 -54.74
CA ARG D 109 -34.40 -14.69 -53.51
C ARG D 109 -34.48 -13.19 -53.80
N LEU D 110 -33.69 -12.74 -54.77
CA LEU D 110 -33.75 -11.35 -55.18
C LEU D 110 -35.13 -11.02 -55.74
N GLN D 111 -35.61 -11.80 -56.69
CA GLN D 111 -36.91 -11.46 -57.24
C GLN D 111 -37.98 -11.71 -56.18
N GLU D 112 -37.75 -12.69 -55.30
CA GLU D 112 -38.67 -12.93 -54.19
C GLU D 112 -38.84 -11.68 -53.34
N VAL D 113 -37.72 -11.11 -52.91
CA VAL D 113 -37.73 -9.92 -52.06
C VAL D 113 -38.29 -8.73 -52.82
N GLU D 114 -37.90 -8.58 -54.07
CA GLU D 114 -38.45 -7.51 -54.89
C GLU D 114 -39.97 -7.62 -54.96
N ALA D 115 -40.47 -8.85 -55.06
CA ALA D 115 -41.90 -9.11 -55.13
C ALA D 115 -42.60 -8.81 -53.80
N GLU D 116 -41.90 -9.08 -52.70
CA GLU D 116 -42.52 -8.94 -51.39
C GLU D 116 -42.58 -7.47 -50.99
N VAL D 117 -41.65 -6.68 -51.53
CA VAL D 117 -41.64 -5.27 -51.20
C VAL D 117 -42.63 -4.58 -52.13
N ALA D 118 -42.78 -5.14 -53.33
CA ALA D 118 -43.86 -4.73 -54.22
C ALA D 118 -45.23 -4.87 -53.55
N ALA D 119 -45.48 -6.02 -52.95
CA ALA D 119 -46.81 -6.36 -52.43
C ALA D 119 -47.12 -5.79 -51.05
N THR D 120 -46.11 -5.68 -50.20
CA THR D 120 -46.35 -5.28 -48.81
C THR D 120 -45.53 -4.06 -48.38
N GLY D 121 -44.58 -3.65 -49.21
CA GLY D 121 -43.76 -2.49 -48.87
C GLY D 121 -42.66 -2.82 -47.86
N THR D 122 -42.43 -4.11 -47.65
CA THR D 122 -41.34 -4.58 -46.81
C THR D 122 -41.09 -6.05 -47.15
N TYR D 123 -40.25 -6.72 -46.37
CA TYR D 123 -39.99 -8.13 -46.61
C TYR D 123 -39.42 -8.76 -45.33
N GLN D 124 -39.32 -10.09 -45.32
CA GLN D 124 -38.87 -10.83 -44.14
C GLN D 124 -37.59 -11.61 -44.40
N LEU D 125 -36.64 -11.52 -43.48
CA LEU D 125 -35.46 -12.36 -43.55
C LEU D 125 -35.79 -13.83 -43.27
N ARG D 126 -35.11 -14.74 -43.96
CA ARG D 126 -35.09 -16.13 -43.56
C ARG D 126 -34.21 -16.21 -42.32
N GLU D 127 -34.40 -17.23 -41.50
CA GLU D 127 -33.66 -17.37 -40.25
C GLU D 127 -32.15 -17.39 -40.50
N SER D 128 -31.72 -18.16 -41.49
CA SER D 128 -30.31 -18.24 -41.87
CA SER D 128 -30.31 -18.23 -41.85
C SER D 128 -29.75 -16.85 -42.22
N GLU D 129 -30.53 -16.09 -42.99
CA GLU D 129 -30.15 -14.73 -43.37
C GLU D 129 -30.01 -13.85 -42.13
N LEU D 130 -30.94 -13.99 -41.19
CA LEU D 130 -30.91 -13.21 -39.97
C LEU D 130 -29.64 -13.47 -39.12
N VAL D 131 -29.26 -14.75 -39.00
CA VAL D 131 -28.09 -15.15 -38.24
C VAL D 131 -26.81 -14.53 -38.85
N PHE D 132 -26.72 -14.62 -40.17
CA PHE D 132 -25.64 -14.03 -40.94
C PHE D 132 -25.55 -12.52 -40.75
N GLY D 133 -26.72 -11.87 -40.75
CA GLY D 133 -26.81 -10.43 -40.61
C GLY D 133 -26.49 -9.89 -39.23
N ALA D 134 -26.83 -10.64 -38.19
CA ALA D 134 -26.47 -10.25 -36.82
C ALA D 134 -24.94 -10.26 -36.63
N LYS D 135 -24.29 -11.35 -37.04
CA LYS D 135 -22.84 -11.50 -36.94
C LYS D 135 -22.11 -10.45 -37.77
N GLN D 136 -22.60 -10.18 -38.98
CA GLN D 136 -22.06 -9.15 -39.83
C GLN D 136 -22.12 -7.83 -39.13
N ALA D 137 -23.24 -7.55 -38.48
CA ALA D 137 -23.41 -6.30 -37.76
C ALA D 137 -22.27 -6.15 -36.73
N TRP D 138 -22.00 -7.21 -35.97
CA TRP D 138 -20.91 -7.22 -34.98
C TRP D 138 -19.57 -7.05 -35.68
N ARG D 139 -19.34 -7.90 -36.69
CA ARG D 139 -18.17 -7.78 -37.57
C ARG D 139 -17.89 -6.34 -38.06
N ASN D 140 -18.94 -5.62 -38.46
CA ASN D 140 -18.81 -4.28 -39.03
C ASN D 140 -18.69 -3.11 -38.01
N ALA D 141 -18.90 -3.39 -36.73
CA ALA D 141 -18.96 -2.35 -35.71
C ALA D 141 -17.53 -1.80 -35.37
N PRO D 142 -17.22 -0.57 -35.84
CA PRO D 142 -15.88 0.06 -35.84
C PRO D 142 -15.28 0.30 -34.47
N ARG D 143 -16.14 0.48 -33.47
CA ARG D 143 -15.70 0.76 -32.12
C ARG D 143 -15.60 -0.45 -31.23
N CYS D 144 -15.82 -1.65 -31.78
CA CYS D 144 -15.76 -2.89 -30.98
C CYS D 144 -14.37 -3.52 -31.03
N VAL D 145 -13.74 -3.67 -29.87
CA VAL D 145 -12.39 -4.24 -29.81
C VAL D 145 -12.43 -5.77 -29.73
N GLY D 146 -13.61 -6.31 -29.42
CA GLY D 146 -13.73 -7.74 -29.19
C GLY D 146 -14.11 -8.59 -30.39
N ARG D 147 -13.94 -8.02 -31.59
CA ARG D 147 -14.49 -8.62 -32.81
C ARG D 147 -13.77 -9.86 -33.37
N ILE D 148 -12.69 -10.31 -32.75
CA ILE D 148 -12.05 -11.54 -33.19
C ILE D 148 -13.05 -12.69 -33.01
N GLN D 149 -13.93 -12.49 -32.04
CA GLN D 149 -15.02 -13.38 -31.67
C GLN D 149 -16.27 -13.37 -32.59
N TRP D 150 -16.27 -12.57 -33.66
CA TRP D 150 -17.54 -12.15 -34.27
C TRP D 150 -18.35 -13.33 -34.86
N GLY D 151 -17.66 -14.37 -35.28
CA GLY D 151 -18.30 -15.57 -35.79
C GLY D 151 -18.99 -16.36 -34.70
N LYS D 152 -18.49 -16.30 -33.47
CA LYS D 152 -19.13 -17.01 -32.37
C LYS D 152 -20.23 -16.16 -31.74
N LEU D 153 -21.45 -16.31 -32.23
CA LEU D 153 -22.58 -15.53 -31.71
C LEU D 153 -23.86 -16.36 -31.74
N GLN D 154 -24.56 -16.38 -30.63
CA GLN D 154 -25.79 -17.13 -30.53
C GLN D 154 -26.97 -16.21 -30.82
N VAL D 155 -27.75 -16.54 -31.84
CA VAL D 155 -28.87 -15.72 -32.25
C VAL D 155 -30.21 -16.33 -31.82
N PHE D 156 -30.91 -15.67 -30.91
CA PHE D 156 -32.26 -16.05 -30.54
C PHE D 156 -33.30 -15.28 -31.36
N ASP D 157 -34.08 -16.02 -32.15
CA ASP D 157 -35.10 -15.46 -33.02
C ASP D 157 -36.38 -15.20 -32.24
N ALA D 158 -36.57 -13.97 -31.76
CA ALA D 158 -37.79 -13.60 -31.07
C ALA D 158 -38.70 -12.75 -31.97
N ARG D 159 -38.56 -12.94 -33.28
CA ARG D 159 -39.35 -12.14 -34.22
C ARG D 159 -40.85 -12.49 -34.19
N ASP D 160 -41.23 -13.47 -33.36
CA ASP D 160 -42.63 -13.80 -33.21
C ASP D 160 -43.20 -13.28 -31.89
N CYS D 161 -42.38 -12.56 -31.13
CA CYS D 161 -42.82 -12.05 -29.83
C CYS D 161 -44.04 -11.16 -29.98
N ARG D 162 -44.89 -11.10 -28.95
CA ARG D 162 -46.22 -10.51 -29.12
C ARG D 162 -46.58 -9.48 -28.07
N SER D 163 -45.91 -9.55 -26.92
CA SER D 163 -46.19 -8.61 -25.85
C SER D 163 -44.92 -8.27 -25.09
N ALA D 164 -45.06 -7.32 -24.18
CA ALA D 164 -44.03 -6.94 -23.24
C ALA D 164 -43.72 -8.12 -22.30
N GLN D 165 -44.75 -8.91 -22.02
CA GLN D 165 -44.60 -10.05 -21.12
C GLN D 165 -43.78 -11.16 -21.78
N GLU D 166 -44.08 -11.49 -23.03
CA GLU D 166 -43.29 -12.48 -23.77
C GLU D 166 -41.86 -11.99 -23.98
N MET D 167 -41.74 -10.69 -24.25
CA MET D 167 -40.45 -10.03 -24.44
C MET D 167 -39.57 -10.23 -23.21
N PHE D 168 -40.15 -9.97 -22.05
CA PHE D 168 -39.51 -10.24 -20.77
C PHE D 168 -39.01 -11.68 -20.62
N THR D 169 -39.83 -12.64 -21.06
CA THR D 169 -39.43 -14.03 -20.91
C THR D 169 -38.21 -14.33 -21.77
N TYR D 170 -38.27 -13.92 -23.03
CA TYR D 170 -37.12 -14.01 -23.93
C TYR D 170 -35.86 -13.33 -23.36
N ILE D 171 -36.05 -12.22 -22.67
CA ILE D 171 -34.89 -11.48 -22.17
C ILE D 171 -34.25 -12.26 -21.02
N CYS D 172 -35.08 -12.78 -20.12
CA CYS D 172 -34.60 -13.59 -19.00
C CYS D 172 -33.83 -14.80 -19.52
N ASN D 173 -34.38 -15.48 -20.52
CA ASN D 173 -33.67 -16.59 -21.14
C ASN D 173 -32.30 -16.18 -21.72
N HIS D 174 -32.26 -15.00 -22.34
CA HIS D 174 -31.01 -14.50 -22.87
C HIS D 174 -29.98 -14.33 -21.75
N ILE D 175 -30.34 -13.56 -20.71
CA ILE D 175 -29.46 -13.34 -19.56
C ILE D 175 -29.00 -14.66 -18.97
N LYS D 176 -29.92 -15.63 -18.91
CA LYS D 176 -29.62 -16.97 -18.42
C LYS D 176 -28.56 -17.64 -19.28
N TYR D 177 -28.77 -17.61 -20.60
CA TYR D 177 -27.86 -18.29 -21.50
C TYR D 177 -26.48 -17.64 -21.61
N ALA D 178 -26.48 -16.30 -21.62
CA ALA D 178 -25.27 -15.55 -21.84
C ALA D 178 -24.34 -15.66 -20.63
N THR D 179 -24.92 -15.52 -19.45
CA THR D 179 -24.19 -15.58 -18.20
C THR D 179 -23.57 -16.96 -18.00
N ASN D 180 -24.40 -18.01 -18.10
CA ASN D 180 -23.90 -19.38 -18.07
C ASN D 180 -23.03 -19.62 -16.84
N ARG D 181 -23.50 -19.11 -15.70
CA ARG D 181 -22.85 -19.30 -14.41
C ARG D 181 -21.46 -18.70 -14.38
N GLY D 182 -21.14 -17.80 -15.30
CA GLY D 182 -19.85 -17.14 -15.32
C GLY D 182 -18.97 -17.49 -16.51
N ASN D 183 -19.24 -18.62 -17.14
CA ASN D 183 -18.58 -18.94 -18.40
C ASN D 183 -19.38 -18.28 -19.54
N LEU D 184 -19.11 -17.00 -19.81
CA LEU D 184 -19.99 -16.16 -20.61
C LEU D 184 -19.95 -16.53 -22.09
N ARG D 185 -21.14 -16.44 -22.71
CA ARG D 185 -21.35 -16.76 -24.11
C ARG D 185 -21.94 -15.55 -24.84
N SER D 186 -21.43 -15.20 -26.02
CA SER D 186 -22.00 -14.06 -26.76
C SER D 186 -23.35 -14.41 -27.40
N ALA D 187 -24.34 -13.56 -27.17
CA ALA D 187 -25.66 -13.78 -27.73
C ALA D 187 -26.36 -12.50 -28.10
N ILE D 188 -27.39 -12.65 -28.96
CA ILE D 188 -28.30 -11.59 -29.31
C ILE D 188 -29.71 -12.17 -29.47
N THR D 189 -30.68 -11.49 -28.87
CA THR D 189 -32.09 -11.79 -29.05
C THR D 189 -32.71 -10.75 -29.98
N VAL D 190 -33.28 -11.17 -31.10
CA VAL D 190 -33.82 -10.25 -32.10
C VAL D 190 -35.34 -10.22 -32.07
N PHE D 191 -35.87 -9.08 -31.69
CA PHE D 191 -37.30 -8.90 -31.53
C PHE D 191 -37.88 -8.38 -32.85
N PRO D 192 -39.23 -8.32 -32.99
CA PRO D 192 -39.80 -8.04 -34.31
C PRO D 192 -39.35 -6.71 -34.96
N GLN D 193 -39.07 -6.77 -36.26
CA GLN D 193 -38.65 -5.59 -37.01
C GLN D 193 -39.67 -4.47 -37.04
N ARG D 194 -39.17 -3.23 -37.14
CA ARG D 194 -40.01 -2.08 -37.40
C ARG D 194 -40.88 -2.35 -38.63
N CYS D 195 -42.15 -1.92 -38.57
CA CYS D 195 -43.04 -2.07 -39.70
C CYS D 195 -44.20 -1.08 -39.66
N PRO D 196 -44.77 -0.75 -40.84
CA PRO D 196 -45.93 0.13 -41.06
C PRO D 196 -47.18 -0.16 -40.21
N GLY D 197 -47.82 0.88 -39.68
CA GLY D 197 -49.10 0.73 -39.01
C GLY D 197 -49.01 0.15 -37.62
N ARG D 198 -47.80 -0.23 -37.23
CA ARG D 198 -47.53 -0.80 -35.92
C ARG D 198 -46.40 -0.03 -35.26
N GLY D 199 -46.48 0.16 -33.94
CA GLY D 199 -45.40 0.79 -33.21
C GLY D 199 -44.20 -0.16 -33.05
N ASP D 200 -43.15 0.36 -32.44
CA ASP D 200 -41.91 -0.37 -32.26
C ASP D 200 -41.91 -1.18 -30.96
N PHE D 201 -41.25 -2.32 -30.96
CA PHE D 201 -40.75 -2.88 -29.72
C PHE D 201 -39.56 -2.00 -29.29
N ARG D 202 -39.52 -1.59 -28.03
CA ARG D 202 -38.31 -1.01 -27.47
C ARG D 202 -38.04 -1.50 -26.05
N ILE D 203 -36.76 -1.56 -25.72
CA ILE D 203 -36.24 -1.67 -24.36
C ILE D 203 -35.73 -0.28 -23.94
N TRP D 204 -36.35 0.33 -22.94
CA TRP D 204 -36.01 1.69 -22.59
C TRP D 204 -34.63 1.79 -21.94
N ASN D 205 -34.28 0.76 -21.17
CA ASN D 205 -32.98 0.61 -20.54
C ASN D 205 -31.83 0.55 -21.55
N SER D 206 -30.72 1.22 -21.26
CA SER D 206 -29.57 1.14 -22.15
C SER D 206 -28.86 -0.22 -22.08
N GLN D 207 -28.93 -0.88 -20.93
CA GLN D 207 -28.38 -2.22 -20.79
C GLN D 207 -29.35 -3.06 -19.98
N LEU D 208 -29.29 -4.37 -20.15
CA LEU D 208 -30.19 -5.25 -19.40
C LEU D 208 -29.89 -5.14 -17.91
N VAL D 209 -28.62 -5.01 -17.56
CA VAL D 209 -28.25 -4.77 -16.16
C VAL D 209 -27.61 -3.38 -15.97
N ARG D 210 -28.21 -2.58 -15.10
CA ARG D 210 -27.70 -1.24 -14.80
C ARG D 210 -28.02 -0.95 -13.34
N TYR D 211 -27.19 -0.13 -12.74
CA TYR D 211 -27.43 0.31 -11.38
C TYR D 211 -28.17 1.63 -11.33
N ALA D 212 -29.03 1.78 -10.33
CA ALA D 212 -29.77 3.02 -10.13
C ALA D 212 -28.84 4.19 -9.84
N GLY D 213 -29.31 5.38 -10.18
CA GLY D 213 -28.68 6.62 -9.81
C GLY D 213 -29.75 7.52 -9.24
N TYR D 214 -29.65 7.78 -7.94
CA TYR D 214 -30.62 8.61 -7.26
C TYR D 214 -30.06 10.02 -7.05
N ARG D 215 -30.65 11.00 -7.74
CA ARG D 215 -30.33 12.41 -7.48
C ARG D 215 -30.52 12.70 -6.01
N GLN D 216 -29.79 13.69 -5.51
CA GLN D 216 -29.91 14.02 -4.11
C GLN D 216 -30.33 15.47 -3.97
N GLN D 217 -29.96 16.07 -2.84
CA GLN D 217 -30.25 17.48 -2.60
C GLN D 217 -29.30 18.36 -3.40
N ASP D 218 -28.02 18.02 -3.41
CA ASP D 218 -26.98 18.83 -4.03
C ASP D 218 -27.19 18.96 -5.54
N GLY D 219 -27.83 17.95 -6.11
CA GLY D 219 -27.72 17.67 -7.53
C GLY D 219 -26.78 16.49 -7.56
N SER D 220 -26.43 16.03 -6.36
CA SER D 220 -25.57 14.86 -6.16
C SER D 220 -26.30 13.56 -6.51
N VAL D 221 -25.53 12.54 -6.87
CA VAL D 221 -26.11 11.28 -7.29
C VAL D 221 -25.61 10.16 -6.41
N ARG D 222 -26.52 9.28 -5.99
CA ARG D 222 -26.14 8.08 -5.29
C ARG D 222 -26.32 6.90 -6.24
N GLY D 223 -25.30 6.07 -6.33
CA GLY D 223 -25.26 5.04 -7.35
C GLY D 223 -24.61 5.54 -8.63
N ASP D 224 -25.06 5.05 -9.77
CA ASP D 224 -24.44 5.40 -11.04
C ASP D 224 -25.09 6.63 -11.66
N PRO D 225 -24.31 7.72 -11.86
CA PRO D 225 -24.89 8.94 -12.44
C PRO D 225 -25.31 8.79 -13.90
N ALA D 226 -24.69 7.87 -14.62
CA ALA D 226 -25.07 7.61 -15.99
C ALA D 226 -26.54 7.16 -16.13
N ASN D 227 -27.16 6.76 -15.03
CA ASN D 227 -28.47 6.10 -15.05
C ASN D 227 -29.54 6.86 -14.27
N VAL D 228 -29.28 8.13 -13.99
CA VAL D 228 -30.26 8.98 -13.31
C VAL D 228 -31.61 9.06 -14.07
N GLU D 229 -31.56 9.14 -15.39
CA GLU D 229 -32.77 9.42 -16.17
C GLU D 229 -33.70 8.21 -16.17
N ILE D 230 -33.15 7.08 -16.60
CA ILE D 230 -33.85 5.81 -16.62
C ILE D 230 -34.41 5.48 -15.22
N THR D 231 -33.64 5.80 -14.18
CA THR D 231 -34.04 5.54 -12.80
C THR D 231 -35.29 6.31 -12.39
N GLU D 232 -35.40 7.57 -12.81
CA GLU D 232 -36.57 8.36 -12.47
C GLU D 232 -37.76 7.94 -13.33
N LEU D 233 -37.47 7.56 -14.57
CA LEU D 233 -38.48 6.97 -15.43
C LEU D 233 -39.11 5.73 -14.78
N CYS D 234 -38.29 4.87 -14.20
CA CYS D 234 -38.76 3.64 -13.58
C CYS D 234 -39.70 3.96 -12.43
N ILE D 235 -39.21 4.81 -11.54
CA ILE D 235 -39.96 5.33 -10.40
C ILE D 235 -41.28 5.95 -10.83
N GLN D 236 -41.20 6.81 -11.84
CA GLN D 236 -42.37 7.40 -12.48
C GLN D 236 -43.35 6.31 -12.91
N HIS D 237 -42.82 5.21 -13.47
CA HIS D 237 -43.68 4.12 -13.93
C HIS D 237 -43.94 3.11 -12.83
N GLY D 238 -43.77 3.53 -11.58
CA GLY D 238 -44.26 2.74 -10.45
C GLY D 238 -43.22 2.01 -9.63
N TRP D 239 -41.95 2.11 -9.98
CA TRP D 239 -40.93 1.39 -9.25
C TRP D 239 -40.69 2.00 -7.87
N THR D 240 -40.56 1.13 -6.89
CA THR D 240 -40.16 1.50 -5.55
C THR D 240 -38.63 1.49 -5.44
N PRO D 241 -38.02 2.68 -5.34
CA PRO D 241 -36.56 2.76 -5.36
C PRO D 241 -35.91 2.21 -4.10
N GLY D 242 -34.65 1.80 -4.20
CA GLY D 242 -33.86 1.44 -3.04
C GLY D 242 -33.15 2.70 -2.60
N ASN D 243 -31.97 2.55 -1.99
CA ASN D 243 -31.14 3.72 -1.67
C ASN D 243 -29.67 3.34 -1.50
N GLY D 244 -29.23 2.37 -2.29
CA GLY D 244 -27.85 1.93 -2.30
C GLY D 244 -27.14 2.40 -3.56
N ARG D 245 -25.85 2.09 -3.65
CA ARG D 245 -25.03 2.50 -4.77
C ARG D 245 -25.06 1.49 -5.91
N PHE D 246 -25.66 0.34 -5.64
CA PHE D 246 -25.62 -0.74 -6.61
C PHE D 246 -26.95 -1.46 -6.64
N ASP D 247 -28.04 -0.71 -6.76
CA ASP D 247 -29.35 -1.31 -6.89
C ASP D 247 -29.61 -1.62 -8.36
N VAL D 248 -29.75 -2.89 -8.70
CA VAL D 248 -30.08 -3.28 -10.07
C VAL D 248 -31.42 -2.70 -10.48
N LEU D 249 -31.48 -2.04 -11.64
CA LEU D 249 -32.72 -1.40 -12.10
C LEU D 249 -33.74 -2.39 -12.64
N PRO D 250 -35.02 -2.08 -12.50
CA PRO D 250 -36.01 -2.90 -13.19
C PRO D 250 -35.94 -2.68 -14.70
N LEU D 251 -36.62 -3.50 -15.48
CA LEU D 251 -36.69 -3.28 -16.92
C LEU D 251 -37.96 -2.54 -17.35
N LEU D 252 -37.81 -1.63 -18.32
CA LEU D 252 -38.95 -0.92 -18.90
C LEU D 252 -39.07 -1.39 -20.32
N LEU D 253 -40.13 -2.15 -20.60
CA LEU D 253 -40.26 -2.82 -21.88
C LEU D 253 -41.52 -2.34 -22.59
N GLN D 254 -41.40 -2.12 -23.90
CA GLN D 254 -42.45 -1.49 -24.68
C GLN D 254 -42.80 -2.36 -25.87
N ALA D 255 -44.04 -2.84 -25.88
CA ALA D 255 -44.67 -3.47 -27.03
C ALA D 255 -45.30 -2.37 -27.88
N PRO D 256 -45.49 -2.63 -29.18
CA PRO D 256 -46.10 -1.71 -30.14
C PRO D 256 -47.30 -0.95 -29.57
N ASP D 257 -47.31 0.37 -29.73
CA ASP D 257 -48.44 1.24 -29.36
C ASP D 257 -48.96 1.02 -27.95
N GLU D 258 -48.08 0.52 -27.09
CA GLU D 258 -48.36 0.32 -25.67
C GLU D 258 -47.39 1.14 -24.83
N PRO D 259 -47.84 1.65 -23.67
CA PRO D 259 -46.84 2.27 -22.78
C PRO D 259 -45.90 1.21 -22.24
N PRO D 260 -44.68 1.61 -21.81
CA PRO D 260 -43.74 0.61 -21.33
C PRO D 260 -44.18 0.00 -20.02
N GLU D 261 -43.80 -1.25 -19.78
CA GLU D 261 -44.21 -1.96 -18.58
C GLU D 261 -43.00 -2.35 -17.77
N LEU D 262 -43.13 -2.25 -16.45
CA LEU D 262 -42.08 -2.51 -15.48
C LEU D 262 -41.92 -3.99 -15.16
N PHE D 263 -40.73 -4.53 -15.37
CA PHE D 263 -40.43 -5.91 -15.00
C PHE D 263 -39.16 -5.98 -14.14
N LEU D 264 -39.31 -6.49 -12.92
CA LEU D 264 -38.16 -6.73 -12.05
C LEU D 264 -37.43 -7.96 -12.52
N LEU D 265 -36.11 -7.89 -12.59
CA LEU D 265 -35.32 -9.06 -12.91
C LEU D 265 -35.24 -9.96 -11.68
N PRO D 266 -35.49 -11.26 -11.86
CA PRO D 266 -35.29 -12.22 -10.76
C PRO D 266 -33.86 -12.14 -10.27
N PRO D 267 -33.67 -11.71 -9.02
CA PRO D 267 -32.35 -11.47 -8.42
C PRO D 267 -31.31 -12.56 -8.72
N GLU D 268 -31.78 -13.80 -8.85
CA GLU D 268 -30.95 -14.98 -9.09
C GLU D 268 -30.33 -14.99 -10.48
N LEU D 269 -30.96 -14.26 -11.39
CA LEU D 269 -30.56 -14.22 -12.78
C LEU D 269 -29.37 -13.27 -13.01
N VAL D 270 -29.25 -12.31 -12.11
CA VAL D 270 -28.23 -11.26 -12.25
C VAL D 270 -26.95 -11.58 -11.46
N LEU D 271 -25.96 -12.12 -12.15
CA LEU D 271 -24.71 -12.55 -11.52
C LEU D 271 -23.79 -11.37 -11.28
N GLU D 272 -23.43 -11.17 -10.03
CA GLU D 272 -22.58 -10.05 -9.64
C GLU D 272 -21.25 -10.48 -9.03
N VAL D 273 -20.32 -9.54 -8.96
CA VAL D 273 -18.96 -9.78 -8.50
C VAL D 273 -18.58 -8.71 -7.49
N PRO D 274 -18.44 -9.08 -6.22
CA PRO D 274 -17.92 -8.11 -5.25
C PRO D 274 -16.49 -7.77 -5.63
N LEU D 275 -16.08 -6.53 -5.47
CA LEU D 275 -14.74 -6.13 -5.89
C LEU D 275 -13.76 -6.16 -4.71
N GLU D 276 -12.67 -6.89 -4.89
CA GLU D 276 -11.63 -6.90 -3.86
C GLU D 276 -10.27 -6.85 -4.52
N HIS D 277 -9.25 -6.50 -3.74
CA HIS D 277 -7.91 -6.36 -4.29
C HIS D 277 -7.00 -7.46 -3.75
N PRO D 278 -6.21 -8.11 -4.64
CA PRO D 278 -5.44 -9.28 -4.22
C PRO D 278 -4.46 -8.96 -3.11
N THR D 279 -3.98 -7.73 -3.05
CA THR D 279 -3.07 -7.34 -1.99
C THR D 279 -3.53 -6.13 -1.17
N LEU D 280 -4.52 -5.34 -1.58
CA LEU D 280 -4.94 -4.26 -0.66
C LEU D 280 -6.25 -4.66 0.02
N GLU D 281 -6.16 -5.13 1.26
CA GLU D 281 -7.30 -5.78 1.89
C GLU D 281 -8.42 -4.81 2.22
N TRP D 282 -8.07 -3.57 2.47
CA TRP D 282 -9.08 -2.57 2.78
C TRP D 282 -10.01 -2.29 1.59
N PHE D 283 -9.60 -2.71 0.40
CA PHE D 283 -10.37 -2.42 -0.81
C PHE D 283 -11.77 -3.03 -0.73
N ALA D 284 -11.89 -4.22 -0.14
CA ALA D 284 -13.19 -4.90 -0.03
C ALA D 284 -14.14 -4.06 0.81
N ALA D 285 -13.57 -3.26 1.70
CA ALA D 285 -14.38 -2.42 2.59
C ALA D 285 -14.90 -1.19 1.87
N LEU D 286 -14.59 -1.05 0.59
CA LEU D 286 -15.24 -0.01 -0.23
C LEU D 286 -16.68 -0.42 -0.56
N GLY D 287 -16.93 -1.73 -0.54
CA GLY D 287 -18.28 -2.24 -0.80
C GLY D 287 -18.65 -2.10 -2.27
N LEU D 288 -17.64 -2.12 -3.13
CA LEU D 288 -17.87 -1.94 -4.54
C LEU D 288 -18.22 -3.27 -5.20
N ARG D 289 -18.99 -3.21 -6.28
CA ARG D 289 -19.35 -4.42 -6.99
C ARG D 289 -19.64 -4.06 -8.44
N TRP D 290 -19.57 -5.05 -9.32
CA TRP D 290 -20.10 -4.89 -10.68
C TRP D 290 -20.77 -6.17 -11.13
N TYR D 291 -21.53 -6.11 -12.23
CA TYR D 291 -22.23 -7.31 -12.74
C TYR D 291 -21.41 -7.98 -13.83
N ALA D 292 -21.73 -9.24 -14.11
CA ALA D 292 -21.00 -10.08 -15.03
C ALA D 292 -21.26 -9.76 -16.51
N LEU D 293 -22.53 -9.45 -16.81
CA LEU D 293 -23.01 -9.45 -18.20
C LEU D 293 -23.22 -8.06 -18.77
N PRO D 294 -22.37 -7.63 -19.71
CA PRO D 294 -22.67 -6.37 -20.40
C PRO D 294 -23.69 -6.61 -21.52
N ALA D 295 -24.94 -6.28 -21.27
CA ALA D 295 -25.98 -6.60 -22.24
C ALA D 295 -26.60 -5.32 -22.80
N VAL D 296 -26.09 -4.86 -23.95
CA VAL D 296 -26.50 -3.56 -24.50
C VAL D 296 -27.83 -3.72 -25.25
N SER D 297 -28.81 -2.91 -24.84
CA SER D 297 -30.19 -3.12 -25.20
C SER D 297 -30.88 -1.92 -25.87
N ASN D 298 -30.14 -0.87 -26.18
CA ASN D 298 -30.79 0.30 -26.80
C ASN D 298 -30.27 0.63 -28.19
N MET D 299 -29.46 -0.24 -28.77
CA MET D 299 -29.05 -0.01 -30.15
C MET D 299 -30.07 -0.54 -31.16
N LEU D 300 -30.09 0.06 -32.35
CA LEU D 300 -30.87 -0.46 -33.47
C LEU D 300 -30.00 -1.32 -34.37
N LEU D 301 -30.48 -2.52 -34.66
CA LEU D 301 -29.83 -3.45 -35.56
C LEU D 301 -30.45 -3.32 -36.96
N GLU D 302 -29.65 -2.96 -37.96
CA GLU D 302 -30.12 -2.79 -39.32
C GLU D 302 -29.54 -3.88 -40.22
N ILE D 303 -30.42 -4.56 -40.95
CA ILE D 303 -30.03 -5.64 -41.85
C ILE D 303 -30.82 -5.50 -43.15
N GLY D 304 -30.08 -5.39 -44.27
CA GLY D 304 -30.68 -5.21 -45.59
C GLY D 304 -31.83 -4.23 -45.66
N GLY D 305 -31.67 -3.08 -45.03
CA GLY D 305 -32.72 -2.08 -44.98
C GLY D 305 -33.79 -2.31 -43.92
N LEU D 306 -33.91 -3.54 -43.42
CA LEU D 306 -34.84 -3.78 -42.32
C LEU D 306 -34.25 -3.25 -41.03
N GLU D 307 -35.11 -2.74 -40.17
CA GLU D 307 -34.65 -2.14 -38.93
C GLU D 307 -35.23 -2.87 -37.72
N PHE D 308 -34.34 -3.29 -36.82
CA PHE D 308 -34.72 -3.95 -35.57
C PHE D 308 -34.35 -3.06 -34.39
N PRO D 309 -35.34 -2.28 -33.87
CA PRO D 309 -35.14 -1.31 -32.78
C PRO D 309 -34.96 -1.96 -31.42
N ALA D 310 -35.37 -3.22 -31.30
CA ALA D 310 -35.09 -3.93 -30.07
C ALA D 310 -34.43 -5.25 -30.41
N ALA D 311 -33.13 -5.30 -30.17
CA ALA D 311 -32.34 -6.48 -30.46
C ALA D 311 -31.13 -6.51 -29.52
N PRO D 312 -31.39 -6.66 -28.21
CA PRO D 312 -30.36 -6.67 -27.16
C PRO D 312 -29.25 -7.67 -27.45
N PHE D 313 -28.00 -7.28 -27.21
CA PHE D 313 -26.86 -8.19 -27.41
C PHE D 313 -25.88 -8.15 -26.21
N SER D 314 -25.03 -9.16 -26.11
CA SER D 314 -24.14 -9.22 -24.97
C SER D 314 -22.88 -10.04 -25.29
N GLY D 315 -21.76 -9.62 -24.72
CA GLY D 315 -20.49 -10.31 -24.88
C GLY D 315 -19.91 -10.55 -23.50
N TRP D 316 -18.67 -10.12 -23.26
CA TRP D 316 -18.16 -10.09 -21.89
C TRP D 316 -17.27 -8.86 -21.74
N TYR D 317 -17.06 -8.43 -20.50
CA TYR D 317 -16.34 -7.19 -20.24
C TYR D 317 -14.87 -7.25 -20.59
N MET D 318 -14.34 -6.12 -21.07
CA MET D 318 -12.92 -5.84 -20.96
C MET D 318 -12.75 -5.04 -19.68
N SER D 319 -11.69 -5.35 -18.91
CA SER D 319 -11.54 -4.81 -17.55
C SER D 319 -11.56 -3.29 -17.47
N THR D 320 -11.06 -2.64 -18.50
CA THR D 320 -10.98 -1.18 -18.47
C THR D 320 -12.34 -0.51 -18.41
N GLU D 321 -13.36 -1.12 -18.99
CA GLU D 321 -14.67 -0.46 -18.98
C GLU D 321 -15.17 -0.28 -17.56
N ILE D 322 -14.94 -1.30 -16.75
CA ILE D 322 -15.32 -1.27 -15.34
C ILE D 322 -14.28 -0.50 -14.50
N GLY D 323 -13.04 -0.94 -14.57
CA GLY D 323 -11.99 -0.39 -13.73
C GLY D 323 -11.66 1.07 -13.99
N THR D 324 -11.44 1.40 -15.26
CA THR D 324 -11.12 2.77 -15.62
C THR D 324 -12.39 3.63 -15.79
N ARG D 325 -13.22 3.35 -16.80
CA ARG D 325 -14.39 4.20 -17.04
C ARG D 325 -15.44 4.19 -15.94
N ASN D 326 -16.07 3.04 -15.70
CA ASN D 326 -17.23 3.01 -14.83
C ASN D 326 -16.91 3.44 -13.39
N LEU D 327 -15.72 3.12 -12.93
CA LEU D 327 -15.36 3.46 -11.56
C LEU D 327 -14.63 4.80 -11.45
N CYS D 328 -13.82 5.17 -12.45
CA CYS D 328 -12.95 6.34 -12.29
C CYS D 328 -13.31 7.58 -13.12
N ASP D 329 -14.23 7.46 -14.06
CA ASP D 329 -14.75 8.66 -14.74
C ASP D 329 -15.26 9.64 -13.67
N PRO D 330 -14.90 10.92 -13.80
CA PRO D 330 -15.33 11.92 -12.82
C PRO D 330 -16.84 11.97 -12.73
N HIS D 331 -17.49 11.64 -13.83
CA HIS D 331 -18.94 11.75 -13.91
C HIS D 331 -19.59 10.40 -13.68
N ARG D 332 -18.83 9.42 -13.22
CA ARG D 332 -19.39 8.11 -12.94
C ARG D 332 -19.24 7.84 -11.44
N TYR D 333 -18.72 6.68 -11.03
CA TYR D 333 -18.59 6.44 -9.58
C TYR D 333 -17.50 7.29 -8.91
N ASN D 334 -16.53 7.77 -9.69
CA ASN D 334 -15.53 8.75 -9.24
C ASN D 334 -14.82 8.39 -7.93
N ILE D 335 -14.24 7.20 -7.88
CA ILE D 335 -13.62 6.72 -6.66
C ILE D 335 -12.12 6.98 -6.61
N LEU D 336 -11.56 7.62 -7.63
CA LEU D 336 -10.10 7.60 -7.84
C LEU D 336 -9.36 8.21 -6.66
N GLU D 337 -9.78 9.41 -6.28
CA GLU D 337 -9.16 10.11 -5.18
C GLU D 337 -9.32 9.36 -3.87
N ASP D 338 -10.48 8.75 -3.66
CA ASP D 338 -10.72 8.07 -2.40
C ASP D 338 -9.79 6.85 -2.30
N VAL D 339 -9.67 6.09 -3.40
CA VAL D 339 -8.71 5.01 -3.47
C VAL D 339 -7.26 5.49 -3.23
N ALA D 340 -6.92 6.63 -3.82
CA ALA D 340 -5.57 7.16 -3.73
C ALA D 340 -5.18 7.51 -2.29
N VAL D 341 -6.12 8.14 -1.59
CA VAL D 341 -5.94 8.47 -0.19
C VAL D 341 -5.68 7.21 0.61
N CYS D 342 -6.45 6.15 0.31
CA CYS D 342 -6.34 4.89 1.02
C CYS D 342 -5.00 4.20 0.75
N MET D 343 -4.45 4.45 -0.44
CA MET D 343 -3.15 3.92 -0.84
C MET D 343 -2.05 4.79 -0.27
N ASP D 344 -2.47 5.75 0.55
CA ASP D 344 -1.69 6.89 1.00
C ASP D 344 -0.70 7.40 -0.04
N LEU D 345 -1.17 7.65 -1.26
CA LEU D 345 -0.36 8.38 -2.22
C LEU D 345 -0.41 9.87 -1.90
N ASP D 346 0.51 10.62 -2.48
CA ASP D 346 0.51 12.06 -2.34
C ASP D 346 -0.41 12.72 -3.37
N THR D 347 -1.65 12.99 -2.96
CA THR D 347 -2.63 13.57 -3.88
C THR D 347 -2.60 15.09 -3.93
N ARG D 348 -1.53 15.70 -3.44
CA ARG D 348 -1.48 17.16 -3.42
C ARG D 348 -0.84 17.70 -4.69
N THR D 349 -0.04 16.86 -5.35
CA THR D 349 0.63 17.24 -6.59
C THR D 349 0.43 16.18 -7.68
N THR D 350 0.25 16.62 -8.92
CA THR D 350 0.00 15.70 -10.02
C THR D 350 1.23 14.92 -10.45
N SER D 351 2.41 15.45 -10.11
CA SER D 351 3.65 14.86 -10.58
C SER D 351 3.98 13.55 -9.84
N SER D 352 3.31 13.30 -8.72
CA SER D 352 3.42 11.98 -8.09
C SER D 352 2.71 10.88 -8.90
N LEU D 353 1.90 11.28 -9.88
CA LEU D 353 1.13 10.34 -10.70
C LEU D 353 0.27 9.42 -9.83
N TRP D 354 -0.38 10.01 -8.84
CA TRP D 354 -1.25 9.27 -7.94
C TRP D 354 -2.53 8.79 -8.65
N LYS D 355 -2.98 9.54 -9.64
CA LYS D 355 -4.15 9.13 -10.41
C LYS D 355 -3.85 7.85 -11.17
N ASP D 356 -2.73 7.85 -11.91
CA ASP D 356 -2.25 6.68 -12.66
C ASP D 356 -2.06 5.45 -11.79
N LYS D 357 -1.44 5.63 -10.63
CA LYS D 357 -1.19 4.53 -9.70
C LYS D 357 -2.47 3.92 -9.16
N ALA D 358 -3.38 4.77 -8.68
CA ALA D 358 -4.64 4.32 -8.13
C ALA D 358 -5.47 3.57 -9.15
N ALA D 359 -5.47 4.08 -10.39
CA ALA D 359 -6.26 3.50 -11.47
C ALA D 359 -5.79 2.09 -11.84
N VAL D 360 -4.47 1.91 -11.86
CA VAL D 360 -3.90 0.60 -12.18
C VAL D 360 -4.40 -0.44 -11.17
N GLU D 361 -4.33 -0.09 -9.89
CA GLU D 361 -4.73 -1.01 -8.85
C GLU D 361 -6.23 -1.32 -8.90
N ILE D 362 -7.04 -0.32 -9.27
CA ILE D 362 -8.48 -0.50 -9.41
C ILE D 362 -8.74 -1.50 -10.52
N ASN D 363 -7.98 -1.37 -11.60
CA ASN D 363 -8.07 -2.32 -12.70
C ASN D 363 -7.60 -3.73 -12.32
N VAL D 364 -6.53 -3.81 -11.52
CA VAL D 364 -6.06 -5.08 -10.95
C VAL D 364 -7.16 -5.75 -10.13
N ALA D 365 -7.84 -4.95 -9.30
CA ALA D 365 -8.91 -5.44 -8.45
C ALA D 365 -10.08 -5.96 -9.29
N VAL D 366 -10.38 -5.30 -10.39
CA VAL D 366 -11.46 -5.77 -11.23
C VAL D 366 -11.11 -7.16 -11.79
N LEU D 367 -9.92 -7.25 -12.38
CA LEU D 367 -9.42 -8.48 -12.98
C LEU D 367 -9.32 -9.61 -11.96
N HIS D 368 -8.69 -9.33 -10.83
CA HIS D 368 -8.59 -10.25 -9.74
C HIS D 368 -9.96 -10.74 -9.30
N SER D 369 -10.88 -9.81 -9.10
CA SER D 369 -12.17 -10.19 -8.54
C SER D 369 -12.98 -11.09 -9.48
N TYR D 370 -12.98 -10.77 -10.77
CA TYR D 370 -13.70 -11.58 -11.76
C TYR D 370 -13.08 -12.96 -11.95
N GLN D 371 -11.77 -13.05 -11.85
CA GLN D 371 -11.10 -14.33 -12.01
C GLN D 371 -11.44 -15.20 -10.80
N LEU D 372 -11.34 -14.60 -9.62
CA LEU D 372 -11.71 -15.23 -8.37
C LEU D 372 -13.13 -15.77 -8.42
N ALA D 373 -14.03 -15.02 -9.04
CA ALA D 373 -15.45 -15.38 -9.10
C ALA D 373 -15.75 -16.35 -10.24
N LYS D 374 -14.74 -16.65 -11.04
CA LYS D 374 -14.86 -17.50 -12.24
C LYS D 374 -15.86 -16.92 -13.22
N VAL D 375 -15.70 -15.63 -13.49
CA VAL D 375 -16.54 -14.89 -14.42
C VAL D 375 -15.67 -14.37 -15.53
N THR D 376 -16.00 -14.72 -16.77
CA THR D 376 -15.22 -14.30 -17.91
C THR D 376 -14.89 -12.83 -17.88
N ILE D 377 -13.62 -12.50 -18.12
CA ILE D 377 -13.19 -11.11 -18.25
C ILE D 377 -11.90 -11.10 -19.07
N VAL D 378 -11.64 -10.01 -19.79
CA VAL D 378 -10.42 -9.91 -20.59
C VAL D 378 -9.74 -8.57 -20.35
N ASP D 379 -8.41 -8.58 -20.23
CA ASP D 379 -7.69 -7.33 -19.95
C ASP D 379 -7.38 -6.62 -21.26
N HIS D 380 -7.03 -5.34 -21.20
CA HIS D 380 -6.82 -4.54 -22.41
C HIS D 380 -5.61 -5.00 -23.24
N HIS D 381 -4.65 -5.67 -22.61
CA HIS D 381 -3.49 -6.19 -23.34
C HIS D 381 -3.89 -7.39 -24.20
N ALA D 382 -4.59 -8.33 -23.60
CA ALA D 382 -5.09 -9.49 -24.34
C ALA D 382 -6.06 -9.04 -25.44
N ALA D 383 -6.96 -8.14 -25.09
CA ALA D 383 -8.02 -7.77 -26.01
C ALA D 383 -7.45 -7.09 -27.25
N THR D 384 -6.47 -6.22 -27.06
CA THR D 384 -5.94 -5.46 -28.20
C THR D 384 -5.04 -6.36 -29.02
N ALA D 385 -4.41 -7.32 -28.36
CA ALA D 385 -3.53 -8.25 -29.04
C ALA D 385 -4.34 -9.07 -30.04
N SER D 386 -5.52 -9.49 -29.61
CA SER D 386 -6.38 -10.29 -30.45
C SER D 386 -7.13 -9.43 -31.44
N PHE D 387 -7.26 -8.13 -31.18
CA PHE D 387 -7.88 -7.28 -32.17
C PHE D 387 -6.93 -7.11 -33.35
N MET D 388 -5.63 -7.13 -33.06
CA MET D 388 -4.63 -7.11 -34.12
C MET D 388 -4.74 -8.36 -35.00
N LYS D 389 -4.93 -9.51 -34.36
CA LYS D 389 -5.14 -10.75 -35.09
C LYS D 389 -6.40 -10.63 -35.96
N HIS D 390 -7.43 -9.98 -35.41
CA HIS D 390 -8.67 -9.74 -36.15
C HIS D 390 -8.44 -8.90 -37.42
N LEU D 391 -7.55 -7.90 -37.32
CA LEU D 391 -7.25 -6.99 -38.43
C LEU D 391 -6.57 -7.72 -39.57
N GLU D 392 -5.57 -8.52 -39.18
CA GLU D 392 -4.88 -9.41 -40.11
C GLU D 392 -5.90 -10.38 -40.75
N ASN D 393 -6.72 -11.05 -39.95
CA ASN D 393 -7.74 -11.94 -40.51
C ASN D 393 -8.62 -11.16 -41.50
N GLU D 394 -9.05 -9.97 -41.09
CA GLU D 394 -9.98 -9.19 -41.91
C GLU D 394 -9.36 -8.63 -43.19
N GLN D 395 -8.06 -8.35 -43.16
CA GLN D 395 -7.40 -7.83 -44.36
C GLN D 395 -7.40 -8.88 -45.45
N LYS D 396 -7.04 -10.11 -45.10
CA LYS D 396 -7.05 -11.21 -46.05
C LYS D 396 -8.44 -11.42 -46.64
N ALA D 397 -9.46 -11.29 -45.80
CA ALA D 397 -10.82 -11.68 -46.15
C ALA D 397 -11.61 -10.63 -46.92
N ARG D 398 -11.46 -9.36 -46.57
CA ARG D 398 -12.28 -8.32 -47.19
C ARG D 398 -11.46 -7.14 -47.69
N GLY D 399 -10.15 -7.19 -47.49
CA GLY D 399 -9.27 -6.12 -47.91
C GLY D 399 -9.43 -4.91 -47.01
N GLY D 400 -9.62 -5.18 -45.72
CA GLY D 400 -9.73 -4.09 -44.76
C GLY D 400 -10.53 -4.42 -43.52
N CYS D 401 -10.73 -3.41 -42.68
CA CYS D 401 -11.50 -3.54 -41.45
C CYS D 401 -11.83 -2.17 -40.85
N PRO D 402 -13.12 -1.81 -40.84
CA PRO D 402 -13.52 -0.52 -40.27
C PRO D 402 -13.22 -0.44 -38.78
N ALA D 403 -12.47 0.59 -38.38
CA ALA D 403 -12.01 0.70 -37.00
C ALA D 403 -11.87 2.15 -36.56
N ASP D 404 -12.48 2.46 -35.42
CA ASP D 404 -12.44 3.77 -34.80
C ASP D 404 -11.31 3.81 -33.75
N TRP D 405 -10.13 4.26 -34.17
CA TRP D 405 -8.92 4.31 -33.33
C TRP D 405 -9.14 4.78 -31.90
N ALA D 406 -9.88 5.88 -31.71
CA ALA D 406 -10.10 6.44 -30.37
C ALA D 406 -10.89 5.52 -29.44
N TRP D 407 -11.69 4.63 -30.01
CA TRP D 407 -12.48 3.69 -29.21
C TRP D 407 -11.78 2.35 -29.00
N ILE D 408 -10.97 1.94 -29.98
CA ILE D 408 -10.19 0.72 -29.88
C ILE D 408 -9.06 0.86 -28.84
N VAL D 409 -8.39 2.02 -28.79
CA VAL D 409 -7.29 2.23 -27.85
C VAL D 409 -7.86 2.35 -26.44
N PRO D 410 -7.35 1.51 -25.52
CA PRO D 410 -7.75 1.49 -24.11
C PRO D 410 -7.61 2.87 -23.45
N PRO D 411 -8.51 3.18 -22.52
CA PRO D 411 -8.48 4.46 -21.81
C PRO D 411 -7.30 4.58 -20.79
N ILE D 412 -6.59 3.48 -20.53
CA ILE D 412 -5.29 3.54 -19.85
C ILE D 412 -4.25 2.75 -20.65
N SER D 413 -2.98 3.06 -20.44
CA SER D 413 -1.85 2.38 -21.09
C SER D 413 -2.02 2.24 -22.60
N GLY D 414 -2.57 3.27 -23.24
CA GLY D 414 -2.73 3.28 -24.69
C GLY D 414 -1.55 2.80 -25.53
N SER D 415 -0.44 3.56 -25.51
CA SER D 415 0.70 3.17 -26.32
C SER D 415 1.42 1.92 -25.81
N LEU D 416 1.02 1.41 -24.67
CA LEU D 416 1.55 0.12 -24.26
C LEU D 416 0.86 -1.01 -25.03
N THR D 417 -0.22 -0.69 -25.74
CA THR D 417 -0.97 -1.72 -26.47
C THR D 417 -0.69 -1.60 -27.98
N PRO D 418 -0.74 -2.73 -28.71
CA PRO D 418 -0.25 -2.66 -30.09
C PRO D 418 -1.22 -1.92 -31.03
N VAL D 419 -2.46 -1.72 -30.63
CA VAL D 419 -3.38 -0.98 -31.49
C VAL D 419 -3.06 0.54 -31.57
N PHE D 420 -2.27 1.04 -30.62
CA PHE D 420 -1.93 2.47 -30.58
C PHE D 420 -1.08 2.82 -31.79
N HIS D 421 -0.20 1.91 -32.17
CA HIS D 421 0.78 2.13 -33.23
C HIS D 421 0.26 1.72 -34.59
N GLN D 422 -1.03 1.41 -34.65
CA GLN D 422 -1.67 0.98 -35.87
C GLN D 422 -2.58 2.07 -36.46
N GLU D 423 -2.31 2.51 -37.68
CA GLU D 423 -3.24 3.41 -38.35
C GLU D 423 -4.51 2.64 -38.68
N MET D 424 -5.66 3.31 -38.59
CA MET D 424 -6.95 2.67 -38.89
C MET D 424 -7.84 3.52 -39.81
N VAL D 425 -8.77 2.87 -40.50
CA VAL D 425 -9.73 3.58 -41.35
C VAL D 425 -11.14 3.40 -40.82
N ASN D 426 -11.81 4.50 -40.54
CA ASN D 426 -13.13 4.43 -39.95
C ASN D 426 -14.23 4.68 -40.98
N TYR D 427 -15.13 3.72 -41.13
CA TYR D 427 -16.25 3.89 -42.03
C TYR D 427 -17.41 3.00 -41.58
N PHE D 428 -18.56 3.17 -42.22
CA PHE D 428 -19.80 2.51 -41.83
C PHE D 428 -20.20 1.45 -42.86
N LEU D 429 -20.16 0.18 -42.48
CA LEU D 429 -20.70 -0.87 -43.33
C LEU D 429 -22.06 -1.34 -42.84
N SER D 430 -22.84 -1.95 -43.74
CA SER D 430 -24.13 -2.52 -43.37
C SER D 430 -24.13 -4.01 -43.70
N PRO D 431 -24.68 -4.84 -42.80
CA PRO D 431 -25.41 -4.64 -41.54
C PRO D 431 -24.65 -3.92 -40.43
N ALA D 432 -25.43 -3.28 -39.56
CA ALA D 432 -24.85 -2.40 -38.56
C ALA D 432 -25.71 -2.31 -37.32
N PHE D 433 -25.03 -2.13 -36.21
CA PHE D 433 -25.67 -1.60 -35.01
C PHE D 433 -25.55 -0.07 -35.05
N ARG D 434 -26.68 0.61 -34.86
CA ARG D 434 -26.74 2.06 -34.87
C ARG D 434 -27.33 2.62 -33.57
N TYR D 435 -26.97 3.85 -33.25
CA TYR D 435 -27.65 4.54 -32.18
C TYR D 435 -29.03 4.96 -32.67
N GLN D 436 -29.97 5.13 -31.73
CA GLN D 436 -31.33 5.60 -32.03
C GLN D 436 -31.75 6.45 -30.86
N PRO D 437 -32.71 7.35 -31.08
CA PRO D 437 -33.06 8.19 -29.93
C PRO D 437 -33.78 7.39 -28.85
N ASP D 438 -33.74 7.90 -27.63
CA ASP D 438 -34.46 7.31 -26.52
C ASP D 438 -35.95 7.46 -26.77
N PRO D 439 -36.73 6.45 -26.37
CA PRO D 439 -38.14 6.48 -26.78
C PRO D 439 -38.96 7.50 -26.01
N TRP D 440 -38.39 8.14 -24.99
CA TRP D 440 -39.15 9.14 -24.23
C TRP D 440 -38.77 10.57 -24.58
CHA HEM E . -0.77 -20.57 27.45
CHB HEM E . -5.24 -18.80 28.13
CHC HEM E . -6.67 -23.36 29.12
CHD HEM E . -2.14 -25.02 28.96
C1A HEM E . -1.87 -19.73 27.41
C2A HEM E . -1.93 -18.41 26.81
C3A HEM E . -3.15 -17.91 26.99
C4A HEM E . -3.93 -18.90 27.72
CMA HEM E . -3.62 -16.53 26.51
CAA HEM E . -0.79 -17.69 26.05
CBA HEM E . -0.64 -18.51 24.77
CGA HEM E . 0.10 -17.74 23.71
O1A HEM E . 0.32 -16.51 23.91
O2A HEM E . 0.45 -18.37 22.67
C1B HEM E . -6.03 -19.88 28.48
C2B HEM E . -7.44 -19.86 28.76
C3B HEM E . -7.85 -21.10 29.05
C4B HEM E . -6.70 -21.99 28.93
CMB HEM E . -8.35 -18.62 28.75
CAB HEM E . -9.31 -21.48 29.40
CBB HEM E . -9.69 -22.69 29.81
C1C HEM E . -5.59 -24.22 29.10
C2C HEM E . -5.63 -25.68 29.20
C3C HEM E . -4.36 -26.13 29.14
C4C HEM E . -3.50 -24.98 29.04
CMC HEM E . -6.93 -26.50 29.32
CAC HEM E . -3.78 -27.57 29.23
CBC HEM E . -4.45 -28.64 29.67
C1D HEM E . -1.35 -23.99 28.51
C2D HEM E . 0.06 -24.11 28.27
C3D HEM E . 0.51 -22.72 27.80
C4D HEM E . -0.70 -21.91 27.80
CMD HEM E . 0.92 -25.38 28.44
CAD HEM E . 1.95 -22.31 27.39
CBD HEM E . 1.87 -21.78 25.96
CGD HEM E . 2.94 -22.40 25.10
O1D HEM E . 4.00 -22.81 25.67
O2D HEM E . 2.74 -22.46 23.87
NA HEM E . -3.11 -20.00 27.95
NB HEM E . -5.61 -21.20 28.60
NC HEM E . -4.28 -23.84 29.02
ND HEM E . -1.77 -22.69 28.24
FE HEM E . -3.70 -21.85 28.86
N1 H4B F . 3.60 -13.81 25.54
C2 H4B F . 2.58 -14.56 25.01
N2 H4B F . 1.43 -14.73 25.73
N3 H4B F . 2.73 -15.15 23.80
C4 H4B F . 3.87 -14.99 23.10
O4 H4B F . 3.99 -15.53 21.97
C4A H4B F . 4.91 -14.23 23.63
C8A H4B F . 4.76 -13.63 24.86
N5 H4B F . 6.06 -14.05 22.95
N8 H4B F . 5.76 -12.89 25.40
C6 H4B F . 7.27 -13.73 23.68
C7 H4B F . 7.02 -12.64 24.72
C9 H4B F . 8.36 -13.40 22.67
O9 H4B F . 7.75 -12.68 21.58
C10 H4B F . 9.47 -12.56 23.26
C11 H4B F . 10.48 -12.18 22.19
O10 H4B F . 10.12 -13.31 24.30
C10 9P7 G . -3.09 -21.40 24.00
C11 9P7 G . 0.04 -21.45 21.90
C13 9P7 G . 2.19 -20.71 21.30
C14 9P7 G . 3.54 -20.21 21.80
N29 9P7 G . 8.26 -22.11 17.41
C28 9P7 G . 7.42 -21.78 18.13
C24 9P7 G . 6.58 -21.38 19.01
C25 9P7 G . 6.70 -21.74 20.33
C23 9P7 G . 5.47 -20.68 18.59
C27 9P7 G . 5.34 -20.34 17.12
C22 9P7 G . 4.47 -20.29 19.50
C21 9P7 G . 4.63 -20.63 20.83
C26 9P7 G . 5.74 -21.37 21.25
N12 9P7 G . 1.34 -21.05 22.44
C08 9P7 G . -0.97 -21.83 22.95
C09 9P7 G . -2.12 -21.08 23.06
C07 9P7 G . -0.75 -22.92 23.79
C06 9P7 G . -1.73 -23.25 24.75
C05 9P7 G . -2.90 -22.48 24.85
C04 9P7 G . -3.89 -22.78 25.78
C03 9P7 G . -5.04 -21.99 25.84
C02 9P7 G . -5.18 -20.90 24.99
N02 9P7 G . -6.29 -20.10 25.03
N01 9P7 G . -4.21 -20.64 24.08
C1 BTB H . -12.70 2.27 3.59
O1 BTB H . -11.58 2.06 2.73
C2 BTB H . -13.17 3.71 3.53
C3 BTB H . -12.83 4.28 2.15
O3 BTB H . -13.94 4.86 1.45
C4 BTB H . -12.41 4.53 4.58
O4 BTB H . -12.50 5.94 4.35
N BTB H . -14.63 3.69 3.81
C5 BTB H . -15.34 2.65 3.04
C6 BTB H . -16.59 3.22 2.37
O6 BTB H . -16.40 4.63 2.22
C7 BTB H . -14.83 3.47 5.25
C8 BTB H . -16.20 3.97 5.69
O8 BTB H . -16.36 5.35 5.34
C1 BTB I . 3.39 1.76 5.34
O1 BTB I . 2.22 1.79 6.16
C2 BTB I . 3.42 2.97 4.41
C3 BTB I . 2.16 2.95 3.58
O3 BTB I . 2.09 1.65 2.98
C4 BTB I . 4.56 2.76 3.44
O4 BTB I . 4.57 1.36 3.13
N BTB I . 3.63 4.26 5.10
C5 BTB I . 2.43 5.10 5.09
C6 BTB I . 2.85 6.36 4.39
O6 BTB I . 3.25 5.96 3.07
C7 BTB I . 4.08 4.14 6.49
C8 BTB I . 5.60 4.09 6.59
O8 BTB I . 6.01 2.73 6.41
ZN ZN J . 15.89 -14.88 34.63
C1 GOL K . -12.36 -47.16 31.87
O1 GOL K . -11.35 -46.91 30.92
C2 GOL K . -13.05 -45.86 32.27
O2 GOL K . -12.53 -44.79 31.50
C3 GOL K . -12.84 -45.61 33.75
O3 GOL K . -13.56 -44.46 34.16
GD GD L . -14.75 6.50 3.44
CL CL M . -4.09 -19.06 18.59
CHA HEM N . 14.97 3.93 31.98
CHB HEM N . 13.68 6.42 28.02
CHC HEM N . 17.58 9.29 28.37
CHD HEM N . 19.21 6.30 31.81
C1A HEM N . 14.22 4.48 30.99
C2A HEM N . 12.79 4.31 30.81
C3A HEM N . 12.43 5.00 29.73
C4A HEM N . 13.61 5.63 29.16
CMA HEM N . 11.01 5.12 29.14
CAA HEM N . 11.90 3.49 31.78
CBA HEM N . 11.42 4.45 32.86
CGA HEM N . 10.42 3.81 33.80
O1A HEM N . 9.55 3.01 33.34
O2A HEM N . 10.46 4.12 35.03
C1B HEM N . 14.58 7.43 27.75
C2B HEM N . 14.48 8.45 26.74
C3B HEM N . 15.57 9.26 26.80
C4B HEM N . 16.39 8.76 27.90
CMB HEM N . 13.33 8.59 25.73
CAB HEM N . 15.84 10.47 25.88
CBB HEM N . 17.03 11.07 25.81
C1C HEM N . 18.38 8.76 29.39
C2C HEM N . 19.61 9.32 29.90
C3C HEM N . 20.07 8.49 30.86
C4C HEM N . 19.12 7.38 30.97
CMC HEM N . 20.19 10.66 29.40
CAC HEM N . 21.35 8.60 31.71
CBC HEM N . 22.44 9.23 31.27
C1D HEM N . 18.24 5.40 32.23
C2D HEM N . 18.37 4.43 33.31
C3D HEM N . 17.04 3.69 33.36
C4D HEM N . 16.24 4.28 32.32
CMD HEM N . 19.59 4.18 34.22
CAD HEM N . 16.62 2.57 34.33
CBD HEM N . 15.39 3.07 35.08
CGD HEM N . 15.40 2.61 36.51
O1D HEM N . 16.07 1.57 36.78
O2D HEM N . 14.76 3.26 37.37
NA HEM N . 14.68 5.28 29.96
NB HEM N . 15.76 7.66 28.44
NC HEM N . 18.14 7.58 30.05
ND HEM N . 16.98 5.27 31.67
FE HEM N . 16.42 6.24 29.86
N1 H4B O . 8.89 -1.53 32.79
C2 H4B O . 9.08 -0.19 32.80
N2 H4B O . 9.64 0.44 31.73
N3 H4B O . 8.73 0.53 33.87
C4 H4B O . 8.18 -0.04 34.94
O4 H4B O . 7.87 0.70 35.91
C4A H4B O . 7.96 -1.41 34.96
C8A H4B O . 8.33 -2.15 33.85
N5 H4B O . 7.41 -2.03 36.02
N8 H4B O . 8.14 -3.49 33.82
C6 H4B O . 7.66 -3.47 36.17
C7 H4B O . 7.40 -4.20 34.86
C9 H4B O . 6.95 -4.10 37.39
O9 H4B O . 5.63 -3.55 37.57
C10 H4B O . 6.84 -5.60 37.24
C11 H4B O . 6.34 -6.24 38.54
O10 H4B O . 8.11 -6.17 36.89
C10 9P7 P . 13.23 7.78 33.19
C11 9P7 P . 12.59 6.15 36.54
C13 9P7 P . 11.85 4.38 37.93
C14 9P7 P . 11.52 2.89 38.11
N29 9P7 P . 10.82 1.52 44.68
C28 9P7 P . 10.89 1.78 43.55
C24 9P7 P . 11.06 2.00 42.30
C25 9P7 P . 12.20 1.52 41.59
C23 9P7 P . 10.11 2.73 41.66
C27 9P7 P . 8.89 3.25 42.39
C22 9P7 P . 10.23 3.04 40.29
C21 9P7 P . 11.35 2.58 39.58
C26 9P7 P . 12.32 1.82 40.24
N12 9P7 P . 12.45 4.69 36.61
C08 9P7 P . 13.32 6.66 35.32
C09 9P7 P . 12.59 7.28 34.33
C07 9P7 P . 14.70 6.55 35.19
C06 9P7 P . 15.37 7.07 34.06
C05 9P7 P . 14.60 7.68 33.06
C04 9P7 P . 15.20 8.20 31.92
C03 9P7 P . 14.42 8.82 30.94
C02 9P7 P . 13.04 8.88 31.13
N02 9P7 P . 12.24 9.45 30.19
N01 9P7 P . 12.48 8.37 32.23
C1 BTB Q . -15.28 19.21 14.86
O1 BTB Q . -14.71 20.51 14.61
C2 BTB Q . -14.81 18.66 16.21
C3 BTB Q . -13.58 19.42 16.72
O3 BTB Q . -13.31 18.88 18.02
C4 BTB Q . -14.38 17.20 16.10
O4 BTB Q . -13.78 16.79 17.34
N BTB Q . -15.86 18.79 17.26
C5 BTB Q . -16.56 20.08 17.25
C6 BTB Q . -16.17 20.88 18.49
O6 BTB Q . -16.45 20.15 19.69
C7 BTB Q . -16.81 17.66 17.23
C8 BTB Q . -17.55 17.57 18.56
O8 BTB Q . -17.30 16.29 19.13
C1 BTB R . 28.09 20.94 62.90
O1 BTB R . 27.66 19.59 63.16
C2 BTB R . 28.22 21.16 61.40
C3 BTB R . 28.48 19.81 60.74
O3 BTB R . 29.38 19.94 59.64
C4 BTB R . 29.45 22.03 61.14
O4 BTB R . 29.73 22.11 59.73
N BTB R . 27.00 21.83 60.85
C5 BTB R . 25.78 21.46 61.57
C6 BTB R . 25.15 20.16 61.10
O6 BTB R . 25.67 19.10 61.92
C7 BTB R . 27.10 23.30 61.03
C8 BTB R . 25.88 24.00 60.43
O8 BTB R . 25.97 25.42 60.61
C1 BTB S . 38.72 -13.67 38.74
O1 BTB S . 37.58 -14.48 38.41
C2 BTB S . 38.31 -12.29 39.26
C3 BTB S . 37.16 -11.70 38.42
O3 BTB S . 35.86 -11.99 38.95
C4 BTB S . 39.47 -11.32 39.04
O4 BTB S . 40.70 -12.01 39.24
N BTB S . 37.94 -12.36 40.70
C5 BTB S . 38.14 -13.71 41.24
C6 BTB S . 36.82 -14.26 41.80
O6 BTB S . 37.04 -14.62 43.17
C7 BTB S . 38.69 -11.39 41.51
C8 BTB S . 38.91 -11.83 42.95
O8 BTB S . 38.27 -10.90 43.85
GD GD T . -14.84 17.56 19.71
CL CL U . 8.11 10.13 35.49
CHA HEM V . 3.41 18.47 -30.65
CHB HEM V . 4.00 19.55 -25.98
CHC HEM V . 6.15 23.72 -27.24
CHD HEM V . 4.92 22.98 -31.87
C1A HEM V . 3.54 18.33 -29.29
C2A HEM V . 3.48 17.08 -28.55
C3A HEM V . 3.64 17.38 -27.26
C4A HEM V . 3.81 18.83 -27.14
CMA HEM V . 3.65 16.39 -26.09
CAA HEM V . 3.27 15.66 -29.13
CBA HEM V . 4.40 15.31 -30.11
CGA HEM V . 4.58 13.81 -30.20
O1A HEM V . 3.88 13.08 -29.48
O2A HEM V . 5.43 13.35 -31.01
C1B HEM V . 4.63 20.77 -25.89
C2B HEM V . 5.03 21.46 -24.67
C3B HEM V . 5.61 22.62 -25.01
C4B HEM V . 5.63 22.70 -26.45
CMB HEM V . 4.79 20.93 -23.24
CAB HEM V . 6.18 23.65 -23.97
CBB HEM V . 6.69 24.86 -24.29
C1C HEM V . 6.03 23.86 -28.60
C2C HEM V . 6.60 24.93 -29.39
C3C HEM V . 6.26 24.73 -30.69
C4C HEM V . 5.47 23.51 -30.73
CMC HEM V . 7.44 26.08 -28.78
CAC HEM V . 6.60 25.56 -31.94
CBC HEM V . 7.27 26.73 -31.92
C1D HEM V . 4.41 21.70 -31.99
C2D HEM V . 3.97 21.10 -33.23
C3D HEM V . 3.50 19.70 -32.85
C4D HEM V . 3.70 19.59 -31.43
CMD HEM V . 3.97 21.71 -34.65
CAD HEM V . 2.94 18.65 -33.83
CBD HEM V . 3.85 17.45 -33.65
CGD HEM V . 4.07 16.72 -34.95
O1D HEM V . 3.29 16.94 -35.89
O2D HEM V . 5.04 15.91 -34.99
NA HEM V . 3.74 19.37 -28.40
NB HEM V . 5.00 21.56 -26.96
NC HEM V . 5.34 23.01 -29.46
ND HEM V . 4.23 20.78 -30.95
FE HEM V . 4.32 21.28 -28.92
N1 H4B W . -0.03 10.96 -30.38
C2 H4B W . 1.16 11.55 -30.09
N2 H4B W . 1.20 12.60 -29.24
N3 H4B W . 2.31 11.09 -30.65
C4 H4B W . 2.29 10.03 -31.49
O4 H4B W . 3.37 9.63 -31.98
C4A H4B W . 1.06 9.43 -31.80
C8A H4B W . -0.10 9.92 -31.23
N5 H4B W . 0.98 8.40 -32.63
N8 H4B W . -1.30 9.36 -31.50
C6 H4B W . -0.28 8.29 -33.38
C7 H4B W . -1.45 8.24 -32.41
C9 H4B W . -0.26 7.12 -34.36
O9 H4B W . 0.47 6.04 -33.75
C10 H4B W . -1.68 6.66 -34.72
C11 H4B W . -1.66 5.47 -35.68
O10 H4B W . -2.41 7.74 -35.30
C10 9P7 X . 7.57 17.76 -29.64
C11 9P7 X . 7.89 15.35 -32.54
C13 9P7 X . 7.01 13.51 -33.70
C14 9P7 X . 5.79 12.92 -34.38
N29 9P7 X . 7.83 9.58 -39.84
C28 9P7 X . 7.41 10.15 -38.93
C24 9P7 X . 7.03 10.79 -37.88
C25 9P7 X . 6.16 11.89 -38.04
C23 9P7 X . 7.45 10.41 -36.65
C27 9P7 X . 8.38 9.22 -36.54
C22 9P7 X . 7.06 11.09 -35.51
C21 9P7 X . 6.22 12.18 -35.64
C26 9P7 X . 5.77 12.58 -36.88
N12 9P7 X . 6.70 14.89 -33.28
C08 9P7 X . 7.65 16.62 -31.77
C09 9P7 X . 7.78 16.60 -30.38
C07 9P7 X . 7.31 17.80 -32.41
C06 9P7 X . 7.10 18.96 -31.67
C05 9P7 X . 7.23 18.94 -30.28
C04 9P7 X . 7.03 20.08 -29.52
C03 9P7 X . 7.19 20.03 -28.14
C02 9P7 X . 7.50 18.82 -27.53
N02 9P7 X . 7.63 18.76 -26.18
N01 9P7 X . 7.69 17.72 -28.29
C1 BTB Y . 15.50 -9.98 -2.56
O1 BTB Y . 15.52 -11.40 -2.39
C2 BTB Y . 15.48 -9.63 -4.05
C3 BTB Y . 14.08 -9.80 -4.64
O3 BTB Y . 14.07 -9.34 -6.00
C4 BTB Y . 16.44 -10.57 -4.80
O4 BTB Y . 15.88 -10.89 -6.08
N BTB Y . 15.89 -8.22 -4.22
C5 BTB Y . 14.95 -7.30 -3.56
C6 BTB Y . 14.55 -6.24 -4.59
O6 BTB Y . 14.33 -6.89 -5.85
C7 BTB Y . 17.27 -7.97 -3.75
C8 BTB Y . 18.14 -7.48 -4.92
O8 BTB Y . 17.61 -6.27 -5.48
C1 BTB Z . 8.60 -11.99 -23.14
O1 BTB Z . 8.25 -11.17 -22.01
C2 BTB Z . 9.20 -13.31 -22.68
C3 BTB Z . 10.48 -13.08 -21.89
O3 BTB Z . 11.17 -11.94 -22.43
C4 BTB Z . 9.60 -14.14 -23.90
O4 BTB Z . 10.46 -13.37 -24.74
N BTB Z . 8.26 -14.12 -21.85
C5 BTB Z . 8.50 -13.90 -20.43
C6 BTB Z . 8.01 -15.15 -19.74
O6 BTB Z . 9.00 -16.16 -19.98
C7 BTB Z . 6.82 -13.82 -22.07
C8 BTB Z . 6.21 -14.57 -23.24
O8 BTB Z . 6.57 -13.90 -24.45
ZN ZN AA . -11.96 12.21 -39.82
C1 GOL BA . 17.17 43.74 -36.22
O1 GOL BA . 17.33 42.48 -36.85
C2 GOL BA . 16.45 43.55 -34.89
O2 GOL BA . 15.90 42.25 -34.82
C3 GOL BA . 15.32 44.55 -34.72
O3 GOL BA . 14.44 44.03 -33.74
GD GD CA . 16.47 -8.32 -6.93
CL CL DA . 11.48 13.04 -28.06
CHA HEM EA . -17.97 -1.68 -28.26
CHB HEM EA . -15.52 -5.28 -26.16
CHC HEM EA . -18.98 -8.38 -27.59
CHD HEM EA . -20.85 -4.97 -30.48
C1A HEM EA . -17.12 -2.35 -27.43
C2A HEM EA . -16.24 -1.76 -26.41
C3A HEM EA . -15.56 -2.75 -25.83
C4A HEM EA . -15.99 -4.01 -26.45
CMA HEM EA . -14.55 -2.66 -24.70
CAA HEM EA . -16.16 -0.26 -26.07
CBA HEM EA . -17.43 0.15 -25.34
CGA HEM EA . -17.40 1.46 -24.59
O1A HEM EA . -16.32 1.98 -24.25
O2A HEM EA . -18.51 1.98 -24.28
C1B HEM EA . -16.22 -6.46 -26.36
C2B HEM EA . -15.85 -7.79 -25.91
C3B HEM EA . -16.78 -8.66 -26.30
C4B HEM EA . -17.81 -7.90 -27.03
CMB HEM EA . -14.60 -8.18 -25.11
CAB HEM EA . -16.71 -10.18 -25.98
CBB HEM EA . -17.36 -11.10 -26.72
C1C HEM EA . -19.81 -7.74 -28.50
C2C HEM EA . -20.95 -8.32 -29.15
C3C HEM EA . -21.48 -7.38 -29.96
C4C HEM EA . -20.67 -6.18 -29.83
CMC HEM EA . -21.38 -9.77 -28.88
CAC HEM EA . -22.69 -7.43 -30.90
CBC HEM EA . -23.30 -8.59 -31.18
C1D HEM EA . -20.30 -3.77 -30.10
C2D HEM EA . -20.73 -2.49 -30.61
C3D HEM EA . -19.83 -1.46 -29.94
C4D HEM EA . -18.94 -2.21 -29.08
CMD HEM EA . -21.87 -2.21 -31.62
CAD HEM EA . -19.88 0.07 -30.12
CBD HEM EA . -20.39 0.61 -28.77
CGD HEM EA . -20.88 2.01 -28.93
O1D HEM EA . -20.39 2.75 -29.83
O2D HEM EA . -21.76 2.41 -28.14
NA HEM EA . -16.93 -3.71 -27.42
NB HEM EA . -17.40 -6.57 -27.06
NC HEM EA . -19.68 -6.44 -28.93
ND HEM EA . -19.24 -3.56 -29.22
FE HEM EA . -18.05 -5.10 -28.45
N1 H4B FA . -13.55 4.89 -26.44
C2 H4B FA . -14.28 3.93 -25.83
N2 H4B FA . -13.96 2.61 -25.98
N3 H4B FA . -15.35 4.29 -25.09
C4 H4B FA . -15.69 5.58 -24.92
O4 H4B FA . -16.66 5.89 -24.21
C4A H4B FA . -14.94 6.57 -25.54
C8A H4B FA . -13.85 6.21 -26.31
N5 H4B FA . -15.25 7.89 -25.38
N8 H4B FA . -13.08 7.16 -26.92
C6 H4B FA . -14.79 8.81 -26.40
C7 H4B FA . -13.33 8.59 -26.78
C9 H4B FA . -15.18 10.26 -26.03
O9 H4B FA . -14.94 10.53 -24.65
C10 H4B FA . -14.44 11.26 -26.91
C11 H4B FA . -14.92 12.68 -26.66
O10 H4B FA . -14.66 10.90 -28.28
C10 9P7 GA . -19.93 -2.71 -24.54
C11 9P7 GA . -21.43 0.75 -24.63
C13 9P7 GA . -21.47 3.08 -24.99
C14 9P7 GA . -20.98 4.26 -25.81
N29 9P7 GA . -25.07 9.50 -24.92
C28 9P7 GA . -24.43 8.56 -25.08
C24 9P7 GA . -23.63 7.57 -25.29
C25 9P7 GA . -23.38 7.09 -26.54
C23 9P7 GA . -23.00 6.99 -24.18
C27 9P7 GA . -23.28 7.53 -22.79
C22 9P7 GA . -22.14 5.92 -24.35
C21 9P7 GA . -21.90 5.44 -25.63
C26 9P7 GA . -22.53 6.02 -26.74
N12 9P7 GA . -21.00 1.81 -25.56
C08 9P7 GA . -21.10 -0.66 -25.06
C09 9P7 GA . -20.27 -1.40 -24.22
C07 9P7 GA . -21.62 -1.24 -26.22
C06 9P7 GA . -21.28 -2.57 -26.55
C05 9P7 GA . -20.44 -3.30 -25.70
C04 9P7 GA . -20.10 -4.61 -25.99
C03 9P7 GA . -19.27 -5.31 -25.12
C02 9P7 GA . -18.76 -4.69 -23.99
N02 9P7 GA . -17.95 -5.37 -23.16
N01 9P7 GA . -19.10 -3.41 -23.72
C1 BTB HA . 1.70 -9.37 3.38
O1 BTB HA . 1.32 -10.75 3.37
C2 BTB HA . 0.62 -8.54 2.71
C3 BTB HA . -0.51 -9.44 2.20
O3 BTB HA . -1.57 -8.61 1.71
C4 BTB HA . 1.20 -7.79 1.50
O4 BTB HA . 0.10 -7.28 0.74
N BTB HA . 0.04 -7.54 3.64
C5 BTB HA . -0.40 -8.06 4.95
C6 BTB HA . -1.91 -7.88 5.09
O6 BTB HA . -2.26 -6.51 4.80
C7 BTB HA . 0.90 -6.33 3.74
C8 BTB HA . 0.20 -5.19 4.43
O8 BTB HA . -0.05 -4.14 3.47
C1 BTB IA . -53.59 0.34 -24.08
O1 BTB IA . -52.55 1.18 -24.57
C2 BTB IA . -53.88 -0.76 -25.09
C3 BTB IA . -53.01 -0.53 -26.33
O3 BTB IA . -53.33 -1.49 -27.36
C4 BTB IA . -55.34 -0.61 -25.51
O4 BTB IA . -55.40 0.46 -26.46
N BTB IA . -53.63 -2.09 -24.50
C5 BTB IA . -53.75 -2.03 -23.04
C6 BTB IA . -52.57 -2.72 -22.36
O6 BTB IA . -52.51 -4.09 -22.79
C7 BTB IA . -54.63 -3.07 -24.98
C8 BTB IA . -53.95 -4.34 -25.49
O8 BTB IA . -52.79 -3.93 -26.22
GD GD JA . -1.69 -5.93 2.18
CL CL KA . -20.70 -0.84 -18.70
#